data_5A06
#
_entry.id   5A06
#
_cell.length_a   101.189
_cell.length_b   154.088
_cell.length_c   107.776
_cell.angle_alpha   90.00
_cell.angle_beta   110.02
_cell.angle_gamma   90.00
#
_symmetry.space_group_name_H-M   'P 1 21 1'
#
loop_
_entity.id
_entity.type
_entity.pdbx_description
1 polymer 'ALDOSE-ALDOSE OXIDOREDUCTASE'
2 non-polymer 'NADPH DIHYDRO-NICOTINAMIDE-ADENINE-DINUCLEOTIDE PHOSPHATE'
3 non-polymer sorbitol
4 non-polymer 'SULFATE ION'
5 water water
#
_entity_poly.entity_id   1
_entity_poly.type   'polypeptide(L)'
_entity_poly.pdbx_seq_one_letter_code
;AQPGRKLGYAILGLGYYATRIIMPRFAECEHSRLAALVSGTPEKLKTYGEQYGIPETHRYSYETFDRIIDNPDVDIVYVI
TPNSLHRPFTERAARAGKHVMCEKPMANTVADCEAMIAACKKAGRKLMIGYRSRFQAHNIEAIKLVRDGALGPVRTVVTD
HGFTIGDPKQWRLNRALAGGGSLMDIGIYSLNAARYLTGEEPVAVNAVESTDRSDPRFGEVEDIINFQLLFPSGATANCV
SAYSVNCNRYRVSGPKGWVEIDPATSYQGQAMRAQLGGPPAPREPAPQPKNQFSAQLDHLSECILTGREPIVGGDDGLKD
LRVIEAIYRAAREGRTVKL
;
_entity_poly.pdbx_strand_id   A,B,C,D,E,F
#
loop_
_chem_comp.id
_chem_comp.type
_chem_comp.name
_chem_comp.formula
NDP non-polymer 'NADPH DIHYDRO-NICOTINAMIDE-ADENINE-DINUCLEOTIDE PHOSPHATE' 'C21 H30 N7 O17 P3'
SO4 non-polymer 'SULFATE ION' 'O4 S -2'
SOR D-saccharide sorbitol 'C6 H14 O6'
#
# COMPACT_ATOMS: atom_id res chain seq x y z
N GLY A 4 13.29 27.56 20.32
CA GLY A 4 13.61 28.72 21.13
C GLY A 4 13.36 28.44 22.60
N ARG A 5 12.58 29.32 23.25
CA ARG A 5 12.20 29.09 24.63
C ARG A 5 11.17 27.95 24.69
N LYS A 6 11.33 27.07 25.68
CA LYS A 6 10.42 25.94 25.85
C LYS A 6 9.73 25.97 27.22
N LEU A 7 8.40 25.95 27.21
CA LEU A 7 7.66 25.89 28.47
C LEU A 7 7.58 24.45 28.98
N GLY A 8 7.57 24.32 30.30
CA GLY A 8 7.66 23.01 30.93
C GLY A 8 6.30 22.41 31.23
N TYR A 9 6.13 21.17 30.79
CA TYR A 9 4.91 20.39 31.04
C TYR A 9 5.04 19.46 32.24
N ALA A 10 4.02 19.41 33.09
CA ALA A 10 3.87 18.33 34.04
C ALA A 10 2.77 17.41 33.51
N ILE A 11 3.07 16.13 33.33
CA ILE A 11 2.06 15.17 32.86
C ILE A 11 1.41 14.48 34.06
N LEU A 12 0.09 14.52 34.12
CA LEU A 12 -0.64 14.05 35.29
C LEU A 12 -1.57 12.92 34.89
N GLY A 13 -1.32 11.72 35.42
CA GLY A 13 -2.10 10.56 35.06
C GLY A 13 -1.34 9.73 34.02
N LEU A 14 -0.42 8.88 34.49
CA LEU A 14 0.51 8.21 33.59
C LEU A 14 -0.09 6.91 33.08
N GLY A 15 -1.18 7.05 32.33
CA GLY A 15 -1.85 5.91 31.74
C GLY A 15 -1.44 5.69 30.29
N TYR A 16 -2.30 5.03 29.52
CA TYR A 16 -1.95 4.67 28.16
C TYR A 16 -1.68 5.89 27.29
N TYR A 17 -2.62 6.83 27.26
CA TYR A 17 -2.48 7.97 26.35
C TYR A 17 -1.26 8.81 26.71
N ALA A 18 -1.07 9.05 28.01
CA ALA A 18 0.09 9.82 28.48
C ALA A 18 1.44 9.18 28.10
N THR A 19 1.61 7.89 28.38
CA THR A 19 2.92 7.27 28.25
C THR A 19 3.22 6.69 26.85
N ARG A 20 2.22 6.12 26.19
CA ARG A 20 2.43 5.54 24.86
C ARG A 20 2.32 6.56 23.75
N ILE A 21 1.46 7.56 23.92
CA ILE A 21 1.18 8.49 22.83
C ILE A 21 1.79 9.88 23.02
N ILE A 22 1.50 10.53 24.15
CA ILE A 22 1.88 11.95 24.31
C ILE A 22 3.35 12.13 24.67
N MET A 23 3.81 11.44 25.71
CA MET A 23 5.15 11.73 26.22
C MET A 23 6.29 11.52 25.19
N PRO A 24 6.23 10.47 24.33
CA PRO A 24 7.29 10.38 23.31
C PRO A 24 7.32 11.54 22.33
N ARG A 25 6.21 12.27 22.18
CA ARG A 25 6.13 13.27 21.12
C ARG A 25 6.69 14.62 21.54
N PHE A 26 7.22 14.74 22.75
CA PHE A 26 7.96 15.95 23.07
C PHE A 26 9.21 16.05 22.17
N ALA A 27 9.65 14.94 21.58
CA ALA A 27 10.83 14.92 20.72
C ALA A 27 10.72 15.91 19.55
N GLU A 28 9.52 16.10 19.02
CA GLU A 28 9.36 16.98 17.86
C GLU A 28 8.84 18.37 18.21
N CYS A 29 8.73 18.68 19.50
CA CYS A 29 8.24 19.99 19.92
C CYS A 29 9.34 21.05 19.81
N GLU A 30 8.94 22.27 19.50
CA GLU A 30 9.85 23.41 19.40
C GLU A 30 9.74 24.39 20.57
N HIS A 31 8.65 24.30 21.33
CA HIS A 31 8.37 25.28 22.39
C HIS A 31 7.87 24.63 23.67
N SER A 32 8.06 23.32 23.78
CA SER A 32 7.54 22.56 24.90
C SER A 32 8.56 21.54 25.32
N ARG A 33 8.70 21.31 26.63
CA ARG A 33 9.55 20.24 27.14
C ARG A 33 8.88 19.53 28.30
N LEU A 34 9.26 18.29 28.51
CA LEU A 34 8.74 17.53 29.63
C LEU A 34 9.49 17.93 30.89
N ALA A 35 8.76 18.38 31.92
CA ALA A 35 9.44 18.92 33.11
C ALA A 35 9.14 18.16 34.40
N ALA A 36 7.96 17.56 34.49
CA ALA A 36 7.58 16.88 35.73
C ALA A 36 6.57 15.78 35.48
N LEU A 37 6.40 14.92 36.48
CA LEU A 37 5.45 13.82 36.43
C LEU A 37 4.58 13.81 37.68
N VAL A 38 3.28 13.56 37.50
CA VAL A 38 2.33 13.46 38.60
C VAL A 38 1.58 12.15 38.46
N SER A 39 1.72 11.27 39.44
CA SER A 39 1.14 9.94 39.36
C SER A 39 0.68 9.39 40.71
N GLY A 40 -0.37 8.57 40.69
CA GLY A 40 -0.82 7.87 41.88
C GLY A 40 -0.14 6.51 42.03
N THR A 41 0.79 6.20 41.12
CA THR A 41 1.53 4.94 41.19
C THR A 41 3.03 5.19 41.34
N PRO A 42 3.57 4.94 42.54
CA PRO A 42 4.99 5.26 42.80
C PRO A 42 5.93 4.58 41.80
N GLU A 43 5.60 3.36 41.40
CA GLU A 43 6.42 2.61 40.46
C GLU A 43 6.53 3.31 39.10
N LYS A 44 5.45 3.96 38.65
CA LYS A 44 5.48 4.74 37.41
C LYS A 44 6.38 5.96 37.49
N LEU A 45 6.39 6.63 38.64
CA LEU A 45 7.25 7.80 38.80
C LEU A 45 8.72 7.40 38.65
N LYS A 46 9.08 6.25 39.20
CA LYS A 46 10.43 5.74 39.07
C LYS A 46 10.75 5.39 37.62
N THR A 47 9.89 4.58 37.01
CA THR A 47 10.10 4.10 35.65
C THR A 47 10.21 5.23 34.63
N TYR A 48 9.20 6.09 34.57
CA TYR A 48 9.22 7.17 33.59
C TYR A 48 10.17 8.30 34.00
N GLY A 49 10.36 8.50 35.31
CA GLY A 49 11.32 9.49 35.76
C GLY A 49 12.73 9.13 35.30
N GLU A 50 13.06 7.85 35.36
CA GLU A 50 14.37 7.41 34.92
C GLU A 50 14.51 7.47 33.41
N GLN A 51 13.46 7.08 32.68
CA GLN A 51 13.52 7.13 31.21
C GLN A 51 13.72 8.54 30.68
N TYR A 52 13.01 9.51 31.26
CA TYR A 52 13.00 10.86 30.71
C TYR A 52 13.89 11.83 31.48
N GLY A 53 14.66 11.30 32.42
CA GLY A 53 15.58 12.12 33.17
C GLY A 53 14.89 13.19 34.01
N ILE A 54 13.77 12.81 34.63
CA ILE A 54 13.06 13.69 35.54
C ILE A 54 13.53 13.40 36.96
N PRO A 55 14.16 14.38 37.62
CA PRO A 55 14.66 14.20 39.00
C PRO A 55 13.53 14.02 40.00
N GLU A 56 13.85 13.46 41.17
CA GLU A 56 12.83 13.16 42.17
C GLU A 56 12.11 14.41 42.68
N THR A 57 12.80 15.54 42.67
CA THR A 57 12.18 16.82 43.04
C THR A 57 11.03 17.19 42.10
N HIS A 58 11.01 16.59 40.91
CA HIS A 58 10.01 16.93 39.91
C HIS A 58 9.03 15.79 39.69
N ARG A 59 8.97 14.89 40.67
CA ARG A 59 8.01 13.80 40.67
C ARG A 59 7.02 14.03 41.81
N TYR A 60 5.72 13.96 41.50
CA TYR A 60 4.67 14.22 42.48
C TYR A 60 3.66 13.08 42.57
N SER A 61 3.15 12.80 43.77
CA SER A 61 1.96 11.97 43.92
C SER A 61 0.72 12.87 43.85
N TYR A 62 -0.46 12.28 43.81
CA TYR A 62 -1.67 13.11 43.89
C TYR A 62 -1.76 13.77 45.26
N GLU A 63 -1.14 13.19 46.28
CA GLU A 63 -1.13 13.82 47.61
C GLU A 63 -0.20 15.02 47.69
N THR A 64 0.90 15.00 46.93
CA THR A 64 1.85 16.11 47.02
C THR A 64 1.71 17.10 45.85
N PHE A 65 0.77 16.84 44.94
CA PHE A 65 0.65 17.63 43.69
C PHE A 65 0.52 19.13 43.93
N ASP A 66 -0.19 19.55 44.97
CA ASP A 66 -0.42 20.99 45.19
C ASP A 66 0.91 21.73 45.46
N ARG A 67 1.93 21.01 45.91
CA ARG A 67 3.26 21.61 46.09
C ARG A 67 3.91 22.10 44.78
N ILE A 68 3.35 21.72 43.64
CA ILE A 68 3.92 22.08 42.34
C ILE A 68 3.88 23.60 42.13
N ILE A 69 3.08 24.29 42.95
CA ILE A 69 3.02 25.76 42.93
C ILE A 69 4.41 26.36 43.12
N ASP A 70 5.28 25.64 43.83
CA ASP A 70 6.62 26.15 44.12
C ASP A 70 7.69 25.66 43.16
N ASN A 71 7.26 25.05 42.05
CA ASN A 71 8.19 24.57 41.02
C ASN A 71 8.13 25.45 39.77
N PRO A 72 9.12 26.33 39.62
CA PRO A 72 9.11 27.26 38.50
C PRO A 72 9.46 26.61 37.16
N ASP A 73 9.88 25.34 37.13
CA ASP A 73 10.14 24.66 35.86
C ASP A 73 8.86 24.17 35.19
N VAL A 74 7.76 24.19 35.93
CA VAL A 74 6.46 23.74 35.46
C VAL A 74 5.58 24.93 35.10
N ASP A 75 5.25 25.04 33.81
CA ASP A 75 4.37 26.10 33.32
C ASP A 75 2.94 25.59 33.12
N ILE A 76 2.85 24.35 32.66
CA ILE A 76 1.60 23.76 32.21
C ILE A 76 1.39 22.41 32.88
N VAL A 77 0.18 22.12 33.34
CA VAL A 77 -0.17 20.76 33.77
C VAL A 77 -1.12 20.14 32.74
N TYR A 78 -0.79 18.94 32.27
CA TYR A 78 -1.59 18.24 31.26
C TYR A 78 -2.32 17.10 31.99
N VAL A 79 -3.64 17.23 32.09
CA VAL A 79 -4.45 16.27 32.87
C VAL A 79 -4.93 15.16 31.93
N ILE A 80 -4.54 13.92 32.23
CA ILE A 80 -4.83 12.80 31.33
C ILE A 80 -5.36 11.62 32.16
N THR A 81 -6.36 11.92 32.97
CA THR A 81 -7.01 10.97 33.89
C THR A 81 -8.37 10.51 33.34
N PRO A 82 -9.05 9.58 34.05
CA PRO A 82 -10.47 9.34 33.72
C PRO A 82 -11.29 10.62 33.77
N ASN A 83 -12.39 10.66 33.02
CA ASN A 83 -13.13 11.89 32.78
C ASN A 83 -13.61 12.60 34.04
N SER A 84 -14.11 11.84 35.01
CA SER A 84 -14.65 12.44 36.23
C SER A 84 -13.58 13.12 37.07
N LEU A 85 -12.31 12.86 36.79
CA LEU A 85 -11.24 13.50 37.56
C LEU A 85 -10.67 14.75 36.87
N HIS A 86 -11.14 15.04 35.66
CA HIS A 86 -10.66 16.23 34.96
C HIS A 86 -10.92 17.51 35.75
N ARG A 87 -12.12 17.66 36.27
CA ARG A 87 -12.44 18.92 36.95
C ARG A 87 -11.55 19.15 38.20
N PRO A 88 -11.49 18.18 39.14
CA PRO A 88 -10.70 18.54 40.32
C PRO A 88 -9.20 18.71 40.04
N PHE A 89 -8.59 17.94 39.14
CA PHE A 89 -7.16 18.16 38.90
C PHE A 89 -6.92 19.47 38.16
N THR A 90 -7.86 19.85 37.29
CA THR A 90 -7.75 21.12 36.58
C THR A 90 -7.84 22.30 37.56
N GLU A 91 -8.80 22.24 38.49
CA GLU A 91 -8.95 23.30 39.49
C GLU A 91 -7.70 23.37 40.38
N ARG A 92 -7.21 22.22 40.83
CA ARG A 92 -5.98 22.20 41.64
C ARG A 92 -4.79 22.78 40.89
N ALA A 93 -4.65 22.45 39.60
CA ALA A 93 -3.56 23.00 38.80
C ALA A 93 -3.66 24.52 38.67
N ALA A 94 -4.89 25.01 38.47
CA ALA A 94 -5.11 26.45 38.36
C ALA A 94 -4.74 27.16 39.66
N ARG A 95 -5.14 26.58 40.79
CA ARG A 95 -4.83 27.17 42.10
C ARG A 95 -3.34 27.07 42.41
N ALA A 96 -2.63 26.14 41.76
CA ALA A 96 -1.17 26.08 41.86
C ALA A 96 -0.50 27.05 40.89
N GLY A 97 -1.29 27.92 40.27
CA GLY A 97 -0.76 28.90 39.33
C GLY A 97 -0.28 28.37 37.98
N LYS A 98 -0.81 27.24 37.55
CA LYS A 98 -0.37 26.67 36.28
C LYS A 98 -1.44 26.80 35.19
N HIS A 99 -0.96 26.96 33.96
CA HIS A 99 -1.81 26.84 32.78
C HIS A 99 -2.22 25.38 32.64
N VAL A 100 -3.29 25.09 31.92
CA VAL A 100 -3.79 23.72 31.87
C VAL A 100 -4.12 23.22 30.45
N MET A 101 -3.61 22.03 30.14
CA MET A 101 -4.10 21.24 29.02
C MET A 101 -4.93 20.12 29.60
N CYS A 102 -6.17 19.99 29.15
CA CYS A 102 -7.07 18.97 29.71
C CYS A 102 -7.59 18.07 28.60
N GLU A 103 -7.53 16.75 28.79
CA GLU A 103 -8.00 15.86 27.75
C GLU A 103 -9.51 15.96 27.56
N LYS A 104 -9.98 15.50 26.40
CA LYS A 104 -11.41 15.36 26.16
C LYS A 104 -11.92 14.05 26.76
N PRO A 105 -13.23 13.96 27.04
CA PRO A 105 -14.18 15.07 27.09
C PRO A 105 -13.77 15.99 28.26
N MET A 106 -14.05 17.28 28.18
CA MET A 106 -13.62 18.22 29.21
C MET A 106 -14.01 17.80 30.63
N ALA A 107 -15.28 17.44 30.83
CA ALA A 107 -15.77 17.02 32.13
C ALA A 107 -17.11 16.35 31.93
N ASN A 108 -17.77 15.96 33.02
CA ASN A 108 -19.02 15.19 32.95
C ASN A 108 -20.22 16.02 32.53
N THR A 109 -20.20 17.31 32.91
CA THR A 109 -21.38 18.16 32.74
C THR A 109 -21.03 19.57 32.32
N VAL A 110 -22.01 20.28 31.81
CA VAL A 110 -21.83 21.72 31.54
C VAL A 110 -21.38 22.48 32.80
N ALA A 111 -22.04 22.23 33.94
CA ALA A 111 -21.67 22.91 35.18
C ALA A 111 -20.21 22.66 35.55
N ASP A 112 -19.75 21.43 35.41
CA ASP A 112 -18.36 21.11 35.70
C ASP A 112 -17.39 21.89 34.78
N CYS A 113 -17.69 21.98 33.48
CA CYS A 113 -16.86 22.77 32.56
C CYS A 113 -16.84 24.23 32.97
N GLU A 114 -18.00 24.77 33.35
CA GLU A 114 -18.09 26.17 33.75
C GLU A 114 -17.19 26.43 34.96
N ALA A 115 -17.17 25.49 35.91
CA ALA A 115 -16.31 25.64 37.09
C ALA A 115 -14.83 25.63 36.71
N MET A 116 -14.44 24.75 35.78
CA MET A 116 -13.06 24.68 35.31
C MET A 116 -12.64 25.99 34.64
N ILE A 117 -13.51 26.50 33.78
CA ILE A 117 -13.26 27.77 33.11
C ILE A 117 -13.12 28.91 34.12
N ALA A 118 -13.96 28.92 35.15
CA ALA A 118 -13.94 29.99 36.17
C ALA A 118 -12.66 29.94 36.99
N ALA A 119 -12.21 28.74 37.34
CA ALA A 119 -11.00 28.58 38.11
C ALA A 119 -9.77 29.07 37.35
N CYS A 120 -9.68 28.74 36.07
CA CYS A 120 -8.54 29.16 35.26
C CYS A 120 -8.55 30.67 35.01
N LYS A 121 -9.74 31.22 34.86
CA LYS A 121 -9.91 32.67 34.70
C LYS A 121 -9.45 33.40 35.97
N LYS A 122 -9.85 32.86 37.13
CA LYS A 122 -9.49 33.47 38.42
C LYS A 122 -7.97 33.44 38.63
N ALA A 123 -7.33 32.36 38.19
CA ALA A 123 -5.88 32.23 38.27
C ALA A 123 -5.13 33.04 37.21
N GLY A 124 -5.84 33.54 36.21
CA GLY A 124 -5.18 34.23 35.11
C GLY A 124 -4.28 33.31 34.31
N ARG A 125 -4.74 32.08 34.11
CA ARG A 125 -3.97 31.08 33.39
C ARG A 125 -4.79 30.50 32.24
N LYS A 126 -4.10 30.10 31.18
CA LYS A 126 -4.79 29.61 29.98
C LYS A 126 -5.23 28.15 30.12
N LEU A 127 -6.29 27.80 29.39
CA LEU A 127 -6.89 26.48 29.44
C LEU A 127 -7.13 26.01 28.01
N MET A 128 -6.71 24.79 27.71
CA MET A 128 -6.89 24.23 26.36
C MET A 128 -7.36 22.78 26.48
N ILE A 129 -8.26 22.38 25.58
CA ILE A 129 -8.73 20.99 25.57
C ILE A 129 -8.01 20.22 24.46
N GLY A 130 -7.72 18.94 24.70
CA GLY A 130 -6.90 18.19 23.77
C GLY A 130 -7.60 17.72 22.50
N TYR A 131 -8.09 18.65 21.69
CA TYR A 131 -8.69 18.26 20.41
C TYR A 131 -7.60 18.25 19.32
N ARG A 132 -6.76 17.21 19.34
CA ARG A 132 -5.58 17.12 18.48
C ARG A 132 -5.91 17.14 16.98
N SER A 133 -7.11 16.72 16.61
CA SER A 133 -7.48 16.65 15.20
C SER A 133 -7.40 18.02 14.52
N ARG A 134 -7.50 19.09 15.32
CA ARG A 134 -7.43 20.44 14.78
C ARG A 134 -6.01 20.79 14.32
N PHE A 135 -5.06 19.91 14.63
CA PHE A 135 -3.66 20.10 14.28
C PHE A 135 -3.19 19.00 13.33
N GLN A 136 -4.13 18.21 12.83
CA GLN A 136 -3.79 17.06 11.98
C GLN A 136 -3.97 17.45 10.51
N ALA A 137 -3.00 17.08 9.65
CA ALA A 137 -2.89 17.62 8.29
C ALA A 137 -4.13 17.46 7.43
N HIS A 138 -4.71 16.27 7.40
CA HIS A 138 -5.87 16.01 6.56
C HIS A 138 -7.09 16.80 7.05
N ASN A 139 -7.27 16.85 8.37
CA ASN A 139 -8.36 17.60 8.97
C ASN A 139 -8.26 19.09 8.66
N ILE A 140 -7.05 19.63 8.76
CA ILE A 140 -6.84 21.03 8.43
C ILE A 140 -7.19 21.30 6.95
N GLU A 141 -6.77 20.39 6.07
CA GLU A 141 -7.08 20.50 4.63
C GLU A 141 -8.60 20.51 4.38
N ALA A 142 -9.33 19.61 5.05
CA ALA A 142 -10.79 19.55 4.86
C ALA A 142 -11.46 20.84 5.33
N ILE A 143 -11.09 21.31 6.52
CA ILE A 143 -11.64 22.57 7.05
C ILE A 143 -11.39 23.72 6.08
N LYS A 144 -10.18 23.78 5.52
CA LYS A 144 -9.85 24.90 4.63
C LYS A 144 -10.57 24.80 3.27
N LEU A 145 -10.72 23.59 2.74
CA LEU A 145 -11.58 23.40 1.56
C LEU A 145 -13.00 23.94 1.79
N VAL A 146 -13.60 23.62 2.93
CA VAL A 146 -14.93 24.14 3.24
C VAL A 146 -14.91 25.66 3.32
N ARG A 147 -13.94 26.19 4.04
CA ARG A 147 -13.88 27.65 4.25
C ARG A 147 -13.58 28.40 2.95
N ASP A 148 -12.83 27.78 2.05
CA ASP A 148 -12.49 28.41 0.77
C ASP A 148 -13.69 28.40 -0.19
N GLY A 149 -14.74 27.66 0.17
CA GLY A 149 -15.92 27.56 -0.66
C GLY A 149 -15.88 26.48 -1.73
N ALA A 150 -14.96 25.53 -1.62
CA ALA A 150 -14.81 24.47 -2.63
C ALA A 150 -16.04 23.56 -2.76
N LEU A 151 -16.83 23.46 -1.69
CA LEU A 151 -18.01 22.60 -1.68
C LEU A 151 -19.27 23.38 -1.93
N GLY A 152 -19.18 24.71 -1.85
CA GLY A 152 -20.35 25.55 -1.71
C GLY A 152 -20.81 25.49 -0.25
N PRO A 153 -22.02 25.99 0.04
CA PRO A 153 -22.55 25.91 1.40
C PRO A 153 -22.63 24.47 1.89
N VAL A 154 -22.19 24.23 3.10
CA VAL A 154 -22.27 22.88 3.65
C VAL A 154 -23.74 22.45 3.80
N ARG A 155 -24.07 21.30 3.21
CA ARG A 155 -25.42 20.76 3.31
C ARG A 155 -25.47 19.58 4.28
N THR A 156 -24.53 18.66 4.16
CA THR A 156 -24.50 17.49 5.06
C THR A 156 -23.09 17.17 5.59
N VAL A 157 -23.06 16.71 6.84
CA VAL A 157 -21.88 16.08 7.42
C VAL A 157 -22.33 14.69 7.91
N VAL A 158 -21.74 13.62 7.39
CA VAL A 158 -22.04 12.27 7.86
C VAL A 158 -20.77 11.74 8.53
N THR A 159 -20.84 11.45 9.82
CA THR A 159 -19.63 11.10 10.55
C THR A 159 -19.88 10.01 11.58
N ASP A 160 -18.99 9.02 11.63
CA ASP A 160 -19.17 7.83 12.46
C ASP A 160 -17.92 7.60 13.27
N HIS A 161 -18.03 7.48 14.59
CA HIS A 161 -16.89 7.13 15.43
C HIS A 161 -17.30 6.05 16.43
N GLY A 162 -16.49 5.00 16.50
CA GLY A 162 -16.76 3.94 17.45
C GLY A 162 -15.62 2.95 17.46
N PHE A 163 -15.52 2.18 18.53
CA PHE A 163 -14.62 1.04 18.52
C PHE A 163 -15.23 -0.06 19.39
N THR A 164 -14.80 -1.29 19.16
CA THR A 164 -15.35 -2.42 19.90
C THR A 164 -14.63 -2.52 21.22
N ILE A 165 -15.21 -1.93 22.26
CA ILE A 165 -14.53 -1.86 23.55
C ILE A 165 -14.46 -3.24 24.19
N GLY A 166 -13.41 -3.52 24.95
CA GLY A 166 -13.23 -4.85 25.51
C GLY A 166 -13.59 -5.05 26.98
N ASP A 167 -12.57 -4.99 27.83
CA ASP A 167 -12.67 -5.33 29.25
C ASP A 167 -13.79 -4.58 30.01
N PRO A 168 -14.81 -5.32 30.48
CA PRO A 168 -15.97 -4.77 31.20
C PRO A 168 -15.59 -4.00 32.46
N LYS A 169 -14.40 -4.27 33.01
CA LYS A 169 -14.01 -3.69 34.29
C LYS A 169 -13.31 -2.34 34.16
N GLN A 170 -13.07 -1.87 32.95
CA GLN A 170 -12.28 -0.66 32.78
C GLN A 170 -13.11 0.60 33.13
N TRP A 171 -12.44 1.70 33.43
CA TRP A 171 -13.14 2.89 33.91
C TRP A 171 -14.11 3.50 32.90
N ARG A 172 -13.83 3.33 31.61
CA ARG A 172 -14.73 3.85 30.57
C ARG A 172 -16.14 3.24 30.68
N LEU A 173 -16.26 2.07 31.29
CA LEU A 173 -17.59 1.43 31.40
C LEU A 173 -18.20 1.56 32.80
N ASN A 174 -17.58 2.41 33.60
CA ASN A 174 -18.01 2.74 34.95
C ASN A 174 -18.57 4.16 35.00
N ARG A 175 -19.87 4.34 35.24
CA ARG A 175 -20.46 5.68 35.11
C ARG A 175 -19.80 6.71 36.05
N ALA A 176 -19.43 6.30 37.26
CA ALA A 176 -18.86 7.24 38.22
C ALA A 176 -17.51 7.83 37.75
N LEU A 177 -16.73 7.06 37.00
CA LEU A 177 -15.44 7.55 36.49
C LEU A 177 -15.50 8.12 35.06
N ALA A 178 -16.42 7.63 34.24
CA ALA A 178 -16.47 7.99 32.81
C ALA A 178 -17.48 9.08 32.50
N GLY A 179 -18.54 9.19 33.31
CA GLY A 179 -19.54 10.23 33.08
C GLY A 179 -20.59 9.88 32.04
N GLY A 180 -20.39 8.78 31.32
CA GLY A 180 -21.30 8.36 30.27
C GLY A 180 -20.57 7.34 29.39
N GLY A 181 -21.23 6.86 28.35
CA GLY A 181 -20.68 5.78 27.53
C GLY A 181 -19.96 6.25 26.27
N SER A 182 -20.32 5.66 25.14
CA SER A 182 -19.55 5.91 23.91
C SER A 182 -19.52 7.40 23.54
N LEU A 183 -20.58 8.12 23.87
CA LEU A 183 -20.67 9.52 23.43
C LEU A 183 -19.59 10.37 24.10
N MET A 184 -19.33 10.08 25.37
CA MET A 184 -18.30 10.81 26.12
C MET A 184 -16.90 10.54 25.57
N ASP A 185 -16.65 9.31 25.15
CA ASP A 185 -15.31 8.89 24.79
C ASP A 185 -14.94 9.01 23.31
N ILE A 186 -15.83 8.56 22.42
CA ILE A 186 -15.48 8.47 21.01
C ILE A 186 -16.52 9.19 20.13
N GLY A 187 -17.78 9.18 20.54
CA GLY A 187 -18.81 9.92 19.80
C GLY A 187 -18.56 11.42 19.79
N ILE A 188 -17.83 11.89 20.80
CA ILE A 188 -17.47 13.29 20.88
C ILE A 188 -16.64 13.72 19.64
N TYR A 189 -15.91 12.80 19.02
CA TYR A 189 -15.19 13.16 17.78
C TYR A 189 -16.16 13.50 16.65
N SER A 190 -17.26 12.77 16.57
CA SER A 190 -18.27 13.06 15.54
C SER A 190 -18.88 14.44 15.76
N LEU A 191 -19.21 14.73 17.02
CA LEU A 191 -19.80 16.03 17.37
C LEU A 191 -18.81 17.15 17.10
N ASN A 192 -17.60 17.00 17.61
CA ASN A 192 -16.58 18.04 17.47
C ASN A 192 -16.29 18.30 15.98
N ALA A 193 -16.21 17.23 15.17
CA ALA A 193 -15.99 17.39 13.73
C ALA A 193 -17.16 18.12 13.04
N ALA A 194 -18.39 17.77 13.39
CA ALA A 194 -19.54 18.43 12.77
C ALA A 194 -19.47 19.93 13.03
N ARG A 195 -19.03 20.28 14.24
CA ARG A 195 -18.88 21.69 14.61
C ARG A 195 -17.72 22.38 13.87
N TYR A 196 -16.55 21.75 13.77
CA TYR A 196 -15.45 22.49 13.13
C TYR A 196 -15.52 22.45 11.62
N LEU A 197 -16.24 21.48 11.06
CA LEU A 197 -16.39 21.47 9.61
C LEU A 197 -17.43 22.50 9.15
N THR A 198 -18.56 22.59 9.86
CA THR A 198 -19.56 23.61 9.55
C THR A 198 -19.11 25.01 9.99
N GLY A 199 -18.26 25.05 11.01
CA GLY A 199 -17.96 26.30 11.69
C GLY A 199 -19.14 26.88 12.45
N GLU A 200 -20.15 26.06 12.72
CA GLU A 200 -21.36 26.53 13.41
C GLU A 200 -21.67 25.76 14.68
N GLU A 201 -22.65 26.26 15.45
CA GLU A 201 -23.14 25.55 16.64
C GLU A 201 -24.57 25.09 16.40
N PRO A 202 -24.90 23.85 16.79
CA PRO A 202 -26.25 23.37 16.43
C PRO A 202 -27.39 24.07 17.19
N VAL A 203 -28.57 24.14 16.56
CA VAL A 203 -29.75 24.70 17.21
C VAL A 203 -30.84 23.66 17.46
N ALA A 204 -30.65 22.46 16.92
CA ALA A 204 -31.59 21.37 17.20
C ALA A 204 -30.90 20.02 17.14
N VAL A 205 -31.32 19.12 18.02
CA VAL A 205 -30.72 17.80 18.19
C VAL A 205 -31.78 16.67 18.28
N ASN A 206 -31.61 15.60 17.49
CA ASN A 206 -32.35 14.32 17.65
C ASN A 206 -31.37 13.25 18.10
N ALA A 207 -31.86 12.21 18.76
CA ALA A 207 -30.99 11.06 19.08
C ALA A 207 -31.77 9.78 19.34
N VAL A 208 -31.11 8.66 19.07
CA VAL A 208 -31.63 7.33 19.35
C VAL A 208 -30.54 6.53 20.05
N GLU A 209 -30.86 5.94 21.19
CA GLU A 209 -29.90 5.16 21.94
C GLU A 209 -30.21 3.67 21.80
N SER A 210 -29.18 2.83 21.69
CA SER A 210 -29.43 1.39 21.60
C SER A 210 -28.33 0.61 22.33
N THR A 211 -28.72 -0.04 23.42
CA THR A 211 -27.77 -0.73 24.27
C THR A 211 -28.37 -2.06 24.75
N ASP A 212 -27.63 -3.14 24.60
CA ASP A 212 -28.07 -4.45 25.12
C ASP A 212 -27.60 -4.59 26.58
N ARG A 213 -28.53 -4.46 27.53
CA ARG A 213 -28.13 -4.40 28.94
C ARG A 213 -27.75 -5.78 29.48
N SER A 214 -27.90 -6.80 28.65
CA SER A 214 -27.47 -8.13 29.06
C SER A 214 -25.99 -8.34 28.69
N ASP A 215 -25.42 -7.43 27.91
CA ASP A 215 -23.99 -7.45 27.61
C ASP A 215 -23.20 -7.05 28.86
N PRO A 216 -22.20 -7.87 29.26
CA PRO A 216 -21.40 -7.61 30.46
C PRO A 216 -20.74 -6.22 30.48
N ARG A 217 -20.55 -5.62 29.30
CA ARG A 217 -19.89 -4.31 29.21
C ARG A 217 -20.80 -3.14 29.55
N PHE A 218 -22.11 -3.33 29.41
CA PHE A 218 -23.02 -2.20 29.34
C PHE A 218 -24.07 -2.17 30.44
N GLY A 219 -23.67 -2.47 31.68
CA GLY A 219 -24.59 -2.39 32.80
C GLY A 219 -24.84 -0.97 33.25
N GLU A 220 -23.89 -0.07 32.97
CA GLU A 220 -23.95 1.28 33.52
C GLU A 220 -23.99 2.41 32.49
N VAL A 221 -23.36 2.22 31.34
CA VAL A 221 -23.26 3.31 30.35
C VAL A 221 -23.71 2.84 28.98
N GLU A 222 -23.95 3.79 28.06
CA GLU A 222 -24.54 3.42 26.77
C GLU A 222 -23.54 2.88 25.74
N ASP A 223 -24.05 2.04 24.83
CA ASP A 223 -23.28 1.49 23.73
C ASP A 223 -23.42 2.38 22.51
N ILE A 224 -24.56 2.28 21.82
CA ILE A 224 -24.79 3.11 20.66
C ILE A 224 -25.66 4.30 21.00
N ILE A 225 -25.25 5.50 20.59
CA ILE A 225 -26.19 6.61 20.62
C ILE A 225 -25.91 7.49 19.41
N ASN A 226 -26.83 7.42 18.46
CA ASN A 226 -26.69 8.16 17.20
C ASN A 226 -27.47 9.45 17.26
N PHE A 227 -26.97 10.50 16.63
CA PHE A 227 -27.66 11.77 16.74
C PHE A 227 -27.66 12.56 15.43
N GLN A 228 -28.62 13.48 15.34
CA GLN A 228 -28.73 14.40 14.22
C GLN A 228 -28.61 15.81 14.76
N LEU A 229 -27.93 16.66 14.00
CA LEU A 229 -27.79 18.06 14.34
C LEU A 229 -28.33 18.92 13.21
N LEU A 230 -29.02 19.99 13.57
CA LEU A 230 -29.38 21.05 12.61
C LEU A 230 -28.65 22.33 12.98
N PHE A 231 -28.10 23.03 11.99
CA PHE A 231 -27.35 24.26 12.24
C PHE A 231 -28.11 25.46 11.65
N PRO A 232 -27.82 26.69 12.14
CA PRO A 232 -28.55 27.88 11.68
C PRO A 232 -28.53 28.10 10.17
N SER A 233 -27.45 27.70 9.51
CA SER A 233 -27.32 27.89 8.07
C SER A 233 -28.21 26.95 7.28
N GLY A 234 -28.69 25.89 7.93
CA GLY A 234 -29.44 24.87 7.22
C GLY A 234 -28.64 23.59 7.07
N ALA A 235 -27.34 23.65 7.36
CA ALA A 235 -26.49 22.45 7.33
C ALA A 235 -27.04 21.43 8.33
N THR A 236 -26.85 20.16 8.00
CA THR A 236 -27.32 19.05 8.82
C THR A 236 -26.18 18.09 9.06
N ALA A 237 -26.20 17.38 10.18
CA ALA A 237 -25.25 16.31 10.41
C ALA A 237 -25.96 15.05 10.93
N ASN A 238 -25.50 13.89 10.44
CA ASN A 238 -25.90 12.56 10.93
C ASN A 238 -24.66 11.94 11.55
N CYS A 239 -24.71 11.58 12.84
CA CYS A 239 -23.53 11.10 13.54
C CYS A 239 -23.76 9.77 14.20
N VAL A 240 -22.75 8.90 14.14
CA VAL A 240 -22.78 7.66 14.90
C VAL A 240 -21.77 7.72 16.05
N SER A 241 -22.19 7.23 17.21
CA SER A 241 -21.31 7.01 18.35
C SER A 241 -21.50 5.59 18.83
N ALA A 242 -20.44 4.79 18.89
CA ALA A 242 -20.62 3.36 19.21
C ALA A 242 -19.47 2.73 20.00
N TYR A 243 -19.83 1.78 20.85
CA TYR A 243 -18.87 0.95 21.57
C TYR A 243 -18.90 -0.51 21.10
N SER A 244 -19.72 -0.82 20.10
CA SER A 244 -19.79 -2.21 19.62
C SER A 244 -19.47 -2.38 18.13
N VAL A 245 -19.06 -1.33 17.44
CA VAL A 245 -18.56 -1.44 16.06
C VAL A 245 -17.33 -0.54 15.87
N ASN A 246 -16.54 -0.80 14.82
CA ASN A 246 -15.37 0.04 14.53
C ASN A 246 -15.65 0.96 13.35
N CYS A 247 -15.46 2.27 13.56
CA CYS A 247 -15.64 3.25 12.50
C CYS A 247 -14.92 4.51 12.88
N ASN A 248 -14.41 5.22 11.88
CA ASN A 248 -13.70 6.46 12.13
C ASN A 248 -13.62 7.21 10.81
N ARG A 249 -14.57 8.11 10.60
CA ARG A 249 -14.67 8.76 9.29
C ARG A 249 -15.60 9.95 9.31
N TYR A 250 -15.41 10.85 8.37
CA TYR A 250 -16.47 11.81 8.07
C TYR A 250 -16.43 12.20 6.61
N ARG A 251 -17.60 12.54 6.08
CA ARG A 251 -17.73 13.16 4.77
C ARG A 251 -18.57 14.42 4.92
N VAL A 252 -18.08 15.51 4.35
CA VAL A 252 -18.84 16.75 4.33
C VAL A 252 -19.15 17.08 2.87
N SER A 253 -20.40 17.44 2.60
CA SER A 253 -20.87 17.59 1.22
C SER A 253 -21.62 18.90 1.03
N GLY A 254 -21.41 19.49 -0.13
CA GLY A 254 -22.15 20.68 -0.54
C GLY A 254 -22.57 20.50 -2.01
N PRO A 255 -23.26 21.50 -2.56
CA PRO A 255 -23.72 21.46 -3.95
C PRO A 255 -22.59 21.30 -4.97
N LYS A 256 -21.38 21.77 -4.64
CA LYS A 256 -20.25 21.69 -5.57
C LYS A 256 -19.39 20.43 -5.41
N GLY A 257 -19.61 19.68 -4.33
CA GLY A 257 -18.85 18.45 -4.16
C GLY A 257 -18.69 18.04 -2.72
N TRP A 258 -17.78 17.08 -2.47
CA TRP A 258 -17.57 16.60 -1.10
C TRP A 258 -16.12 16.18 -0.83
N VAL A 259 -15.77 16.14 0.46
CA VAL A 259 -14.48 15.63 0.87
C VAL A 259 -14.69 14.70 2.06
N GLU A 260 -13.96 13.59 2.08
CA GLU A 260 -14.07 12.65 3.20
C GLU A 260 -12.71 12.20 3.64
N ILE A 261 -12.62 11.83 4.92
CA ILE A 261 -11.40 11.25 5.48
C ILE A 261 -11.80 9.99 6.21
N ASP A 262 -11.07 8.90 5.95
CA ASP A 262 -11.38 7.60 6.53
C ASP A 262 -10.09 6.76 6.51
N PRO A 263 -9.47 6.54 7.67
CA PRO A 263 -9.82 7.03 9.01
C PRO A 263 -9.61 8.55 9.14
N ALA A 264 -10.42 9.21 9.95
CA ALA A 264 -10.39 10.66 10.04
C ALA A 264 -9.61 11.20 11.24
N THR A 265 -9.75 10.58 12.41
CA THR A 265 -9.24 11.19 13.62
C THR A 265 -8.39 10.19 14.43
N SER A 266 -7.85 9.21 13.73
CA SER A 266 -6.95 8.21 14.31
C SER A 266 -5.57 8.80 14.62
N TYR A 267 -4.73 8.05 15.33
CA TYR A 267 -3.40 8.54 15.67
C TYR A 267 -2.54 8.71 14.41
N GLN A 268 -2.79 7.87 13.41
CA GLN A 268 -2.10 7.95 12.14
C GLN A 268 -2.94 7.21 11.10
N GLY A 269 -2.49 7.23 9.84
CA GLY A 269 -3.14 6.45 8.81
C GLY A 269 -4.25 7.14 8.04
N GLN A 270 -4.48 8.42 8.31
CA GLN A 270 -5.48 9.21 7.60
C GLN A 270 -5.39 9.08 6.07
N ALA A 271 -6.54 8.97 5.42
CA ALA A 271 -6.63 8.95 3.97
C ALA A 271 -7.81 9.79 3.54
N MET A 272 -7.58 10.71 2.62
CA MET A 272 -8.62 11.62 2.19
C MET A 272 -8.98 11.41 0.71
N ARG A 273 -10.26 11.58 0.39
CA ARG A 273 -10.76 11.45 -0.97
C ARG A 273 -11.70 12.64 -1.21
N ALA A 274 -11.68 13.21 -2.40
CA ALA A 274 -12.55 14.34 -2.68
C ALA A 274 -13.17 14.24 -4.05
N GLN A 275 -14.38 14.81 -4.19
CA GLN A 275 -15.09 14.86 -5.44
C GLN A 275 -15.47 16.33 -5.66
N LEU A 276 -14.73 17.02 -6.53
CA LEU A 276 -14.82 18.48 -6.58
C LEU A 276 -15.04 19.05 -7.98
N GLY A 277 -16.06 18.54 -8.67
CA GLY A 277 -16.38 19.04 -9.99
C GLY A 277 -15.87 18.11 -11.06
N GLY A 278 -15.23 17.03 -10.61
CA GLY A 278 -14.77 15.97 -11.48
C GLY A 278 -14.97 14.64 -10.78
N PRO A 279 -14.13 13.64 -11.09
CA PRO A 279 -14.34 12.33 -10.47
C PRO A 279 -13.86 12.31 -9.01
N PRO A 280 -14.30 11.32 -8.22
CA PRO A 280 -13.73 11.14 -6.89
C PRO A 280 -12.29 10.66 -7.01
N ALA A 281 -11.38 11.26 -6.26
CA ALA A 281 -9.98 10.90 -6.35
C ALA A 281 -9.29 11.11 -5.01
N PRO A 282 -8.20 10.37 -4.77
CA PRO A 282 -7.39 10.63 -3.58
C PRO A 282 -6.93 12.07 -3.58
N ARG A 283 -6.79 12.65 -2.39
CA ARG A 283 -6.27 14.01 -2.27
C ARG A 283 -5.26 14.04 -1.14
N GLU A 284 -4.06 14.54 -1.42
CA GLU A 284 -3.04 14.68 -0.38
C GLU A 284 -3.11 16.06 0.26
N PRO A 285 -3.04 16.11 1.60
CA PRO A 285 -3.06 17.40 2.29
C PRO A 285 -1.73 18.13 2.12
N ALA A 286 -1.73 19.45 2.31
CA ALA A 286 -0.47 20.19 2.33
C ALA A 286 0.47 19.60 3.38
N PRO A 287 1.78 19.52 3.08
CA PRO A 287 2.74 19.01 4.05
C PRO A 287 2.68 19.73 5.39
N GLN A 288 3.04 18.99 6.43
CA GLN A 288 3.06 19.49 7.80
C GLN A 288 4.12 18.67 8.54
N PRO A 289 5.32 19.21 8.68
CA PRO A 289 6.41 18.42 9.29
C PRO A 289 6.16 18.09 10.77
N LYS A 290 5.38 18.88 11.48
CA LYS A 290 5.12 18.56 12.88
C LYS A 290 3.81 17.77 13.04
N ASN A 291 3.90 16.58 13.64
CA ASN A 291 2.73 15.73 13.86
C ASN A 291 1.69 16.37 14.79
N GLN A 292 0.47 15.87 14.77
CA GLN A 292 -0.65 16.48 15.50
C GLN A 292 -0.44 16.59 17.01
N PHE A 293 0.29 15.64 17.59
CA PHE A 293 0.48 15.61 19.03
C PHE A 293 1.46 16.71 19.45
N SER A 294 2.62 16.76 18.80
CA SER A 294 3.60 17.78 19.07
C SER A 294 3.04 19.17 18.78
N ALA A 295 2.27 19.28 17.70
CA ALA A 295 1.62 20.55 17.34
C ALA A 295 0.63 21.01 18.41
N GLN A 296 -0.17 20.08 18.93
CA GLN A 296 -1.08 20.40 20.03
C GLN A 296 -0.34 20.93 21.24
N LEU A 297 0.72 20.22 21.64
CA LEU A 297 1.53 20.64 22.79
C LEU A 297 2.11 22.04 22.58
N ASP A 298 2.71 22.25 21.41
CA ASP A 298 3.33 23.54 21.10
C ASP A 298 2.31 24.66 20.98
N HIS A 299 1.08 24.34 20.55
CA HIS A 299 0.07 25.39 20.39
C HIS A 299 -0.22 26.11 21.73
N LEU A 300 -0.33 25.34 22.82
CA LEU A 300 -0.59 25.95 24.14
C LEU A 300 0.61 26.79 24.57
N SER A 301 1.80 26.22 24.45
CA SER A 301 3.04 26.94 24.79
C SER A 301 3.16 28.26 24.01
N GLU A 302 2.93 28.18 22.69
CA GLU A 302 2.99 29.36 21.81
C GLU A 302 1.96 30.43 22.22
N CYS A 303 0.74 30.00 22.57
CA CYS A 303 -0.30 30.93 23.04
C CYS A 303 0.14 31.66 24.31
N ILE A 304 0.74 30.92 25.23
CA ILE A 304 1.22 31.50 26.47
C ILE A 304 2.37 32.48 26.22
N LEU A 305 3.29 32.11 25.33
CA LEU A 305 4.44 32.97 25.03
C LEU A 305 4.05 34.25 24.29
N THR A 306 2.99 34.21 23.50
CA THR A 306 2.62 35.38 22.69
C THR A 306 1.39 36.11 23.21
N GLY A 307 0.80 35.58 24.28
CA GLY A 307 -0.41 36.17 24.85
C GLY A 307 -1.68 35.98 24.01
N ARG A 308 -1.75 34.90 23.24
CA ARG A 308 -2.95 34.61 22.44
C ARG A 308 -3.81 33.53 23.11
N GLU A 309 -5.03 33.36 22.62
CA GLU A 309 -5.91 32.32 23.15
C GLU A 309 -5.89 31.07 22.27
N PRO A 310 -5.90 29.87 22.90
CA PRO A 310 -5.92 28.62 22.12
C PRO A 310 -7.12 28.54 21.18
N ILE A 311 -6.96 27.93 20.02
CA ILE A 311 -8.08 27.77 19.09
C ILE A 311 -9.08 26.74 19.60
N VAL A 312 -8.65 25.90 20.54
CA VAL A 312 -9.54 24.95 21.19
C VAL A 312 -9.50 25.14 22.73
N GLY A 313 -10.01 26.28 23.18
CA GLY A 313 -10.01 26.63 24.58
C GLY A 313 -11.10 25.93 25.36
N GLY A 314 -11.23 26.28 26.64
CA GLY A 314 -12.25 25.70 27.50
C GLY A 314 -13.65 25.89 26.96
N ASP A 315 -13.87 26.99 26.23
CA ASP A 315 -15.17 27.25 25.65
C ASP A 315 -15.54 26.22 24.59
N ASP A 316 -14.54 25.68 23.89
CA ASP A 316 -14.81 24.66 22.88
C ASP A 316 -15.27 23.35 23.54
N GLY A 317 -14.59 22.98 24.63
CA GLY A 317 -14.98 21.81 25.43
C GLY A 317 -16.38 21.97 26.03
N LEU A 318 -16.68 23.17 26.48
CA LEU A 318 -17.98 23.50 27.06
C LEU A 318 -19.09 23.39 26.02
N LYS A 319 -18.85 23.90 24.81
CA LYS A 319 -19.85 23.80 23.75
C LYS A 319 -20.19 22.35 23.37
N ASP A 320 -19.18 21.48 23.40
CA ASP A 320 -19.43 20.05 23.19
C ASP A 320 -20.31 19.48 24.29
N LEU A 321 -20.02 19.81 25.56
CA LEU A 321 -20.82 19.27 26.66
C LEU A 321 -22.27 19.76 26.62
N ARG A 322 -22.47 20.99 26.15
CA ARG A 322 -23.84 21.51 25.99
C ARG A 322 -24.62 20.62 25.03
N VAL A 323 -24.00 20.28 23.90
CA VAL A 323 -24.68 19.45 22.92
C VAL A 323 -24.81 18.00 23.43
N ILE A 324 -23.79 17.51 24.11
CA ILE A 324 -23.86 16.16 24.67
C ILE A 324 -25.03 16.00 25.67
N GLU A 325 -25.22 16.98 26.55
CA GLU A 325 -26.38 16.94 27.44
C GLU A 325 -27.70 16.90 26.66
N ALA A 326 -27.78 17.70 25.59
CA ALA A 326 -28.97 17.73 24.73
C ALA A 326 -29.18 16.39 24.01
N ILE A 327 -28.08 15.74 23.60
CA ILE A 327 -28.17 14.48 22.88
C ILE A 327 -28.73 13.41 23.83
N TYR A 328 -28.19 13.33 25.05
CA TYR A 328 -28.73 12.39 26.03
C TYR A 328 -30.21 12.68 26.32
N ARG A 329 -30.56 13.96 26.41
CA ARG A 329 -31.95 14.34 26.68
C ARG A 329 -32.87 13.94 25.52
N ALA A 330 -32.44 14.19 24.29
CA ALA A 330 -33.26 13.86 23.13
C ALA A 330 -33.52 12.37 23.03
N ALA A 331 -32.52 11.56 23.40
CA ALA A 331 -32.70 10.10 23.35
C ALA A 331 -33.62 9.61 24.46
N ARG A 332 -33.53 10.27 25.61
CA ARG A 332 -34.35 9.91 26.77
C ARG A 332 -35.82 10.30 26.59
N GLU A 333 -36.06 11.48 26.03
CA GLU A 333 -37.44 11.98 25.88
C GLU A 333 -38.06 11.68 24.50
N GLY A 334 -37.25 11.20 23.57
CA GLY A 334 -37.76 10.92 22.22
C GLY A 334 -38.36 12.15 21.57
N ARG A 335 -37.65 13.27 21.65
CA ARG A 335 -38.09 14.49 20.99
C ARG A 335 -36.87 15.31 20.55
N THR A 336 -37.10 16.20 19.60
CA THR A 336 -36.08 17.15 19.15
C THR A 336 -35.80 18.21 20.24
N VAL A 337 -34.57 18.29 20.71
CA VAL A 337 -34.20 19.25 21.74
C VAL A 337 -33.62 20.49 21.08
N LYS A 338 -34.13 21.66 21.45
CA LYS A 338 -33.68 22.93 20.87
C LYS A 338 -32.59 23.56 21.72
N LEU A 339 -31.60 24.15 21.04
CA LEU A 339 -30.45 24.80 21.67
C LEU A 339 -30.34 26.24 21.21
N ARG B 5 23.34 35.09 7.18
CA ARG B 5 22.64 36.23 6.61
C ARG B 5 21.39 35.76 5.85
N LYS B 6 20.30 36.50 5.99
CA LYS B 6 19.05 36.13 5.32
C LYS B 6 18.51 37.24 4.41
N LEU B 7 18.14 36.87 3.18
CA LEU B 7 17.52 37.81 2.26
C LEU B 7 16.00 37.79 2.41
N GLY B 8 15.37 38.94 2.19
CA GLY B 8 13.93 39.05 2.40
C GLY B 8 13.10 38.77 1.16
N TYR B 9 12.08 37.92 1.33
CA TYR B 9 11.13 37.61 0.27
C TYR B 9 9.85 38.41 0.43
N ALA B 10 9.38 38.99 -0.68
CA ALA B 10 8.00 39.44 -0.80
C ALA B 10 7.22 38.36 -1.56
N ILE B 11 6.14 37.86 -0.98
CA ILE B 11 5.32 36.87 -1.69
C ILE B 11 4.17 37.57 -2.39
N LEU B 12 4.03 37.33 -3.69
CA LEU B 12 3.05 38.03 -4.50
C LEU B 12 2.02 37.05 -5.07
N GLY B 13 0.78 37.19 -4.61
CA GLY B 13 -0.31 36.33 -5.05
C GLY B 13 -0.59 35.30 -3.97
N LEU B 14 -1.47 35.61 -3.04
CA LEU B 14 -1.62 34.77 -1.84
C LEU B 14 -2.69 33.71 -2.05
N GLY B 15 -2.39 32.77 -2.95
CA GLY B 15 -3.29 31.67 -3.24
C GLY B 15 -2.84 30.38 -2.58
N TYR B 16 -3.28 29.25 -3.13
CA TYR B 16 -3.04 27.96 -2.48
C TYR B 16 -1.55 27.67 -2.33
N TYR B 17 -0.79 27.75 -3.43
CA TYR B 17 0.63 27.38 -3.37
C TYR B 17 1.40 28.35 -2.46
N ALA B 18 1.14 29.64 -2.62
CA ALA B 18 1.78 30.63 -1.74
C ALA B 18 1.51 30.40 -0.24
N THR B 19 0.25 30.25 0.14
CA THR B 19 -0.11 30.24 1.57
C THR B 19 -0.06 28.86 2.22
N ARG B 20 -0.41 27.81 1.48
CA ARG B 20 -0.39 26.46 2.05
C ARG B 20 0.96 25.76 1.93
N ILE B 21 1.72 26.05 0.88
CA ILE B 21 2.92 25.27 0.60
C ILE B 21 4.21 26.06 0.84
N ILE B 22 4.30 27.28 0.31
CA ILE B 22 5.54 28.03 0.37
C ILE B 22 5.77 28.80 1.69
N MET B 23 4.79 29.60 2.10
CA MET B 23 5.01 30.48 3.26
C MET B 23 5.34 29.71 4.57
N PRO B 24 4.67 28.57 4.84
CA PRO B 24 5.12 27.79 6.02
C PRO B 24 6.57 27.30 5.98
N ARG B 25 7.20 27.26 4.81
CA ARG B 25 8.53 26.65 4.71
C ARG B 25 9.69 27.63 4.93
N PHE B 26 9.40 28.91 5.15
CA PHE B 26 10.48 29.84 5.48
C PHE B 26 11.10 29.48 6.83
N ALA B 27 10.33 28.75 7.66
CA ALA B 27 10.79 28.33 8.98
C ALA B 27 12.05 27.46 8.91
N GLU B 28 12.16 26.63 7.87
CA GLU B 28 13.31 25.75 7.72
C GLU B 28 14.42 26.35 6.85
N CYS B 29 14.24 27.59 6.39
CA CYS B 29 15.27 28.25 5.59
C CYS B 29 16.45 28.76 6.42
N GLU B 30 17.63 28.77 5.81
CA GLU B 30 18.83 29.28 6.47
C GLU B 30 19.27 30.65 5.95
N HIS B 31 18.86 31.00 4.74
CA HIS B 31 19.31 32.26 4.12
C HIS B 31 18.16 33.08 3.56
N SER B 32 16.95 32.77 3.98
CA SER B 32 15.74 33.41 3.47
C SER B 32 14.77 33.68 4.59
N ARG B 33 14.06 34.79 4.52
CA ARG B 33 12.99 35.06 5.47
C ARG B 33 11.81 35.73 4.78
N LEU B 34 10.63 35.59 5.38
CA LEU B 34 9.43 36.24 4.87
C LEU B 34 9.40 37.69 5.33
N ALA B 35 9.44 38.63 4.38
CA ALA B 35 9.57 40.06 4.70
C ALA B 35 8.37 40.90 4.31
N ALA B 36 7.62 40.48 3.29
CA ALA B 36 6.53 41.30 2.77
C ALA B 36 5.46 40.49 2.06
N LEU B 37 4.26 41.04 1.99
CA LEU B 37 3.14 40.41 1.29
C LEU B 37 2.58 41.33 0.19
N VAL B 38 2.28 40.77 -0.97
CA VAL B 38 1.63 41.54 -2.04
C VAL B 38 0.36 40.81 -2.48
N SER B 39 -0.80 41.45 -2.39
CA SER B 39 -2.08 40.77 -2.65
C SER B 39 -3.14 41.70 -3.20
N GLY B 40 -4.02 41.16 -4.05
CA GLY B 40 -5.16 41.91 -4.54
C GLY B 40 -6.38 41.76 -3.63
N THR B 41 -6.20 41.07 -2.51
CA THR B 41 -7.28 40.84 -1.54
C THR B 41 -6.92 41.42 -0.17
N PRO B 42 -7.54 42.56 0.19
CA PRO B 42 -7.22 43.22 1.45
C PRO B 42 -7.29 42.30 2.68
N GLU B 43 -8.32 41.46 2.73
CA GLU B 43 -8.52 40.55 3.86
C GLU B 43 -7.36 39.57 4.03
N LYS B 44 -6.75 39.14 2.92
CA LYS B 44 -5.59 38.26 2.98
C LYS B 44 -4.39 38.98 3.57
N LEU B 45 -4.22 40.25 3.22
CA LEU B 45 -3.10 41.01 3.77
C LEU B 45 -3.21 41.10 5.29
N LYS B 46 -4.43 41.23 5.79
CA LYS B 46 -4.66 41.34 7.22
C LYS B 46 -4.45 39.98 7.91
N THR B 47 -5.09 38.95 7.37
CA THR B 47 -4.98 37.59 7.92
C THR B 47 -3.54 37.08 7.95
N TYR B 48 -2.87 37.07 6.80
CA TYR B 48 -1.52 36.49 6.76
C TYR B 48 -0.50 37.48 7.33
N GLY B 49 -0.78 38.77 7.22
CA GLY B 49 0.09 39.76 7.82
C GLY B 49 0.14 39.60 9.33
N GLU B 50 -1.02 39.41 9.95
CA GLU B 50 -1.06 39.19 11.39
C GLU B 50 -0.48 37.82 11.77
N GLN B 51 -0.76 36.81 10.96
CA GLN B 51 -0.25 35.46 11.27
C GLN B 51 1.27 35.39 11.25
N TYR B 52 1.90 36.06 10.29
CA TYR B 52 3.35 35.96 10.12
C TYR B 52 4.11 37.16 10.66
N GLY B 53 3.39 38.09 11.30
CA GLY B 53 4.01 39.24 11.92
C GLY B 53 4.60 40.22 10.91
N ILE B 54 3.93 40.37 9.78
CA ILE B 54 4.36 41.32 8.76
C ILE B 54 3.66 42.65 8.99
N PRO B 55 4.43 43.71 9.27
CA PRO B 55 3.85 45.03 9.59
C PRO B 55 3.13 45.66 8.39
N GLU B 56 2.25 46.61 8.66
CA GLU B 56 1.43 47.19 7.60
C GLU B 56 2.30 47.89 6.55
N THR B 57 3.47 48.37 6.95
CA THR B 57 4.39 49.01 6.02
C THR B 57 4.90 48.03 4.96
N HIS B 58 4.85 46.74 5.28
CA HIS B 58 5.38 45.70 4.38
C HIS B 58 4.26 44.91 3.71
N ARG B 59 3.07 45.52 3.65
CA ARG B 59 1.94 44.94 2.96
C ARG B 59 1.57 45.81 1.76
N TYR B 60 1.38 45.19 0.61
CA TYR B 60 1.15 45.94 -0.62
C TYR B 60 -0.05 45.37 -1.35
N SER B 61 -0.78 46.23 -2.06
CA SER B 61 -1.77 45.79 -3.05
C SER B 61 -1.11 45.79 -4.43
N TYR B 62 -1.86 45.39 -5.46
CA TYR B 62 -1.29 45.41 -6.81
C TYR B 62 -1.18 46.86 -7.30
N GLU B 63 -1.83 47.78 -6.58
CA GLU B 63 -1.79 49.19 -6.95
C GLU B 63 -0.71 49.97 -6.19
N THR B 64 -0.21 49.41 -5.09
CA THR B 64 0.87 50.07 -4.34
C THR B 64 2.19 49.30 -4.44
N PHE B 65 2.19 48.16 -5.14
CA PHE B 65 3.38 47.31 -5.29
C PHE B 65 4.66 48.04 -5.76
N ASP B 66 4.54 49.01 -6.67
CA ASP B 66 5.74 49.69 -7.16
C ASP B 66 6.51 50.43 -6.04
N ARG B 67 5.83 50.76 -4.95
CA ARG B 67 6.47 51.40 -3.79
C ARG B 67 7.51 50.50 -3.13
N ILE B 68 7.47 49.21 -3.44
CA ILE B 68 8.37 48.26 -2.79
C ILE B 68 9.85 48.54 -3.11
N ILE B 69 10.10 49.34 -4.14
CA ILE B 69 11.47 49.80 -4.44
C ILE B 69 12.11 50.47 -3.22
N ASP B 70 11.29 51.11 -2.38
CA ASP B 70 11.79 51.82 -1.20
C ASP B 70 11.95 50.95 0.04
N ASN B 71 11.60 49.68 -0.06
CA ASN B 71 11.68 48.76 1.07
C ASN B 71 12.95 47.93 1.02
N PRO B 72 13.95 48.28 1.84
CA PRO B 72 15.24 47.57 1.79
C PRO B 72 15.18 46.19 2.44
N ASP B 73 14.09 45.85 3.11
CA ASP B 73 13.94 44.54 3.73
C ASP B 73 13.60 43.47 2.69
N VAL B 74 13.21 43.92 1.50
CA VAL B 74 12.84 43.04 0.39
C VAL B 74 13.94 42.97 -0.66
N ASP B 75 14.48 41.78 -0.85
CA ASP B 75 15.49 41.51 -1.87
C ASP B 75 14.91 40.80 -3.09
N ILE B 76 13.90 39.98 -2.82
CA ILE B 76 13.33 39.08 -3.81
C ILE B 76 11.82 39.17 -3.83
N VAL B 77 11.23 39.20 -5.03
CA VAL B 77 9.80 39.03 -5.19
C VAL B 77 9.52 37.65 -5.80
N TYR B 78 8.64 36.89 -5.16
CA TYR B 78 8.25 35.55 -5.60
C TYR B 78 6.83 35.66 -6.16
N VAL B 79 6.73 35.53 -7.48
CA VAL B 79 5.46 35.67 -8.18
C VAL B 79 4.72 34.33 -8.26
N ILE B 80 3.56 34.24 -7.63
CA ILE B 80 2.82 32.98 -7.52
C ILE B 80 1.34 33.20 -7.95
N THR B 81 1.18 33.82 -9.13
CA THR B 81 -0.12 34.17 -9.68
C THR B 81 -0.53 33.22 -10.81
N PRO B 82 -1.74 33.41 -11.40
CA PRO B 82 -2.01 32.68 -12.64
C PRO B 82 -0.96 32.97 -13.71
N ASN B 83 -0.77 32.03 -14.64
CA ASN B 83 0.35 32.05 -15.58
C ASN B 83 0.49 33.32 -16.42
N SER B 84 -0.63 33.85 -16.91
N SER B 84 -0.62 33.85 -16.93
CA SER B 84 -0.61 35.01 -17.79
CA SER B 84 -0.55 35.02 -17.80
C SER B 84 -0.25 36.31 -17.06
C SER B 84 -0.01 36.25 -17.07
N LEU B 85 -0.09 36.24 -15.74
CA LEU B 85 0.33 37.38 -14.96
C LEU B 85 1.78 37.28 -14.48
N HIS B 86 2.45 36.16 -14.76
CA HIS B 86 3.87 36.02 -14.39
C HIS B 86 4.72 37.11 -15.05
N ARG B 87 4.54 37.32 -16.34
CA ARG B 87 5.38 38.29 -17.04
C ARG B 87 5.17 39.74 -16.52
N PRO B 88 3.92 40.24 -16.49
CA PRO B 88 3.84 41.64 -16.04
C PRO B 88 4.28 41.87 -14.59
N PHE B 89 4.04 40.93 -13.68
CA PHE B 89 4.50 41.13 -12.30
C PHE B 89 6.02 40.99 -12.19
N THR B 90 6.62 40.10 -12.97
CA THR B 90 8.07 39.98 -13.01
C THR B 90 8.72 41.28 -13.51
N GLU B 91 8.13 41.87 -14.54
CA GLU B 91 8.66 43.13 -15.06
C GLU B 91 8.63 44.23 -14.00
N ARG B 92 7.53 44.33 -13.26
CA ARG B 92 7.40 45.37 -12.23
C ARG B 92 8.32 45.13 -11.04
N ALA B 93 8.55 43.87 -10.71
CA ALA B 93 9.51 43.54 -9.66
C ALA B 93 10.93 43.96 -10.05
N ALA B 94 11.34 43.65 -11.28
CA ALA B 94 12.67 44.03 -11.75
C ALA B 94 12.78 45.56 -11.82
N ARG B 95 11.68 46.20 -12.21
CA ARG B 95 11.61 47.67 -12.26
C ARG B 95 11.82 48.26 -10.85
N ALA B 96 11.36 47.56 -9.82
CA ALA B 96 11.58 47.98 -8.44
C ALA B 96 12.94 47.53 -7.91
N GLY B 97 13.81 47.06 -8.80
CA GLY B 97 15.15 46.64 -8.44
C GLY B 97 15.21 45.38 -7.57
N LYS B 98 14.23 44.49 -7.72
CA LYS B 98 14.25 43.24 -6.94
C LYS B 98 14.67 42.04 -7.79
N HIS B 99 15.31 41.08 -7.16
CA HIS B 99 15.53 39.78 -7.80
C HIS B 99 14.19 39.06 -7.86
N VAL B 100 14.06 38.10 -8.77
CA VAL B 100 12.74 37.48 -8.96
C VAL B 100 12.80 35.95 -8.94
N MET B 101 11.90 35.37 -8.13
CA MET B 101 11.54 33.96 -8.22
C MET B 101 10.17 33.91 -8.88
N CYS B 102 10.05 33.19 -9.98
CA CYS B 102 8.78 33.10 -10.70
C CYS B 102 8.33 31.64 -10.79
N GLU B 103 7.08 31.37 -10.51
CA GLU B 103 6.59 29.98 -10.62
C GLU B 103 6.52 29.48 -12.06
N LYS B 104 6.49 28.16 -12.21
CA LYS B 104 6.24 27.55 -13.50
C LYS B 104 4.72 27.55 -13.79
N PRO B 105 4.33 27.45 -15.07
CA PRO B 105 5.24 27.63 -16.22
C PRO B 105 5.64 29.10 -16.24
N MET B 106 6.81 29.38 -16.78
CA MET B 106 7.41 30.70 -16.71
C MET B 106 6.48 31.78 -17.24
N ALA B 107 5.96 31.56 -18.44
CA ALA B 107 4.99 32.48 -19.04
C ALA B 107 4.18 31.74 -20.11
N ASN B 108 3.31 32.47 -20.81
CA ASN B 108 2.41 31.83 -21.77
C ASN B 108 3.08 31.47 -23.09
N THR B 109 4.12 32.20 -23.48
CA THR B 109 4.77 31.99 -24.78
C THR B 109 6.28 32.17 -24.69
N VAL B 110 6.99 31.73 -25.73
CA VAL B 110 8.44 31.91 -25.80
C VAL B 110 8.79 33.40 -25.74
N ALA B 111 8.07 34.21 -26.52
CA ALA B 111 8.33 35.65 -26.57
C ALA B 111 8.17 36.31 -25.19
N ASP B 112 7.17 35.86 -24.43
CA ASP B 112 6.96 36.39 -23.08
C ASP B 112 8.13 36.05 -22.15
N CYS B 113 8.63 34.81 -22.23
CA CYS B 113 9.81 34.42 -21.46
C CYS B 113 11.03 35.28 -21.82
N GLU B 114 11.18 35.56 -23.10
CA GLU B 114 12.32 36.35 -23.57
C GLU B 114 12.25 37.76 -23.00
N ALA B 115 11.04 38.32 -22.97
CA ALA B 115 10.84 39.66 -22.40
C ALA B 115 11.20 39.70 -20.92
N MET B 116 10.80 38.67 -20.18
CA MET B 116 11.13 38.58 -18.76
C MET B 116 12.64 38.53 -18.53
N ILE B 117 13.34 37.68 -19.29
CA ILE B 117 14.79 37.57 -19.20
C ILE B 117 15.45 38.92 -19.53
N ALA B 118 14.99 39.59 -20.58
CA ALA B 118 15.53 40.90 -20.98
C ALA B 118 15.32 41.96 -19.88
N ALA B 119 14.12 41.96 -19.29
CA ALA B 119 13.79 42.94 -18.27
C ALA B 119 14.66 42.77 -17.03
N CYS B 120 14.92 41.53 -16.65
CA CYS B 120 15.71 41.30 -15.47
C CYS B 120 17.17 41.61 -15.75
N LYS B 121 17.63 41.31 -16.97
CA LYS B 121 18.99 41.60 -17.37
C LYS B 121 19.24 43.11 -17.33
N LYS B 122 18.29 43.85 -17.90
CA LYS B 122 18.36 45.31 -17.91
C LYS B 122 18.46 45.88 -16.50
N ALA B 123 17.76 45.25 -15.54
CA ALA B 123 17.76 45.72 -14.16
C ALA B 123 18.95 45.23 -13.35
N GLY B 124 19.74 44.31 -13.90
CA GLY B 124 20.88 43.76 -13.20
C GLY B 124 20.48 42.91 -11.99
N ARG B 125 19.39 42.17 -12.13
CA ARG B 125 18.86 41.36 -11.04
C ARG B 125 18.69 39.93 -11.51
N LYS B 126 18.78 38.98 -10.58
CA LYS B 126 18.72 37.57 -10.95
C LYS B 126 17.28 37.10 -11.10
N LEU B 127 17.11 36.04 -11.89
CA LEU B 127 15.80 35.46 -12.20
C LEU B 127 15.89 33.95 -12.05
N MET B 128 14.94 33.37 -11.32
CA MET B 128 14.91 31.92 -11.09
C MET B 128 13.49 31.39 -11.24
N ILE B 129 13.34 30.21 -11.83
CA ILE B 129 12.01 29.60 -12.01
C ILE B 129 11.82 28.50 -10.96
N GLY B 130 10.59 28.35 -10.48
CA GLY B 130 10.30 27.46 -9.35
C GLY B 130 10.28 25.96 -9.67
N TYR B 131 11.37 25.45 -10.21
CA TYR B 131 11.48 24.02 -10.48
C TYR B 131 12.03 23.30 -9.24
N ARG B 132 11.18 23.17 -8.23
CA ARG B 132 11.58 22.63 -6.92
C ARG B 132 12.12 21.19 -6.96
N SER B 133 11.72 20.42 -7.96
CA SER B 133 12.18 19.02 -8.07
C SER B 133 13.70 18.91 -8.21
N ARG B 134 14.34 19.95 -8.72
CA ARG B 134 15.80 19.97 -8.79
C ARG B 134 16.46 20.04 -7.41
N PHE B 135 15.64 20.22 -6.36
CA PHE B 135 16.14 20.32 -4.99
C PHE B 135 15.56 19.22 -4.11
N GLN B 136 14.92 18.22 -4.75
CA GLN B 136 14.23 17.15 -4.01
C GLN B 136 15.15 15.93 -4.00
N ALA B 137 15.27 15.27 -2.84
CA ALA B 137 16.28 14.23 -2.60
C ALA B 137 16.30 13.11 -3.64
N HIS B 138 15.14 12.54 -3.95
CA HIS B 138 15.07 11.41 -4.86
C HIS B 138 15.40 11.81 -6.29
N ASN B 139 14.93 12.99 -6.69
CA ASN B 139 15.25 13.52 -8.01
C ASN B 139 16.75 13.78 -8.17
N ILE B 140 17.37 14.36 -7.16
CA ILE B 140 18.81 14.60 -7.23
C ILE B 140 19.56 13.27 -7.38
N GLU B 141 19.11 12.27 -6.63
CA GLU B 141 19.72 10.96 -6.68
C GLU B 141 19.61 10.35 -8.10
N ALA B 142 18.44 10.46 -8.72
CA ALA B 142 18.28 9.91 -10.07
C ALA B 142 19.17 10.65 -11.08
N ILE B 143 19.17 11.99 -11.04
CA ILE B 143 20.03 12.77 -11.92
C ILE B 143 21.50 12.33 -11.78
N LYS B 144 21.96 12.17 -10.54
CA LYS B 144 23.39 11.87 -10.34
C LYS B 144 23.74 10.44 -10.70
N LEU B 145 22.80 9.51 -10.55
CA LEU B 145 23.00 8.16 -11.03
C LEU B 145 23.22 8.14 -12.54
N VAL B 146 22.43 8.90 -13.27
CA VAL B 146 22.61 9.00 -14.71
C VAL B 146 23.98 9.59 -15.06
N ARG B 147 24.32 10.71 -14.43
CA ARG B 147 25.59 11.39 -14.71
C ARG B 147 26.80 10.51 -14.39
N ASP B 148 26.65 9.65 -13.38
CA ASP B 148 27.74 8.77 -12.95
C ASP B 148 27.88 7.55 -13.85
N GLY B 149 26.93 7.38 -14.77
CA GLY B 149 27.01 6.29 -15.73
C GLY B 149 26.42 4.98 -15.24
N ALA B 150 25.66 5.04 -14.14
CA ALA B 150 25.07 3.85 -13.56
C ALA B 150 24.13 3.11 -14.53
N LEU B 151 23.55 3.84 -15.49
CA LEU B 151 22.61 3.22 -16.43
C LEU B 151 23.25 2.91 -17.79
N GLY B 152 24.45 3.44 -18.02
CA GLY B 152 25.02 3.47 -19.36
C GLY B 152 24.39 4.68 -20.03
N PRO B 153 24.54 4.82 -21.35
CA PRO B 153 23.88 5.96 -22.01
C PRO B 153 22.36 5.90 -21.87
N VAL B 154 21.71 7.03 -21.63
CA VAL B 154 20.25 7.04 -21.50
C VAL B 154 19.63 6.63 -22.83
N ARG B 155 18.77 5.63 -22.79
CA ARG B 155 18.02 5.24 -23.98
C ARG B 155 16.57 5.70 -23.95
N THR B 156 15.87 5.49 -22.82
CA THR B 156 14.48 5.89 -22.71
C THR B 156 14.16 6.61 -21.40
N VAL B 157 13.28 7.60 -21.49
CA VAL B 157 12.63 8.20 -20.33
C VAL B 157 11.13 8.07 -20.55
N VAL B 158 10.44 7.45 -19.60
CA VAL B 158 8.99 7.31 -19.70
C VAL B 158 8.38 8.00 -18.48
N THR B 159 7.63 9.07 -18.72
CA THR B 159 7.18 9.91 -17.61
C THR B 159 5.73 10.38 -17.81
N ASP B 160 4.93 10.25 -16.75
CA ASP B 160 3.52 10.60 -16.78
C ASP B 160 3.18 11.57 -15.67
N HIS B 161 2.61 12.72 -16.04
CA HIS B 161 2.06 13.65 -15.08
C HIS B 161 0.63 14.06 -15.43
N GLY B 162 -0.25 13.90 -14.47
CA GLY B 162 -1.63 14.27 -14.64
C GLY B 162 -2.38 14.35 -13.32
N PHE B 163 -3.48 15.09 -13.30
CA PHE B 163 -4.42 14.98 -12.18
C PHE B 163 -5.84 15.24 -12.70
N THR B 164 -6.82 14.69 -11.99
CA THR B 164 -8.21 14.84 -12.42
C THR B 164 -8.77 16.17 -11.94
N ILE B 165 -8.76 17.15 -12.83
CA ILE B 165 -9.11 18.52 -12.47
C ILE B 165 -10.62 18.64 -12.30
N GLY B 166 -11.05 19.53 -11.42
CA GLY B 166 -12.47 19.61 -11.08
C GLY B 166 -13.20 20.86 -11.56
N ASP B 167 -13.25 21.85 -10.69
CA ASP B 167 -14.09 23.05 -10.88
C ASP B 167 -13.83 23.75 -12.22
N PRO B 168 -14.80 23.67 -13.15
CA PRO B 168 -14.71 24.24 -14.50
C PRO B 168 -14.47 25.74 -14.55
N LYS B 169 -14.75 26.45 -13.46
CA LYS B 169 -14.63 27.89 -13.41
C LYS B 169 -13.26 28.42 -12.99
N GLN B 170 -12.36 27.53 -12.58
CA GLN B 170 -11.04 27.96 -12.12
C GLN B 170 -10.15 28.49 -13.25
N TRP B 171 -9.12 29.28 -12.89
CA TRP B 171 -8.31 29.95 -13.92
C TRP B 171 -7.51 28.97 -14.79
N ARG B 172 -7.17 27.79 -14.26
CA ARG B 172 -6.41 26.81 -15.03
C ARG B 172 -7.17 26.36 -16.27
N LEU B 173 -8.50 26.51 -16.27
CA LEU B 173 -9.30 26.05 -17.39
C LEU B 173 -9.74 27.25 -18.26
N ASN B 174 -9.16 28.40 -17.95
CA ASN B 174 -9.38 29.65 -18.71
C ASN B 174 -8.16 29.95 -19.57
N ARG B 175 -8.31 29.92 -20.89
CA ARG B 175 -7.15 30.01 -21.78
C ARG B 175 -6.37 31.31 -21.60
N ALA B 176 -7.10 32.42 -21.40
CA ALA B 176 -6.48 33.73 -21.25
C ALA B 176 -5.55 33.81 -20.01
N LEU B 177 -5.96 33.21 -18.90
CA LEU B 177 -5.16 33.25 -17.67
C LEU B 177 -4.12 32.11 -17.59
N ALA B 178 -4.44 30.96 -18.17
CA ALA B 178 -3.58 29.77 -18.03
C ALA B 178 -2.61 29.61 -19.18
N GLY B 179 -2.99 30.10 -20.35
CA GLY B 179 -2.17 30.01 -21.55
C GLY B 179 -2.22 28.65 -22.25
N GLY B 180 -2.97 27.70 -21.67
CA GLY B 180 -3.02 26.36 -22.22
C GLY B 180 -3.53 25.41 -21.14
N GLY B 181 -3.70 24.13 -21.47
CA GLY B 181 -4.31 23.18 -20.56
C GLY B 181 -3.31 22.38 -19.73
N SER B 182 -3.48 21.07 -19.72
CA SER B 182 -2.64 20.21 -18.86
C SER B 182 -1.14 20.41 -19.09
N LEU B 183 -0.73 20.65 -20.33
CA LEU B 183 0.71 20.75 -20.64
C LEU B 183 1.33 21.94 -19.91
N MET B 184 0.59 23.03 -19.84
CA MET B 184 1.13 24.23 -19.19
C MET B 184 1.28 24.01 -17.68
N ASP B 185 0.38 23.22 -17.10
CA ASP B 185 0.28 23.11 -15.65
C ASP B 185 1.00 21.92 -15.01
N ILE B 186 0.88 20.75 -15.61
CA ILE B 186 1.36 19.53 -14.98
C ILE B 186 2.21 18.71 -15.96
N GLY B 187 1.87 18.74 -17.25
CA GLY B 187 2.68 18.07 -18.26
C GLY B 187 4.09 18.65 -18.35
N ILE B 188 4.24 19.90 -17.94
CA ILE B 188 5.54 20.52 -17.95
C ILE B 188 6.53 19.78 -17.02
N TYR B 189 6.03 19.11 -15.98
CA TYR B 189 6.91 18.29 -15.14
C TYR B 189 7.51 17.11 -15.91
N SER B 190 6.73 16.51 -16.82
CA SER B 190 7.23 15.42 -17.64
C SER B 190 8.36 15.93 -18.54
N LEU B 191 8.12 17.09 -19.15
CA LEU B 191 9.10 17.73 -20.02
C LEU B 191 10.36 18.15 -19.27
N ASN B 192 10.18 18.85 -18.16
CA ASN B 192 11.32 19.32 -17.38
C ASN B 192 12.17 18.13 -16.94
N ALA B 193 11.52 17.06 -16.50
CA ALA B 193 12.23 15.85 -16.08
C ALA B 193 13.00 15.18 -17.21
N ALA B 194 12.38 15.01 -18.38
CA ALA B 194 13.10 14.42 -19.51
C ALA B 194 14.36 15.23 -19.82
N ARG B 195 14.27 16.55 -19.72
CA ARG B 195 15.42 17.41 -19.95
C ARG B 195 16.49 17.28 -18.85
N TYR B 196 16.10 17.26 -17.57
CA TYR B 196 17.16 17.20 -16.57
C TYR B 196 17.70 15.79 -16.32
N LEU B 197 16.96 14.77 -16.76
CA LEU B 197 17.46 13.40 -16.62
C LEU B 197 18.46 13.07 -17.73
N THR B 198 18.16 13.48 -18.96
CA THR B 198 19.11 13.30 -20.07
C THR B 198 20.26 14.28 -19.98
N GLY B 199 19.98 15.46 -19.43
CA GLY B 199 20.91 16.57 -19.51
C GLY B 199 20.98 17.17 -20.91
N GLU B 200 20.00 16.86 -21.75
CA GLU B 200 20.01 17.30 -23.14
C GLU B 200 18.78 18.13 -23.51
N GLU B 201 18.83 18.77 -24.69
CA GLU B 201 17.68 19.48 -25.27
C GLU B 201 17.18 18.72 -26.50
N PRO B 202 15.85 18.57 -26.63
CA PRO B 202 15.33 17.74 -27.72
C PRO B 202 15.51 18.36 -29.11
N VAL B 203 15.63 17.52 -30.13
CA VAL B 203 15.77 17.99 -31.51
C VAL B 203 14.56 17.66 -32.38
N ALA B 204 13.66 16.82 -31.86
CA ALA B 204 12.45 16.47 -32.58
C ALA B 204 11.32 16.12 -31.60
N VAL B 205 10.09 16.43 -32.00
CA VAL B 205 8.90 16.30 -31.17
C VAL B 205 7.72 15.72 -31.95
N ASN B 206 7.08 14.68 -31.42
CA ASN B 206 5.74 14.27 -31.84
C ASN B 206 4.73 14.57 -30.75
N ALA B 207 3.45 14.73 -31.10
CA ALA B 207 2.40 14.82 -30.09
C ALA B 207 1.02 14.42 -30.60
N VAL B 208 0.17 14.02 -29.66
CA VAL B 208 -1.23 13.75 -29.95
C VAL B 208 -2.09 14.33 -28.83
N GLU B 209 -3.09 15.12 -29.21
CA GLU B 209 -4.06 15.67 -28.27
C GLU B 209 -5.36 14.85 -28.23
N SER B 210 -5.95 14.73 -27.05
CA SER B 210 -7.26 14.12 -26.89
C SER B 210 -8.10 14.90 -25.88
N THR B 211 -9.04 15.69 -26.39
CA THR B 211 -9.90 16.51 -25.54
C THR B 211 -11.35 16.46 -26.01
N ASP B 212 -12.27 16.16 -25.10
CA ASP B 212 -13.70 16.29 -25.37
C ASP B 212 -14.13 17.73 -25.10
N ARG B 213 -14.32 18.49 -26.17
CA ARG B 213 -14.70 19.90 -26.09
C ARG B 213 -16.09 20.15 -25.46
N SER B 214 -16.91 19.12 -25.40
CA SER B 214 -18.25 19.27 -24.84
C SER B 214 -18.24 19.06 -23.33
N ASP B 215 -17.10 18.63 -22.80
CA ASP B 215 -16.91 18.58 -21.35
C ASP B 215 -16.85 20.02 -20.85
N PRO B 216 -17.61 20.34 -19.79
CA PRO B 216 -17.67 21.71 -19.25
C PRO B 216 -16.31 22.24 -18.83
N ARG B 217 -15.38 21.34 -18.50
CA ARG B 217 -14.03 21.75 -18.10
C ARG B 217 -13.13 22.11 -19.27
N PHE B 218 -13.41 21.58 -20.46
CA PHE B 218 -12.44 21.64 -21.55
C PHE B 218 -12.92 22.39 -22.80
N GLY B 219 -13.67 23.46 -22.60
CA GLY B 219 -14.08 24.30 -23.72
C GLY B 219 -12.96 25.13 -24.32
N GLU B 220 -11.93 25.44 -23.52
CA GLU B 220 -10.88 26.37 -23.93
C GLU B 220 -9.46 25.80 -23.95
N VAL B 221 -9.20 24.81 -23.09
CA VAL B 221 -7.85 24.28 -22.98
C VAL B 221 -7.87 22.76 -23.09
N GLU B 222 -6.70 22.14 -23.31
CA GLU B 222 -6.67 20.71 -23.60
C GLU B 222 -6.66 19.87 -22.34
N ASP B 223 -7.14 18.64 -22.50
CA ASP B 223 -7.20 17.65 -21.45
C ASP B 223 -5.91 16.81 -21.51
N ILE B 224 -5.83 15.95 -22.51
CA ILE B 224 -4.64 15.13 -22.72
C ILE B 224 -3.84 15.63 -23.92
N ILE B 225 -2.54 15.80 -23.73
CA ILE B 225 -1.63 15.95 -24.86
C ILE B 225 -0.36 15.19 -24.53
N ASN B 226 -0.20 14.03 -25.15
CA ASN B 226 0.96 13.18 -24.94
C ASN B 226 2.02 13.48 -26.00
N PHE B 227 3.30 13.34 -25.65
CA PHE B 227 4.35 13.72 -26.59
C PHE B 227 5.60 12.84 -26.54
N GLN B 228 6.35 12.85 -27.63
CA GLN B 228 7.60 12.10 -27.79
C GLN B 228 8.72 13.09 -28.02
N LEU B 229 9.86 12.84 -27.40
CA LEU B 229 11.04 13.66 -27.61
C LEU B 229 12.18 12.79 -28.12
N LEU B 230 12.96 13.33 -29.06
CA LEU B 230 14.23 12.73 -29.48
C LEU B 230 15.38 13.69 -29.15
N PHE B 231 16.45 13.16 -28.59
CA PHE B 231 17.61 13.98 -28.18
C PHE B 231 18.82 13.69 -29.08
N PRO B 232 19.81 14.61 -29.11
CA PRO B 232 21.00 14.43 -29.97
C PRO B 232 21.75 13.12 -29.74
N SER B 233 21.81 12.65 -28.49
CA SER B 233 22.50 11.39 -28.20
C SER B 233 21.79 10.14 -28.72
N GLY B 234 20.55 10.29 -29.18
CA GLY B 234 19.73 9.14 -29.53
C GLY B 234 18.76 8.75 -28.41
N ALA B 235 18.90 9.37 -27.24
CA ALA B 235 17.94 9.16 -26.16
C ALA B 235 16.53 9.56 -26.59
N THR B 236 15.54 8.85 -26.09
CA THR B 236 14.14 9.13 -26.40
C THR B 236 13.31 9.31 -25.13
N ALA B 237 12.23 10.08 -25.23
CA ALA B 237 11.25 10.17 -24.13
C ALA B 237 9.81 10.00 -24.62
N ASN B 238 9.02 9.24 -23.86
CA ASN B 238 7.56 9.11 -24.03
C ASN B 238 6.87 9.80 -22.85
N CYS B 239 6.11 10.87 -23.10
CA CYS B 239 5.56 11.66 -22.01
C CYS B 239 4.04 11.77 -22.02
N VAL B 240 3.42 11.65 -20.85
CA VAL B 240 1.97 11.87 -20.71
C VAL B 240 1.72 13.20 -19.98
N SER B 241 0.79 13.98 -20.51
CA SER B 241 0.23 15.15 -19.84
C SER B 241 -1.30 15.05 -19.84
N ALA B 242 -1.95 15.10 -18.67
CA ALA B 242 -3.39 14.86 -18.60
C ALA B 242 -4.14 15.61 -17.50
N TYR B 243 -5.38 15.98 -17.81
CA TYR B 243 -6.28 16.55 -16.83
C TYR B 243 -7.42 15.55 -16.48
N SER B 244 -7.28 14.29 -16.88
CA SER B 244 -8.35 13.32 -16.61
C SER B 244 -7.84 11.97 -16.10
N VAL B 245 -6.57 11.91 -15.69
CA VAL B 245 -6.07 10.75 -14.96
C VAL B 245 -5.14 11.29 -13.89
N ASN B 246 -4.95 10.51 -12.83
CA ASN B 246 -3.96 10.86 -11.83
C ASN B 246 -2.68 10.03 -12.02
N CYS B 247 -1.57 10.70 -12.31
CA CYS B 247 -0.27 10.04 -12.41
C CYS B 247 0.85 11.03 -12.09
N ASN B 248 1.94 10.51 -11.55
CA ASN B 248 3.10 11.34 -11.22
C ASN B 248 4.29 10.41 -11.09
N ARG B 249 5.07 10.25 -12.16
CA ARG B 249 6.14 9.28 -12.14
C ARG B 249 7.09 9.45 -13.31
N TYR B 250 8.29 8.90 -13.16
CA TYR B 250 9.15 8.66 -14.31
C TYR B 250 10.07 7.47 -14.10
N ARG B 251 10.44 6.85 -15.21
CA ARG B 251 11.50 5.85 -15.23
C ARG B 251 12.51 6.22 -16.30
N VAL B 252 13.79 6.21 -15.95
CA VAL B 252 14.83 6.45 -16.95
C VAL B 252 15.65 5.16 -17.07
N SER B 253 15.92 4.75 -18.32
CA SER B 253 16.53 3.45 -18.60
C SER B 253 17.72 3.53 -19.57
N GLY B 254 18.72 2.69 -19.31
CA GLY B 254 19.87 2.52 -20.17
C GLY B 254 20.21 1.03 -20.25
N PRO B 255 21.26 0.67 -21.01
CA PRO B 255 21.56 -0.77 -21.17
C PRO B 255 22.01 -1.46 -19.87
N LYS B 256 22.49 -0.71 -18.89
CA LYS B 256 22.94 -1.32 -17.63
C LYS B 256 21.82 -1.35 -16.56
N GLY B 257 20.68 -0.73 -16.84
CA GLY B 257 19.59 -0.75 -15.89
C GLY B 257 18.73 0.51 -15.87
N TRP B 258 17.86 0.61 -14.87
CA TRP B 258 16.94 1.73 -14.80
C TRP B 258 16.66 2.19 -13.36
N VAL B 259 16.20 3.43 -13.23
CA VAL B 259 15.74 3.94 -11.95
C VAL B 259 14.39 4.61 -12.16
N GLU B 260 13.47 4.42 -11.21
CA GLU B 260 12.17 5.10 -11.30
C GLU B 260 11.76 5.73 -9.97
N ILE B 261 10.94 6.78 -10.06
CA ILE B 261 10.36 7.40 -8.88
C ILE B 261 8.85 7.55 -9.09
N ASP B 262 8.07 7.13 -8.10
CA ASP B 262 6.61 7.15 -8.19
C ASP B 262 6.04 7.14 -6.77
N PRO B 263 5.50 8.29 -6.32
CA PRO B 263 5.36 9.57 -7.02
C PRO B 263 6.71 10.28 -7.20
N ALA B 264 6.87 11.05 -8.28
CA ALA B 264 8.17 11.62 -8.66
C ALA B 264 8.36 13.06 -8.21
N THR B 265 7.37 13.89 -8.50
CA THR B 265 7.52 15.34 -8.29
C THR B 265 6.42 15.91 -7.39
N SER B 266 5.86 15.08 -6.52
CA SER B 266 4.84 15.51 -5.56
C SER B 266 5.43 16.35 -4.41
N TYR B 267 4.57 16.93 -3.58
CA TYR B 267 5.03 17.72 -2.44
C TYR B 267 5.80 16.86 -1.43
N GLN B 268 5.37 15.62 -1.29
CA GLN B 268 6.04 14.68 -0.41
C GLN B 268 5.71 13.25 -0.86
N GLY B 269 6.29 12.26 -0.19
CA GLY B 269 5.92 10.88 -0.43
C GLY B 269 6.68 10.16 -1.53
N GLN B 270 7.67 10.81 -2.14
CA GLN B 270 8.52 10.18 -3.15
C GLN B 270 9.02 8.80 -2.73
N ALA B 271 9.01 7.87 -3.68
CA ALA B 271 9.57 6.53 -3.47
C ALA B 271 10.33 6.10 -4.71
N MET B 272 11.56 5.64 -4.55
CA MET B 272 12.40 5.25 -5.68
C MET B 272 12.70 3.74 -5.74
N ARG B 273 12.70 3.19 -6.96
N ARG B 273 12.65 3.20 -6.96
CA ARG B 273 13.07 1.80 -7.17
CA ARG B 273 13.05 1.81 -7.23
C ARG B 273 14.07 1.70 -8.33
C ARG B 273 14.18 1.82 -8.25
N ALA B 274 15.04 0.80 -8.21
CA ALA B 274 16.08 0.71 -9.22
C ALA B 274 16.38 -0.72 -9.57
N GLN B 275 16.76 -0.92 -10.82
CA GLN B 275 17.15 -2.23 -11.33
C GLN B 275 18.53 -2.04 -11.95
N LEU B 276 19.56 -2.51 -11.25
CA LEU B 276 20.92 -2.15 -11.66
C LEU B 276 21.87 -3.34 -11.73
N GLY B 277 21.34 -4.54 -11.97
CA GLY B 277 22.15 -5.75 -12.01
C GLY B 277 21.49 -6.93 -11.32
N GLY B 278 20.33 -6.69 -10.75
CA GLY B 278 19.54 -7.74 -10.13
C GLY B 278 18.10 -7.36 -10.36
N PRO B 279 17.15 -8.12 -9.78
CA PRO B 279 15.75 -7.70 -9.78
C PRO B 279 15.61 -6.30 -9.20
N PRO B 280 14.52 -5.61 -9.52
CA PRO B 280 14.33 -4.27 -8.96
C PRO B 280 14.33 -4.29 -7.43
N ALA B 281 14.77 -3.20 -6.82
CA ALA B 281 14.72 -3.07 -5.37
C ALA B 281 14.49 -1.62 -5.00
N PRO B 282 13.92 -1.38 -3.81
CA PRO B 282 13.84 0.00 -3.34
C PRO B 282 15.23 0.59 -3.21
N ARG B 283 15.35 1.89 -3.44
CA ARG B 283 16.61 2.58 -3.23
C ARG B 283 16.34 3.89 -2.50
N GLU B 284 17.06 4.12 -1.40
CA GLU B 284 16.91 5.36 -0.63
C GLU B 284 17.93 6.37 -1.14
N PRO B 285 17.51 7.63 -1.33
CA PRO B 285 18.45 8.63 -1.84
C PRO B 285 19.43 9.11 -0.76
N ALA B 286 20.55 9.71 -1.16
CA ALA B 286 21.41 10.38 -0.20
C ALA B 286 20.61 11.43 0.58
N PRO B 287 20.80 11.49 1.91
CA PRO B 287 20.10 12.46 2.76
C PRO B 287 20.23 13.89 2.26
N GLN B 288 19.15 14.65 2.38
CA GLN B 288 19.21 16.08 2.12
C GLN B 288 18.77 16.78 3.40
N PRO B 289 19.51 17.81 3.82
CA PRO B 289 19.25 18.47 5.11
C PRO B 289 17.88 19.15 5.18
N LYS B 290 17.44 19.73 4.08
CA LYS B 290 16.18 20.46 4.14
C LYS B 290 15.28 20.13 2.98
N ASN B 291 13.98 20.31 3.21
CA ASN B 291 12.97 19.98 2.23
C ASN B 291 13.15 20.77 0.91
N GLN B 292 12.53 20.29 -0.17
CA GLN B 292 12.69 20.89 -1.50
C GLN B 292 12.27 22.36 -1.57
N PHE B 293 11.28 22.75 -0.77
CA PHE B 293 10.76 24.11 -0.83
C PHE B 293 11.74 25.09 -0.21
N SER B 294 12.16 24.80 1.03
CA SER B 294 13.16 25.63 1.71
C SER B 294 14.49 25.67 0.92
N ALA B 295 14.88 24.54 0.34
CA ALA B 295 16.10 24.46 -0.46
C ALA B 295 16.02 25.37 -1.69
N GLN B 296 14.85 25.38 -2.33
CA GLN B 296 14.61 26.20 -3.52
C GLN B 296 14.75 27.68 -3.18
N LEU B 297 14.10 28.08 -2.10
CA LEU B 297 14.13 29.46 -1.63
C LEU B 297 15.57 29.88 -1.31
N ASP B 298 16.30 29.03 -0.59
CA ASP B 298 17.67 29.35 -0.19
C ASP B 298 18.62 29.36 -1.37
N HIS B 299 18.34 28.58 -2.41
CA HIS B 299 19.20 28.56 -3.58
C HIS B 299 19.29 29.95 -4.22
N LEU B 300 18.15 30.61 -4.41
CA LEU B 300 18.19 31.95 -4.98
C LEU B 300 18.94 32.92 -4.07
N SER B 301 18.64 32.86 -2.77
CA SER B 301 19.31 33.73 -1.79
C SER B 301 20.83 33.52 -1.80
N GLU B 302 21.27 32.27 -1.75
CA GLU B 302 22.69 31.95 -1.80
C GLU B 302 23.36 32.40 -3.10
N CYS B 303 22.65 32.29 -4.21
CA CYS B 303 23.17 32.76 -5.50
C CYS B 303 23.41 34.26 -5.46
N ILE B 304 22.48 35.01 -4.86
CA ILE B 304 22.61 36.45 -4.73
C ILE B 304 23.76 36.82 -3.80
N LEU B 305 23.86 36.11 -2.68
CA LEU B 305 24.88 36.39 -1.68
C LEU B 305 26.30 36.09 -2.19
N THR B 306 26.43 35.14 -3.11
CA THR B 306 27.74 34.73 -3.59
C THR B 306 28.02 35.06 -5.05
N GLY B 307 27.10 35.74 -5.72
CA GLY B 307 27.28 36.11 -7.11
C GLY B 307 27.30 34.96 -8.11
N ARG B 308 26.55 33.89 -7.82
CA ARG B 308 26.41 32.77 -8.76
C ARG B 308 25.07 32.87 -9.49
N GLU B 309 24.91 32.09 -10.57
CA GLU B 309 23.63 32.03 -11.27
C GLU B 309 22.85 30.78 -10.86
N PRO B 310 21.51 30.91 -10.70
CA PRO B 310 20.65 29.78 -10.33
C PRO B 310 20.76 28.63 -11.32
N ILE B 311 20.66 27.39 -10.83
CA ILE B 311 20.76 26.24 -11.74
C ILE B 311 19.49 26.11 -12.56
N VAL B 312 18.42 26.79 -12.13
CA VAL B 312 17.18 26.80 -12.89
C VAL B 312 16.81 28.26 -13.16
N GLY B 313 17.61 28.91 -14.02
CA GLY B 313 17.42 30.32 -14.33
C GLY B 313 16.32 30.53 -15.34
N GLY B 314 16.12 31.79 -15.74
CA GLY B 314 15.10 32.10 -16.74
C GLY B 314 15.29 31.30 -18.02
N ASP B 315 16.53 30.98 -18.37
CA ASP B 315 16.78 30.22 -19.59
C ASP B 315 16.20 28.79 -19.50
N ASP B 316 16.10 28.27 -18.28
CA ASP B 316 15.54 26.92 -18.12
C ASP B 316 14.03 26.94 -18.42
N GLY B 317 13.33 27.94 -17.89
CA GLY B 317 11.92 28.11 -18.17
C GLY B 317 11.67 28.41 -19.65
N LEU B 318 12.56 29.17 -20.27
CA LEU B 318 12.45 29.49 -21.69
C LEU B 318 12.59 28.22 -22.54
N LYS B 319 13.55 27.38 -22.18
CA LYS B 319 13.78 26.12 -22.91
C LYS B 319 12.57 25.21 -22.85
N ASP B 320 11.87 25.19 -21.71
CA ASP B 320 10.61 24.44 -21.64
C ASP B 320 9.56 25.04 -22.56
N LEU B 321 9.41 26.36 -22.55
CA LEU B 321 8.39 26.98 -23.39
C LEU B 321 8.67 26.76 -24.88
N ARG B 322 9.95 26.73 -25.27
CA ARG B 322 10.30 26.38 -26.65
C ARG B 322 9.75 25.01 -27.04
N VAL B 323 9.96 24.02 -26.19
CA VAL B 323 9.47 22.69 -26.52
C VAL B 323 7.95 22.61 -26.44
N ILE B 324 7.35 23.33 -25.49
CA ILE B 324 5.89 23.35 -25.35
C ILE B 324 5.26 23.90 -26.63
N GLU B 325 5.86 24.94 -27.21
CA GLU B 325 5.32 25.47 -28.45
C GLU B 325 5.41 24.44 -29.58
N ALA B 326 6.50 23.68 -29.62
CA ALA B 326 6.68 22.64 -30.63
C ALA B 326 5.73 21.45 -30.40
N ILE B 327 5.47 21.14 -29.14
CA ILE B 327 4.49 20.10 -28.81
C ILE B 327 3.08 20.43 -29.27
N TYR B 328 2.64 21.65 -28.99
CA TYR B 328 1.33 22.09 -29.45
C TYR B 328 1.28 22.08 -30.98
N ARG B 329 2.35 22.54 -31.62
CA ARG B 329 2.40 22.55 -33.08
C ARG B 329 2.34 21.12 -33.67
N ALA B 330 3.10 20.20 -33.09
CA ALA B 330 3.12 18.82 -33.60
C ALA B 330 1.77 18.13 -33.53
N ALA B 331 1.00 18.40 -32.47
CA ALA B 331 -0.32 17.80 -32.31
C ALA B 331 -1.31 18.45 -33.28
N ARG B 332 -1.13 19.74 -33.52
CA ARG B 332 -1.98 20.50 -34.42
C ARG B 332 -1.77 20.07 -35.88
N GLU B 333 -0.51 19.94 -36.26
CA GLU B 333 -0.15 19.70 -37.64
C GLU B 333 -0.02 18.21 -37.97
N GLY B 334 0.02 17.37 -36.95
CA GLY B 334 0.19 15.94 -37.18
C GLY B 334 1.50 15.58 -37.85
N ARG B 335 2.58 16.19 -37.37
CA ARG B 335 3.90 15.93 -37.96
C ARG B 335 5.00 16.10 -36.92
N THR B 336 6.17 15.52 -37.20
CA THR B 336 7.32 15.68 -36.32
C THR B 336 7.88 17.09 -36.49
N VAL B 337 7.97 17.83 -35.39
CA VAL B 337 8.49 19.19 -35.41
C VAL B 337 9.96 19.18 -35.00
N LYS B 338 10.81 19.79 -35.83
CA LYS B 338 12.24 19.82 -35.54
C LYS B 338 12.62 21.08 -34.75
N LEU B 339 13.54 20.90 -33.81
CA LEU B 339 14.09 21.99 -33.00
C LEU B 339 15.60 22.04 -33.14
N GLY C 4 -21.91 -34.50 7.29
CA GLY C 4 -20.50 -34.49 7.66
C GLY C 4 -20.16 -35.52 8.72
N ARG C 5 -19.48 -36.59 8.30
CA ARG C 5 -19.00 -37.61 9.22
C ARG C 5 -17.91 -37.05 10.13
N LYS C 6 -17.95 -37.40 11.41
CA LYS C 6 -16.91 -36.97 12.35
C LYS C 6 -16.21 -38.17 12.99
N LEU C 7 -14.88 -38.18 12.96
CA LEU C 7 -14.13 -39.24 13.61
C LEU C 7 -13.85 -38.89 15.06
N GLY C 8 -13.79 -39.90 15.92
CA GLY C 8 -13.65 -39.69 17.35
C GLY C 8 -12.22 -39.68 17.84
N TYR C 9 -11.89 -38.67 18.64
CA TYR C 9 -10.56 -38.53 19.23
C TYR C 9 -10.54 -39.00 20.66
N ALA C 10 -9.51 -39.77 21.01
CA ALA C 10 -9.15 -40.00 22.39
C ALA C 10 -7.97 -39.11 22.74
N ILE C 11 -8.13 -38.24 23.74
CA ILE C 11 -7.05 -37.35 24.13
C ILE C 11 -6.27 -38.00 25.27
N LEU C 12 -4.96 -38.16 25.09
CA LEU C 12 -4.16 -38.91 26.06
C LEU C 12 -3.10 -38.02 26.69
N GLY C 13 -3.18 -37.89 28.02
CA GLY C 13 -2.28 -37.04 28.77
C GLY C 13 -2.92 -35.67 28.93
N LEU C 14 -3.65 -35.48 30.03
CA LEU C 14 -4.50 -34.32 30.19
C LEU C 14 -3.76 -33.20 30.91
N GLY C 15 -2.75 -32.66 30.23
CA GLY C 15 -1.94 -31.60 30.82
C GLY C 15 -2.35 -30.26 30.26
N TYR C 16 -1.42 -29.31 30.25
CA TYR C 16 -1.75 -27.96 29.83
C TYR C 16 -2.22 -27.87 28.37
N TYR C 17 -1.45 -28.42 27.44
CA TYR C 17 -1.77 -28.25 26.03
C TYR C 17 -3.09 -28.96 25.72
N ALA C 18 -3.24 -30.16 26.26
CA ALA C 18 -4.46 -30.93 26.05
C ALA C 18 -5.72 -30.18 26.51
N THR C 19 -5.70 -29.69 27.76
CA THR C 19 -6.92 -29.20 28.37
C THR C 19 -7.20 -27.72 28.12
N ARG C 20 -6.16 -26.89 28.12
CA ARG C 20 -6.33 -25.45 27.89
C ARG C 20 -6.40 -25.09 26.41
N ILE C 21 -5.67 -25.80 25.56
CA ILE C 21 -5.57 -25.36 24.18
C ILE C 21 -6.35 -26.24 23.21
N ILE C 22 -6.13 -27.55 23.27
CA ILE C 22 -6.69 -28.46 22.28
C ILE C 22 -8.18 -28.82 22.48
N MET C 23 -8.55 -29.28 23.67
CA MET C 23 -9.92 -29.75 23.88
C MET C 23 -11.01 -28.69 23.60
N PRO C 24 -10.78 -27.43 23.99
CA PRO C 24 -11.80 -26.44 23.62
C PRO C 24 -11.96 -26.21 22.12
N ARG C 25 -11.01 -26.65 21.30
CA ARG C 25 -11.08 -26.35 19.88
C ARG C 25 -11.79 -27.43 19.05
N PHE C 26 -12.34 -28.44 19.70
CA PHE C 26 -13.18 -29.38 18.98
C PHE C 26 -14.49 -28.69 18.56
N ALA C 27 -14.85 -27.61 19.25
CA ALA C 27 -16.07 -26.85 18.95
C ALA C 27 -16.14 -26.36 17.49
N GLU C 28 -15.00 -26.00 16.90
CA GLU C 28 -15.01 -25.50 15.52
C GLU C 28 -14.68 -26.56 14.48
N CYS C 29 -14.47 -27.80 14.92
CA CYS C 29 -14.18 -28.88 13.97
C CYS C 29 -15.40 -29.34 13.17
N GLU C 30 -15.16 -29.75 11.94
CA GLU C 30 -16.21 -30.24 11.06
C GLU C 30 -16.13 -31.74 10.80
N HIS C 31 -15.00 -32.36 11.12
CA HIS C 31 -14.85 -33.79 10.87
C HIS C 31 -14.26 -34.55 12.05
N SER C 32 -14.26 -33.91 13.21
CA SER C 32 -13.61 -34.47 14.39
C SER C 32 -14.46 -34.23 15.62
N ARG C 33 -14.50 -35.21 16.52
CA ARG C 33 -15.19 -35.02 17.79
C ARG C 33 -14.41 -35.65 18.93
N LEU C 34 -14.59 -35.09 20.11
CA LEU C 34 -13.98 -35.59 21.33
C LEU C 34 -14.77 -36.81 21.82
N ALA C 35 -14.14 -37.99 21.81
CA ALA C 35 -14.87 -39.22 22.08
C ALA C 35 -14.42 -39.92 23.36
N ALA C 36 -13.17 -39.71 23.75
CA ALA C 36 -12.62 -40.43 24.90
C ALA C 36 -11.47 -39.69 25.56
N LEU C 37 -11.22 -40.03 26.82
CA LEU C 37 -10.14 -39.44 27.61
C LEU C 37 -9.24 -40.52 28.18
N VAL C 38 -7.93 -40.27 28.20
CA VAL C 38 -6.95 -41.20 28.76
C VAL C 38 -6.01 -40.43 29.68
N SER C 39 -5.97 -40.80 30.96
CA SER C 39 -5.22 -40.04 31.95
C SER C 39 -4.70 -40.87 33.12
N GLY C 40 -3.56 -40.47 33.67
CA GLY C 40 -3.04 -41.09 34.88
C GLY C 40 -3.56 -40.46 36.16
N THR C 41 -4.47 -39.51 36.02
CA THR C 41 -5.05 -38.79 37.16
C THR C 41 -6.58 -38.94 37.20
N PRO C 42 -7.09 -39.81 38.09
CA PRO C 42 -8.55 -40.05 38.22
C PRO C 42 -9.39 -38.77 38.31
N GLU C 43 -8.93 -37.79 39.07
CA GLU C 43 -9.64 -36.52 39.21
C GLU C 43 -9.87 -35.83 37.85
N LYS C 44 -8.85 -35.88 37.00
CA LYS C 44 -8.95 -35.28 35.66
C LYS C 44 -10.00 -35.99 34.81
N LEU C 45 -10.03 -37.31 34.85
CA LEU C 45 -11.04 -38.07 34.15
C LEU C 45 -12.46 -37.69 34.58
N LYS C 46 -12.62 -37.34 35.85
CA LYS C 46 -13.94 -36.96 36.35
C LYS C 46 -14.30 -35.55 35.90
N THR C 47 -13.41 -34.61 36.18
CA THR C 47 -13.60 -33.21 35.79
C THR C 47 -13.85 -33.01 34.31
N TYR C 48 -12.93 -33.49 33.47
CA TYR C 48 -13.07 -33.28 32.04
C TYR C 48 -14.09 -34.22 31.43
N GLY C 49 -14.28 -35.38 32.08
CA GLY C 49 -15.34 -36.29 31.67
C GLY C 49 -16.71 -35.65 31.81
N GLU C 50 -16.93 -34.97 32.94
CA GLU C 50 -18.20 -34.32 33.21
C GLU C 50 -18.35 -33.04 32.40
N GLN C 51 -17.27 -32.26 32.30
CA GLN C 51 -17.31 -31.02 31.53
C GLN C 51 -17.61 -31.26 30.06
N TYR C 52 -17.05 -32.32 29.48
CA TYR C 52 -17.21 -32.55 28.05
C TYR C 52 -18.20 -33.67 27.71
N GLY C 53 -18.89 -34.18 28.73
CA GLY C 53 -19.93 -35.16 28.50
C GLY C 53 -19.39 -36.48 27.98
N ILE C 54 -18.28 -36.92 28.54
CA ILE C 54 -17.65 -38.18 28.15
C ILE C 54 -18.03 -39.26 29.15
N PRO C 55 -18.77 -40.29 28.69
CA PRO C 55 -19.25 -41.37 29.56
C PRO C 55 -18.11 -42.11 30.23
N GLU C 56 -18.36 -42.71 31.40
CA GLU C 56 -17.31 -43.41 32.13
C GLU C 56 -16.75 -44.58 31.33
N THR C 57 -17.57 -45.14 30.44
CA THR C 57 -17.14 -46.19 29.55
C THR C 57 -16.07 -45.72 28.57
N HIS C 58 -15.95 -44.41 28.39
CA HIS C 58 -14.98 -43.84 27.47
C HIS C 58 -13.88 -43.08 28.22
N ARG C 59 -13.72 -43.38 29.50
CA ARG C 59 -12.61 -42.83 30.28
C ARG C 59 -11.62 -43.93 30.60
N TYR C 60 -10.36 -43.72 30.26
CA TYR C 60 -9.32 -44.73 30.47
C TYR C 60 -8.15 -44.20 31.30
N SER C 61 -7.58 -45.08 32.13
CA SER C 61 -6.30 -44.80 32.76
C SER C 61 -5.19 -45.36 31.87
N TYR C 62 -3.94 -45.17 32.24
CA TYR C 62 -2.83 -45.76 31.47
C TYR C 62 -2.85 -47.27 31.68
N GLU C 63 -3.50 -47.69 32.77
CA GLU C 63 -3.63 -49.10 33.10
C GLU C 63 -4.65 -49.78 32.17
N THR C 64 -5.76 -49.11 31.87
CA THR C 64 -6.80 -49.71 31.06
C THR C 64 -6.79 -49.25 29.60
N PHE C 65 -5.78 -48.47 29.21
CA PHE C 65 -5.74 -47.87 27.88
C PHE C 65 -5.84 -48.88 26.73
N ASP C 66 -5.17 -50.02 26.87
CA ASP C 66 -5.15 -51.02 25.81
C ASP C 66 -6.55 -51.55 25.50
N ARG C 67 -7.48 -51.44 26.46
CA ARG C 67 -8.86 -51.88 26.23
C ARG C 67 -9.56 -51.05 25.15
N ILE C 68 -8.99 -49.88 24.82
CA ILE C 68 -9.60 -48.99 23.83
C ILE C 68 -9.74 -49.65 22.45
N ILE C 69 -9.05 -50.78 22.25
CA ILE C 69 -9.16 -51.54 21.00
C ILE C 69 -10.62 -51.96 20.74
N ASP C 70 -11.40 -52.10 21.80
CA ASP C 70 -12.79 -52.57 21.69
C ASP C 70 -13.80 -51.43 21.59
N ASN C 71 -13.31 -50.19 21.54
CA ASN C 71 -14.18 -49.00 21.47
C ASN C 71 -14.19 -48.41 20.06
N PRO C 72 -15.26 -48.69 19.30
CA PRO C 72 -15.38 -48.21 17.92
C PRO C 72 -15.71 -46.72 17.79
N ASP C 73 -15.94 -46.04 18.91
CA ASP C 73 -16.17 -44.61 18.87
C ASP C 73 -14.84 -43.85 18.76
N VAL C 74 -13.74 -44.55 19.04
CA VAL C 74 -12.40 -43.97 18.99
C VAL C 74 -11.68 -44.37 17.71
N ASP C 75 -11.37 -43.39 16.87
CA ASP C 75 -10.63 -43.63 15.65
C ASP C 75 -9.16 -43.24 15.80
N ILE C 76 -8.92 -42.20 16.60
CA ILE C 76 -7.62 -41.57 16.69
C ILE C 76 -7.24 -41.37 18.14
N VAL C 77 -5.98 -41.65 18.46
CA VAL C 77 -5.42 -41.30 19.76
C VAL C 77 -4.45 -40.15 19.58
N TYR C 78 -4.65 -39.07 20.34
CA TYR C 78 -3.82 -37.88 20.29
C TYR C 78 -2.93 -37.90 21.54
N VAL C 79 -1.64 -38.15 21.33
CA VAL C 79 -0.68 -38.29 22.43
C VAL C 79 -0.08 -36.94 22.81
N ILE C 80 -0.34 -36.48 24.03
CA ILE C 80 0.11 -35.15 24.44
C ILE C 80 0.80 -35.24 25.81
N THR C 81 1.80 -36.13 25.86
CA THR C 81 2.58 -36.40 27.06
C THR C 81 3.99 -35.79 26.99
N PRO C 82 4.79 -35.88 28.07
CA PRO C 82 6.21 -35.57 27.91
C PRO C 82 6.86 -36.37 26.77
N ASN C 83 7.93 -35.83 26.22
CA ASN C 83 8.49 -36.34 24.97
C ASN C 83 8.92 -37.82 24.98
N SER C 84 9.53 -38.28 26.07
CA SER C 84 10.02 -39.66 26.12
C SER C 84 8.90 -40.70 26.13
N LEU C 85 7.66 -40.27 26.33
CA LEU C 85 6.53 -41.20 26.34
C LEU C 85 5.74 -41.19 25.03
N HIS C 86 6.15 -40.35 24.07
CA HIS C 86 5.47 -40.35 22.78
C HIS C 86 5.53 -41.72 22.10
N ARG C 87 6.70 -42.35 22.13
CA ARG C 87 6.85 -43.62 21.44
C ARG C 87 6.03 -44.73 22.12
N PRO C 88 6.19 -44.95 23.45
CA PRO C 88 5.36 -46.02 24.03
C PRO C 88 3.86 -45.87 23.84
N PHE C 89 3.30 -44.66 23.97
CA PHE C 89 1.86 -44.53 23.76
C PHE C 89 1.46 -44.62 22.28
N THR C 90 2.34 -44.18 21.38
CA THR C 90 2.07 -44.36 19.95
C THR C 90 2.05 -45.85 19.58
N GLU C 91 3.03 -46.59 20.09
CA GLU C 91 3.10 -48.04 19.86
C GLU C 91 1.82 -48.74 20.37
N ARG C 92 1.39 -48.41 21.59
CA ARG C 92 0.19 -49.03 22.15
C ARG C 92 -1.08 -48.64 21.39
N ALA C 93 -1.19 -47.37 20.98
CA ALA C 93 -2.32 -46.95 20.18
C ALA C 93 -2.40 -47.71 18.86
N ALA C 94 -1.25 -47.87 18.20
CA ALA C 94 -1.20 -48.61 16.94
C ALA C 94 -1.61 -50.06 17.17
N ARG C 95 -1.16 -50.62 18.28
CA ARG C 95 -1.48 -52.00 18.62
C ARG C 95 -2.98 -52.14 18.85
N ALA C 96 -3.60 -51.07 19.37
CA ALA C 96 -5.06 -51.03 19.57
C ALA C 96 -5.83 -50.62 18.31
N GLY C 97 -5.15 -50.62 17.16
CA GLY C 97 -5.82 -50.39 15.89
C GLY C 97 -6.25 -48.95 15.64
N LYS C 98 -5.64 -48.01 16.34
CA LYS C 98 -6.00 -46.59 16.20
C LYS C 98 -5.00 -45.82 15.38
N HIS C 99 -5.49 -44.83 14.64
CA HIS C 99 -4.60 -43.85 14.03
C HIS C 99 -4.06 -42.95 15.13
N VAL C 100 -2.94 -42.29 14.86
CA VAL C 100 -2.23 -41.53 15.89
C VAL C 100 -1.91 -40.10 15.47
N MET C 101 -2.30 -39.15 16.31
CA MET C 101 -1.79 -37.79 16.26
C MET C 101 -0.82 -37.67 17.41
N CYS C 102 0.42 -37.27 17.12
CA CYS C 102 1.43 -37.19 18.17
C CYS C 102 2.02 -35.77 18.23
N GLU C 103 2.11 -35.21 19.44
CA GLU C 103 2.68 -33.86 19.56
C GLU C 103 4.16 -33.83 19.21
N LYS C 104 4.65 -32.64 18.88
CA LYS C 104 6.08 -32.42 18.71
C LYS C 104 6.78 -32.25 20.07
N PRO C 105 8.10 -32.47 20.13
CA PRO C 105 8.92 -33.15 19.12
C PRO C 105 8.46 -34.59 19.03
N MET C 106 8.59 -35.22 17.87
CA MET C 106 8.02 -36.55 17.66
C MET C 106 8.46 -37.51 18.74
N ALA C 107 9.76 -37.58 18.99
CA ALA C 107 10.32 -38.40 20.05
C ALA C 107 11.72 -37.91 20.42
N ASN C 108 12.38 -38.57 21.37
CA ASN C 108 13.67 -38.07 21.84
C ASN C 108 14.82 -38.26 20.85
N THR C 109 14.72 -39.29 20.01
CA THR C 109 15.81 -39.64 19.08
C THR C 109 15.28 -40.13 17.74
N VAL C 110 16.17 -40.13 16.74
CA VAL C 110 15.87 -40.66 15.42
C VAL C 110 15.39 -42.10 15.51
N ALA C 111 16.08 -42.92 16.32
CA ALA C 111 15.71 -44.33 16.45
C ALA C 111 14.27 -44.48 16.94
N ASP C 112 13.89 -43.69 17.94
CA ASP C 112 12.51 -43.68 18.41
C ASP C 112 11.51 -43.33 17.30
N CYS C 113 11.81 -42.28 16.53
CA CYS C 113 10.92 -41.88 15.44
C CYS C 113 10.71 -42.99 14.41
N GLU C 114 11.80 -43.67 14.04
CA GLU C 114 11.73 -44.76 13.07
C GLU C 114 10.85 -45.90 13.59
N ALA C 115 11.02 -46.24 14.87
CA ALA C 115 10.19 -47.26 15.50
C ALA C 115 8.70 -46.89 15.48
N MET C 116 8.39 -45.62 15.73
CA MET C 116 6.98 -45.18 15.71
C MET C 116 6.39 -45.32 14.31
N ILE C 117 7.14 -44.87 13.30
CA ILE C 117 6.72 -45.01 11.91
C ILE C 117 6.50 -46.49 11.53
N ALA C 118 7.43 -47.34 11.96
CA ALA C 118 7.32 -48.77 11.65
C ALA C 118 6.10 -49.40 12.33
N ALA C 119 5.84 -48.99 13.57
CA ALA C 119 4.71 -49.54 14.32
C ALA C 119 3.37 -49.16 13.70
N CYS C 120 3.25 -47.92 13.23
CA CYS C 120 2.01 -47.50 12.60
C CYS C 120 1.87 -48.12 11.21
N LYS C 121 3.00 -48.32 10.53
CA LYS C 121 3.00 -48.97 9.23
C LYS C 121 2.51 -50.41 9.35
N LYS C 122 3.01 -51.10 10.38
CA LYS C 122 2.62 -52.48 10.62
C LYS C 122 1.13 -52.61 10.95
N ALA C 123 0.59 -51.62 11.67
CA ALA C 123 -0.81 -51.67 12.08
C ALA C 123 -1.75 -51.21 10.95
N GLY C 124 -1.18 -50.65 9.89
CA GLY C 124 -1.96 -50.11 8.80
C GLY C 124 -2.77 -48.90 9.22
N ARG C 125 -2.18 -48.05 10.06
CA ARG C 125 -2.87 -46.84 10.52
C ARG C 125 -2.02 -45.61 10.26
N LYS C 126 -2.68 -44.47 10.11
CA LYS C 126 -1.99 -43.23 9.76
C LYS C 126 -1.36 -42.56 10.97
N LEU C 127 -0.31 -41.78 10.71
CA LEU C 127 0.46 -41.11 11.75
C LEU C 127 0.67 -39.65 11.36
N MET C 128 0.43 -38.74 12.29
CA MET C 128 0.58 -37.31 12.03
C MET C 128 1.21 -36.63 13.24
N ILE C 129 2.05 -35.63 12.98
CA ILE C 129 2.70 -34.88 14.07
C ILE C 129 2.04 -33.51 14.17
N GLY C 130 1.86 -33.02 15.40
CA GLY C 130 1.12 -31.78 15.64
C GLY C 130 1.87 -30.50 15.27
N TYR C 131 2.28 -30.39 14.00
CA TYR C 131 2.87 -29.13 13.52
C TYR C 131 1.76 -28.17 13.08
N ARG C 132 1.04 -27.61 14.06
CA ARG C 132 -0.13 -26.79 13.80
C ARG C 132 0.14 -25.56 12.92
N SER C 133 1.38 -25.09 12.90
CA SER C 133 1.69 -23.88 12.13
C SER C 133 1.43 -24.08 10.65
N ARG C 134 1.46 -25.33 10.20
CA ARG C 134 1.19 -25.61 8.78
C ARG C 134 -0.28 -25.39 8.41
N PHE C 135 -1.10 -25.07 9.41
CA PHE C 135 -2.53 -24.81 9.19
C PHE C 135 -2.91 -23.41 9.62
N GLN C 136 -1.90 -22.58 9.89
CA GLN C 136 -2.10 -21.23 10.41
C GLN C 136 -2.04 -20.22 9.23
N ALA C 137 -2.93 -19.22 9.23
CA ALA C 137 -3.14 -18.39 8.03
C ALA C 137 -1.88 -17.68 7.53
N HIS C 138 -1.14 -17.04 8.43
CA HIS C 138 0.04 -16.27 8.03
C HIS C 138 1.16 -17.18 7.53
N ASN C 139 1.36 -18.32 8.21
CA ASN C 139 2.34 -19.30 7.74
C ASN C 139 2.02 -19.85 6.36
N ILE C 140 0.74 -20.18 6.13
CA ILE C 140 0.32 -20.66 4.82
C ILE C 140 0.61 -19.60 3.76
N GLU C 141 0.39 -18.35 4.12
CA GLU C 141 0.63 -17.25 3.19
C GLU C 141 2.12 -17.08 2.86
N ALA C 142 3.00 -17.22 3.85
CA ALA C 142 4.44 -17.11 3.61
C ALA C 142 4.90 -18.21 2.65
N ILE C 143 4.43 -19.43 2.88
CA ILE C 143 4.76 -20.55 2.00
C ILE C 143 4.30 -20.29 0.57
N LYS C 144 3.10 -19.71 0.44
CA LYS C 144 2.51 -19.45 -0.86
C LYS C 144 3.32 -18.40 -1.61
N LEU C 145 3.71 -17.34 -0.91
CA LEU C 145 4.58 -16.32 -1.52
C LEU C 145 5.88 -16.94 -2.03
N VAL C 146 6.47 -17.85 -1.26
CA VAL C 146 7.70 -18.49 -1.70
C VAL C 146 7.45 -19.35 -2.94
N ARG C 147 6.46 -20.23 -2.84
CA ARG C 147 6.13 -21.13 -3.95
C ARG C 147 5.73 -20.39 -5.24
N ASP C 148 5.05 -19.26 -5.11
CA ASP C 148 4.64 -18.48 -6.28
C ASP C 148 5.77 -17.67 -6.90
N GLY C 149 6.95 -17.70 -6.28
CA GLY C 149 8.10 -16.99 -6.82
C GLY C 149 8.12 -15.51 -6.50
N ALA C 150 7.35 -15.08 -5.51
CA ALA C 150 7.26 -13.66 -5.17
C ALA C 150 8.59 -13.11 -4.62
N LEU C 151 9.42 -13.99 -4.04
CA LEU C 151 10.71 -13.58 -3.49
C LEU C 151 11.88 -13.88 -4.41
N GLY C 152 11.65 -14.67 -5.47
CA GLY C 152 12.73 -15.26 -6.22
C GLY C 152 13.21 -16.47 -5.43
N PRO C 153 14.35 -17.08 -5.83
CA PRO C 153 14.93 -18.21 -5.09
C PRO C 153 15.18 -17.83 -3.63
N VAL C 154 14.85 -18.70 -2.67
CA VAL C 154 15.11 -18.36 -1.27
C VAL C 154 16.62 -18.30 -1.03
N ARG C 155 17.08 -17.21 -0.43
CA ARG C 155 18.51 -17.05 -0.14
C ARG C 155 18.78 -17.19 1.36
N THR C 156 17.98 -16.52 2.19
CA THR C 156 18.12 -16.61 3.64
C THR C 156 16.80 -16.84 4.39
N VAL C 157 16.87 -17.64 5.45
CA VAL C 157 15.81 -17.71 6.44
C VAL C 157 16.42 -17.37 7.77
N VAL C 158 15.91 -16.35 8.43
CA VAL C 158 16.38 -15.99 9.77
C VAL C 158 15.24 -16.13 10.76
N THR C 159 15.40 -17.03 11.74
CA THR C 159 14.27 -17.36 12.61
C THR C 159 14.72 -17.62 14.05
N ASP C 160 13.98 -17.06 15.01
CA ASP C 160 14.32 -17.13 16.43
C ASP C 160 13.11 -17.60 17.23
N HIS C 161 13.30 -18.66 18.01
CA HIS C 161 12.27 -19.12 18.90
C HIS C 161 12.84 -19.37 20.29
N GLY C 162 12.17 -18.80 21.29
CA GLY C 162 12.58 -18.97 22.66
C GLY C 162 11.57 -18.40 23.64
N PHE C 163 11.60 -18.92 24.87
CA PHE C 163 10.91 -18.25 25.96
C PHE C 163 11.72 -18.40 27.24
N THR C 164 11.46 -17.51 28.19
CA THR C 164 12.19 -17.52 29.45
C THR C 164 11.52 -18.55 30.35
N ILE C 165 12.06 -19.76 30.35
CA ILE C 165 11.44 -20.86 31.11
C ILE C 165 11.61 -20.64 32.62
N GLY C 166 10.65 -21.14 33.41
CA GLY C 166 10.60 -20.81 34.82
C GLY C 166 10.98 -21.93 35.77
N ASP C 167 9.99 -22.69 36.23
CA ASP C 167 10.16 -23.70 37.28
C ASP C 167 11.19 -24.77 36.94
N PRO C 168 12.30 -24.80 37.71
CA PRO C 168 13.42 -25.70 37.49
C PRO C 168 13.07 -27.19 37.57
N LYS C 169 11.94 -27.51 38.18
CA LYS C 169 11.58 -28.90 38.44
C LYS C 169 10.66 -29.54 37.39
N GLN C 170 10.22 -28.75 36.41
CA GLN C 170 9.30 -29.27 35.40
C GLN C 170 9.97 -30.25 34.43
N TRP C 171 9.17 -31.08 33.76
CA TRP C 171 9.74 -32.17 32.95
C TRP C 171 10.56 -31.65 31.77
N ARG C 172 10.29 -30.43 31.29
CA ARG C 172 11.05 -29.90 30.16
C ARG C 172 12.53 -29.69 30.50
N LEU C 173 12.85 -29.57 31.78
CA LEU C 173 14.25 -29.37 32.20
C LEU C 173 14.88 -30.67 32.69
N ASN C 174 14.15 -31.76 32.50
CA ASN C 174 14.63 -33.11 32.82
C ASN C 174 15.05 -33.84 31.54
N ARG C 175 16.33 -34.17 31.42
CA ARG C 175 16.87 -34.69 30.16
C ARG C 175 16.20 -36.00 29.73
N ALA C 176 15.98 -36.88 30.70
CA ALA C 176 15.38 -38.18 30.39
C ALA C 176 13.97 -38.04 29.82
N LEU C 177 13.15 -37.15 30.40
CA LEU C 177 11.78 -36.98 29.93
C LEU C 177 11.66 -36.10 28.67
N ALA C 178 12.49 -35.08 28.56
CA ALA C 178 12.34 -34.13 27.45
C ALA C 178 13.23 -34.44 26.26
N GLY C 179 14.32 -35.19 26.49
CA GLY C 179 15.23 -35.54 25.42
C GLY C 179 16.29 -34.50 25.12
N GLY C 180 16.14 -33.32 25.70
CA GLY C 180 17.08 -32.23 25.46
C GLY C 180 16.42 -30.95 25.90
N GLY C 181 17.09 -29.82 25.67
CA GLY C 181 16.62 -28.55 26.21
C GLY C 181 15.81 -27.74 25.22
N SER C 182 16.18 -26.47 25.04
CA SER C 182 15.34 -25.58 24.25
C SER C 182 15.11 -26.09 22.81
N LEU C 183 16.11 -26.77 22.22
CA LEU C 183 15.97 -27.22 20.83
C LEU C 183 14.82 -28.22 20.68
N MET C 184 14.67 -29.10 21.66
CA MET C 184 13.61 -30.11 21.59
C MET C 184 12.21 -29.49 21.69
N ASP C 185 12.09 -28.42 22.46
CA ASP C 185 10.79 -27.84 22.81
C ASP C 185 10.36 -26.67 21.93
N ILE C 186 11.25 -25.71 21.73
CA ILE C 186 10.84 -24.46 21.07
C ILE C 186 11.76 -24.16 19.87
N GLY C 187 13.03 -24.54 19.95
CA GLY C 187 13.93 -24.40 18.81
C GLY C 187 13.50 -25.21 17.61
N ILE C 188 12.78 -26.31 17.84
CA ILE C 188 12.24 -27.11 16.75
C ILE C 188 11.32 -26.30 15.82
N TYR C 189 10.67 -25.24 16.33
CA TYR C 189 9.88 -24.38 15.45
C TYR C 189 10.75 -23.62 14.45
N SER C 190 11.95 -23.20 14.86
CA SER C 190 12.88 -22.57 13.93
C SER C 190 13.30 -23.54 12.83
N LEU C 191 13.64 -24.75 13.24
CA LEU C 191 14.05 -25.79 12.30
C LEU C 191 12.93 -26.15 11.32
N ASN C 192 11.75 -26.44 11.86
CA ASN C 192 10.62 -26.85 11.05
C ASN C 192 10.26 -25.75 10.03
N ALA C 193 10.28 -24.49 10.47
CA ALA C 193 10.02 -23.36 9.55
C ALA C 193 11.09 -23.24 8.46
N ALA C 194 12.37 -23.36 8.82
CA ALA C 194 13.41 -23.30 7.78
C ALA C 194 13.12 -24.35 6.70
N ARG C 195 12.70 -25.54 7.13
CA ARG C 195 12.37 -26.59 6.18
C ARG C 195 11.11 -26.29 5.34
N TYR C 196 9.99 -25.84 5.96
CA TYR C 196 8.80 -25.65 5.09
C TYR C 196 8.84 -24.33 4.29
N LEU C 197 9.61 -23.35 4.73
CA LEU C 197 9.78 -22.14 3.91
C LEU C 197 10.70 -22.40 2.69
N THR C 198 11.80 -23.13 2.87
CA THR C 198 12.63 -23.47 1.70
C THR C 198 11.98 -24.57 0.89
N GLY C 199 11.24 -25.45 1.55
CA GLY C 199 10.78 -26.67 0.91
C GLY C 199 11.92 -27.67 0.69
N GLU C 200 13.03 -27.50 1.39
CA GLU C 200 14.20 -28.38 1.21
C GLU C 200 14.64 -29.04 2.51
N GLU C 201 15.57 -29.98 2.40
CA GLU C 201 16.21 -30.61 3.56
C GLU C 201 17.69 -30.19 3.62
N PRO C 202 18.21 -29.89 4.82
CA PRO C 202 19.57 -29.37 4.94
C PRO C 202 20.64 -30.40 4.56
N VAL C 203 21.77 -29.97 4.02
CA VAL C 203 22.88 -30.87 3.76
C VAL C 203 24.09 -30.56 4.63
N ALA C 204 24.05 -29.45 5.37
CA ALA C 204 25.14 -29.10 6.28
C ALA C 204 24.60 -28.28 7.45
N VAL C 205 25.20 -28.50 8.63
CA VAL C 205 24.76 -27.92 9.88
C VAL C 205 25.94 -27.41 10.72
N ASN C 206 25.87 -26.16 11.18
CA ASN C 206 26.73 -25.61 12.23
C ASN C 206 25.92 -25.34 13.49
N ALA C 207 26.55 -25.36 14.66
CA ALA C 207 25.86 -24.97 15.88
C ALA C 207 26.80 -24.51 17.00
N VAL C 208 26.29 -23.64 17.87
CA VAL C 208 26.98 -23.16 19.05
C VAL C 208 26.04 -23.26 20.25
N GLU C 209 26.48 -23.91 21.32
CA GLU C 209 25.68 -23.97 22.56
C GLU C 209 26.16 -22.95 23.58
N SER C 210 25.24 -22.35 24.32
CA SER C 210 25.61 -21.48 25.44
C SER C 210 24.68 -21.73 26.62
N THR C 211 25.23 -22.38 27.65
CA THR C 211 24.46 -22.74 28.83
C THR C 211 25.30 -22.58 30.11
N ASP C 212 24.72 -21.93 31.11
CA ASP C 212 25.31 -21.83 32.43
C ASP C 212 24.82 -23.00 33.30
N ARG C 213 25.66 -24.03 33.45
CA ARG C 213 25.28 -25.23 34.19
C ARG C 213 25.04 -25.00 35.67
N SER C 214 25.43 -23.84 36.20
CA SER C 214 25.21 -23.55 37.60
C SER C 214 23.82 -22.93 37.83
N ASP C 215 23.16 -22.57 36.73
CA ASP C 215 21.76 -22.13 36.78
C ASP C 215 20.90 -23.32 37.21
N PRO C 216 20.03 -23.13 38.23
CA PRO C 216 19.13 -24.18 38.74
C PRO C 216 18.30 -24.86 37.65
N ARG C 217 18.00 -24.13 36.59
CA ARG C 217 17.22 -24.66 35.47
C ARG C 217 18.00 -25.58 34.53
N PHE C 218 19.31 -25.38 34.43
CA PHE C 218 20.06 -25.94 33.31
C PHE C 218 21.16 -26.94 33.71
N GLY C 219 20.89 -27.74 34.72
CA GLY C 219 21.85 -28.74 35.14
C GLY C 219 21.94 -29.91 34.18
N GLU C 220 20.84 -30.18 33.46
CA GLU C 220 20.75 -31.36 32.60
C GLU C 220 20.55 -31.06 31.11
N VAL C 221 19.90 -29.94 30.78
CA VAL C 221 19.58 -29.65 29.39
C VAL C 221 20.09 -28.27 28.97
N GLU C 222 20.13 -27.99 27.66
CA GLU C 222 20.71 -26.74 27.18
C GLU C 222 19.74 -25.57 27.24
N ASP C 223 20.32 -24.38 27.41
CA ASP C 223 19.61 -23.10 27.41
C ASP C 223 19.55 -22.60 25.97
N ILE C 224 20.68 -22.10 25.48
CA ILE C 224 20.75 -21.61 24.11
C ILE C 224 21.54 -22.57 23.23
N ILE C 225 20.98 -22.91 22.08
CA ILE C 225 21.76 -23.58 21.03
C ILE C 225 21.35 -23.00 19.67
N ASN C 226 22.22 -22.19 19.10
CA ASN C 226 21.94 -21.56 17.82
C ASN C 226 22.54 -22.38 16.68
N PHE C 227 21.87 -22.39 15.53
CA PHE C 227 22.38 -23.22 14.45
C PHE C 227 22.25 -22.59 13.08
N GLN C 228 23.05 -23.10 12.15
CA GLN C 228 23.07 -22.64 10.76
C GLN C 228 22.76 -23.84 9.88
N LEU C 229 21.96 -23.64 8.85
CA LEU C 229 21.65 -24.70 7.91
C LEU C 229 22.03 -24.26 6.51
N LEU C 230 22.57 -25.20 5.72
CA LEU C 230 22.78 -25.01 4.29
C LEU C 230 21.93 -26.01 3.50
N PHE C 231 21.24 -25.53 2.47
CA PHE C 231 20.35 -26.38 1.67
C PHE C 231 20.92 -26.60 0.25
N PRO C 232 20.45 -27.66 -0.45
CA PRO C 232 20.96 -27.98 -1.80
C PRO C 232 20.89 -26.82 -2.80
N SER C 233 19.84 -26.02 -2.74
CA SER C 233 19.69 -24.88 -3.67
C SER C 233 20.70 -23.76 -3.41
N GLY C 234 21.36 -23.80 -2.26
CA GLY C 234 22.22 -22.70 -1.86
C GLY C 234 21.55 -21.84 -0.80
N ALA C 235 20.27 -22.10 -0.54
CA ALA C 235 19.56 -21.37 0.52
C ALA C 235 20.26 -21.61 1.86
N THR C 236 20.25 -20.58 2.72
CA THR C 236 20.80 -20.68 4.07
C THR C 236 19.77 -20.34 5.17
N ALA C 237 19.94 -20.91 6.36
CA ALA C 237 19.14 -20.49 7.50
C ALA C 237 20.03 -20.20 8.72
N ASN C 238 19.74 -19.11 9.40
CA ASN C 238 20.32 -18.78 10.72
C ASN C 238 19.21 -18.89 11.77
N CYS C 239 19.40 -19.74 12.77
CA CYS C 239 18.32 -20.06 13.71
C CYS C 239 18.73 -19.92 15.16
N VAL C 240 17.83 -19.37 15.97
CA VAL C 240 18.01 -19.26 17.42
C VAL C 240 17.03 -20.17 18.15
N SER C 241 17.55 -20.90 19.14
CA SER C 241 16.76 -21.71 20.07
C SER C 241 17.18 -21.32 21.49
N ALA C 242 16.24 -20.90 22.34
CA ALA C 242 16.61 -20.36 23.66
C ALA C 242 15.56 -20.60 24.76
N TYR C 243 16.07 -20.76 25.98
CA TYR C 243 15.25 -20.89 27.16
C TYR C 243 15.48 -19.67 28.08
N SER C 244 16.16 -18.64 27.58
CA SER C 244 16.43 -17.46 28.41
C SER C 244 16.14 -16.12 27.73
N VAL C 245 15.47 -16.15 26.59
CA VAL C 245 14.96 -14.92 25.98
C VAL C 245 13.61 -15.24 25.37
N ASN C 246 12.80 -14.22 25.15
CA ASN C 246 11.52 -14.40 24.47
C ASN C 246 11.62 -13.94 23.02
N CYS C 247 11.39 -14.86 22.08
CA CYS C 247 11.37 -14.51 20.68
C CYS C 247 10.51 -15.49 19.93
N ASN C 248 9.83 -15.02 18.88
CA ASN C 248 9.02 -15.91 18.06
C ASN C 248 8.82 -15.28 16.70
N ARG C 249 9.64 -15.66 15.72
CA ARG C 249 9.65 -14.90 14.47
C ARG C 249 10.43 -15.59 13.36
N TYR C 250 10.09 -15.24 12.12
CA TYR C 250 10.99 -15.54 11.02
C TYR C 250 10.83 -14.55 9.90
N ARG C 251 11.93 -14.37 9.15
CA ARG C 251 11.94 -13.64 7.90
C ARG C 251 12.57 -14.53 6.84
N VAL C 252 11.92 -14.64 5.69
CA VAL C 252 12.50 -15.39 4.59
C VAL C 252 12.72 -14.37 3.46
N SER C 253 13.91 -14.40 2.87
CA SER C 253 14.35 -13.38 1.90
C SER C 253 14.90 -13.96 0.59
N GLY C 254 14.64 -13.28 -0.52
CA GLY C 254 15.19 -13.63 -1.81
C GLY C 254 15.52 -12.34 -2.55
N PRO C 255 16.04 -12.46 -3.78
CA PRO C 255 16.48 -11.27 -4.54
C PRO C 255 15.35 -10.32 -4.86
N LYS C 256 14.12 -10.81 -4.93
CA LYS C 256 12.97 -9.95 -5.25
C LYS C 256 12.30 -9.30 -4.03
N GLY C 257 12.64 -9.74 -2.82
CA GLY C 257 12.03 -9.19 -1.64
C GLY C 257 11.98 -10.17 -0.47
N TRP C 258 11.25 -9.80 0.58
CA TRP C 258 11.15 -10.66 1.76
C TRP C 258 9.80 -10.57 2.46
N VAL C 259 9.53 -11.58 3.30
CA VAL C 259 8.32 -11.56 4.11
C VAL C 259 8.68 -12.10 5.50
N GLU C 260 8.14 -11.47 6.53
CA GLU C 260 8.37 -11.89 7.91
C GLU C 260 7.07 -11.97 8.73
N ILE C 261 7.09 -12.78 9.78
CA ILE C 261 5.95 -12.90 10.70
C ILE C 261 6.53 -12.81 12.10
N ASP C 262 5.92 -11.96 12.93
CA ASP C 262 6.36 -11.75 14.31
C ASP C 262 5.16 -11.25 15.13
N PRO C 263 4.60 -12.09 16.02
CA PRO C 263 5.00 -13.48 16.33
C PRO C 263 4.65 -14.42 15.17
N ALA C 264 5.42 -15.50 14.99
CA ALA C 264 5.23 -16.37 13.83
C ALA C 264 4.39 -17.61 14.11
N THR C 265 4.71 -18.28 15.22
CA THR C 265 4.15 -19.60 15.48
C THR C 265 3.45 -19.66 16.83
N SER C 266 2.98 -18.51 17.32
CA SER C 266 2.23 -18.46 18.56
C SER C 266 0.80 -19.01 18.40
N TYR C 267 0.09 -19.19 19.52
CA TYR C 267 -1.32 -19.63 19.49
C TYR C 267 -2.19 -18.61 18.76
N GLN C 268 -1.88 -17.33 18.97
CA GLN C 268 -2.63 -16.26 18.31
C GLN C 268 -1.73 -15.05 18.19
N GLY C 269 -2.20 -14.03 17.47
CA GLY C 269 -1.52 -12.74 17.45
C GLY C 269 -0.56 -12.50 16.30
N GLN C 270 -0.47 -13.45 15.36
CA GLN C 270 0.44 -13.34 14.23
C GLN C 270 0.26 -12.03 13.47
N ALA C 271 1.38 -11.43 13.07
CA ALA C 271 1.38 -10.21 12.24
C ALA C 271 2.47 -10.34 11.19
N MET C 272 2.10 -10.13 9.92
CA MET C 272 3.03 -10.30 8.81
C MET C 272 3.39 -8.95 8.20
N ARG C 273 4.64 -8.84 7.78
CA ARG C 273 5.14 -7.64 7.12
CA ARG C 273 5.13 -7.63 7.11
C ARG C 273 5.95 -8.08 5.91
N ALA C 274 5.83 -7.38 4.80
CA ALA C 274 6.56 -7.81 3.61
C ALA C 274 7.15 -6.65 2.85
N GLN C 275 8.29 -6.89 2.22
CA GLN C 275 8.92 -5.92 1.34
C GLN C 275 8.96 -6.56 -0.03
N LEU C 276 8.00 -6.23 -0.88
CA LEU C 276 7.90 -6.89 -2.18
C LEU C 276 7.92 -5.85 -3.29
N GLY C 277 6.75 -5.35 -3.66
CA GLY C 277 6.67 -4.34 -4.72
C GLY C 277 7.10 -2.95 -4.29
N GLY C 278 7.20 -2.73 -2.99
CA GLY C 278 7.64 -1.44 -2.48
C GLY C 278 8.35 -1.57 -1.14
N PRO C 279 8.37 -0.49 -0.34
CA PRO C 279 8.94 -0.52 1.00
C PRO C 279 8.20 -1.51 1.90
N PRO C 280 8.82 -1.92 3.02
CA PRO C 280 8.17 -2.83 3.98
C PRO C 280 6.81 -2.29 4.45
N ALA C 281 5.79 -3.15 4.42
CA ALA C 281 4.45 -2.76 4.84
C ALA C 281 3.71 -3.96 5.39
N PRO C 282 2.67 -3.73 6.23
CA PRO C 282 1.84 -4.87 6.65
C PRO C 282 1.23 -5.62 5.47
N ARG C 283 1.05 -6.92 5.62
CA ARG C 283 0.34 -7.70 4.64
C ARG C 283 -0.62 -8.63 5.36
N GLU C 284 -1.86 -8.69 4.89
CA GLU C 284 -2.87 -9.57 5.46
C GLU C 284 -2.93 -10.85 4.66
N PRO C 285 -2.85 -12.00 5.35
CA PRO C 285 -2.89 -13.28 4.62
C PRO C 285 -4.29 -13.62 4.13
N ALA C 286 -4.39 -14.50 3.13
CA ALA C 286 -5.67 -15.08 2.74
C ALA C 286 -6.35 -15.70 3.97
N PRO C 287 -7.65 -15.43 4.16
CA PRO C 287 -8.31 -15.97 5.34
C PRO C 287 -8.53 -17.48 5.27
N GLN C 288 -8.53 -18.14 6.43
CA GLN C 288 -8.74 -19.57 6.53
C GLN C 288 -10.07 -19.84 7.24
N PRO C 289 -10.79 -20.91 6.85
CA PRO C 289 -12.09 -21.26 7.43
C PRO C 289 -12.07 -21.54 8.94
N LYS C 290 -11.04 -22.23 9.41
CA LYS C 290 -10.91 -22.58 10.83
C LYS C 290 -9.56 -22.16 11.35
N ASN C 291 -9.50 -22.00 12.67
CA ASN C 291 -8.25 -21.76 13.37
C ASN C 291 -7.28 -22.94 13.21
N GLN C 292 -6.01 -22.72 13.55
CA GLN C 292 -4.95 -23.71 13.28
C GLN C 292 -5.16 -25.04 14.04
N PHE C 293 -5.74 -24.95 15.24
CA PHE C 293 -5.95 -26.14 16.07
C PHE C 293 -7.04 -27.03 15.49
N SER C 294 -8.22 -26.46 15.27
CA SER C 294 -9.33 -27.19 14.64
C SER C 294 -8.95 -27.68 13.25
N ALA C 295 -8.21 -26.87 12.50
CA ALA C 295 -7.78 -27.29 11.17
C ALA C 295 -6.84 -28.48 11.23
N GLN C 296 -5.96 -28.49 12.22
CA GLN C 296 -5.02 -29.61 12.41
C GLN C 296 -5.77 -30.91 12.73
N LEU C 297 -6.69 -30.83 13.69
CA LEU C 297 -7.52 -31.98 14.06
C LEU C 297 -8.28 -32.53 12.87
N ASP C 298 -8.93 -31.63 12.12
CA ASP C 298 -9.69 -32.06 10.96
C ASP C 298 -8.83 -32.63 9.84
N HIS C 299 -7.56 -32.23 9.76
CA HIS C 299 -6.72 -32.70 8.66
C HIS C 299 -6.50 -34.20 8.73
N LEU C 300 -6.20 -34.71 9.92
CA LEU C 300 -6.00 -36.14 10.09
C LEU C 300 -7.29 -36.90 9.77
N SER C 301 -8.41 -36.41 10.30
CA SER C 301 -9.71 -37.05 10.10
C SER C 301 -10.07 -37.12 8.62
N GLU C 302 -9.89 -36.01 7.91
CA GLU C 302 -10.15 -35.98 6.47
C GLU C 302 -9.21 -36.93 5.72
N CYS C 303 -7.95 -36.99 6.14
CA CYS C 303 -7.00 -37.91 5.52
C CYS C 303 -7.46 -39.36 5.66
N ILE C 304 -7.92 -39.70 6.84
CA ILE C 304 -8.44 -41.05 7.09
C ILE C 304 -9.69 -41.31 6.23
N LEU C 305 -10.60 -40.35 6.21
CA LEU C 305 -11.86 -40.53 5.51
C LEU C 305 -11.70 -40.65 3.99
N THR C 306 -10.70 -39.98 3.43
CA THR C 306 -10.50 -39.98 1.99
C THR C 306 -9.31 -40.82 1.54
N GLY C 307 -8.64 -41.46 2.50
CA GLY C 307 -7.49 -42.29 2.18
C GLY C 307 -6.28 -41.55 1.66
N ARG C 308 -6.00 -40.38 2.23
CA ARG C 308 -4.82 -39.60 1.85
C ARG C 308 -3.82 -39.55 2.99
N GLU C 309 -2.59 -39.13 2.68
CA GLU C 309 -1.54 -38.98 3.68
C GLU C 309 -1.47 -37.55 4.22
N PRO C 310 -1.30 -37.41 5.55
CA PRO C 310 -1.16 -36.10 6.19
C PRO C 310 0.02 -35.31 5.61
N ILE C 311 -0.11 -34.00 5.50
CA ILE C 311 0.99 -33.18 4.95
C ILE C 311 2.14 -33.13 5.95
N VAL C 312 1.83 -33.37 7.22
CA VAL C 312 2.86 -33.48 8.26
C VAL C 312 2.84 -34.86 8.93
N GLY C 313 3.21 -35.87 8.15
CA GLY C 313 3.24 -37.25 8.61
C GLY C 313 4.45 -37.56 9.47
N GLY C 314 4.61 -38.82 9.83
CA GLY C 314 5.72 -39.23 10.68
C GLY C 314 7.08 -38.89 10.09
N ASP C 315 7.17 -38.94 8.77
CA ASP C 315 8.43 -38.65 8.11
C ASP C 315 8.87 -37.21 8.34
N ASP C 316 7.90 -36.31 8.50
CA ASP C 316 8.21 -34.90 8.78
C ASP C 316 8.85 -34.78 10.16
N GLY C 317 8.28 -35.45 11.16
CA GLY C 317 8.87 -35.44 12.49
C GLY C 317 10.25 -36.09 12.52
N LEU C 318 10.40 -37.18 11.78
CA LEU C 318 11.69 -37.87 11.68
C LEU C 318 12.76 -36.98 11.04
N LYS C 319 12.38 -36.24 10.01
CA LYS C 319 13.34 -35.35 9.36
C LYS C 319 13.81 -34.24 10.31
N ASP C 320 12.93 -33.76 11.19
CA ASP C 320 13.37 -32.80 12.20
C ASP C 320 14.36 -33.46 13.19
N LEU C 321 14.05 -34.67 13.67
CA LEU C 321 14.97 -35.30 14.61
C LEU C 321 16.34 -35.61 14.00
N ARG C 322 16.39 -35.98 12.71
CA ARG C 322 17.68 -36.15 12.03
C ARG C 322 18.53 -34.89 12.08
N VAL C 323 17.91 -33.74 11.78
CA VAL C 323 18.67 -32.51 11.84
C VAL C 323 19.00 -32.13 13.29
N ILE C 324 18.08 -32.37 14.23
CA ILE C 324 18.33 -32.07 15.64
C ILE C 324 19.54 -32.87 16.14
N GLU C 325 19.62 -34.14 15.78
CA GLU C 325 20.79 -34.93 16.13
C GLU C 325 22.09 -34.34 15.58
N ALA C 326 22.03 -33.83 14.35
CA ALA C 326 23.19 -33.20 13.71
C ALA C 326 23.55 -31.87 14.38
N ILE C 327 22.54 -31.12 14.81
CA ILE C 327 22.76 -29.84 15.53
C ILE C 327 23.48 -30.06 16.85
N TYR C 328 23.00 -31.01 17.64
CA TYR C 328 23.66 -31.34 18.89
C TYR C 328 25.11 -31.82 18.62
N ARG C 329 25.30 -32.63 17.58
CA ARG C 329 26.65 -33.11 17.28
C ARG C 329 27.58 -31.96 16.87
N ALA C 330 27.07 -31.03 16.08
CA ALA C 330 27.87 -29.90 15.57
C ALA C 330 28.34 -29.01 16.71
N ALA C 331 27.47 -28.81 17.68
CA ALA C 331 27.81 -27.98 18.85
C ALA C 331 28.83 -28.71 19.71
N ARG C 332 28.64 -30.00 19.85
CA ARG C 332 29.52 -30.84 20.66
C ARG C 332 30.94 -30.94 20.08
N GLU C 333 31.03 -31.18 18.77
CA GLU C 333 32.30 -31.40 18.13
C GLU C 333 32.94 -30.14 17.53
N GLY C 334 32.20 -29.04 17.48
CA GLY C 334 32.78 -27.83 16.90
C GLY C 334 33.13 -27.97 15.44
N ARG C 335 32.23 -28.59 14.67
CA ARG C 335 32.46 -28.74 13.25
C ARG C 335 31.16 -28.75 12.47
N THR C 336 31.29 -28.51 11.17
CA THR C 336 30.16 -28.58 10.26
C THR C 336 29.80 -30.05 10.04
N VAL C 337 28.55 -30.40 10.32
CA VAL C 337 28.09 -31.78 10.17
C VAL C 337 27.34 -31.92 8.86
N LYS C 338 27.74 -32.90 8.06
CA LYS C 338 27.15 -33.12 6.75
C LYS C 338 25.97 -34.09 6.83
N LEU C 339 24.90 -33.76 6.14
CA LEU C 339 23.71 -34.61 6.07
C LEU C 339 23.44 -35.02 4.63
N ARG D 5 -11.24 -36.40 -26.92
CA ARG D 5 -11.23 -35.47 -25.79
C ARG D 5 -9.93 -34.66 -25.78
N LYS D 6 -8.85 -35.26 -26.26
CA LYS D 6 -7.58 -34.55 -26.42
C LYS D 6 -7.17 -34.47 -27.88
N LEU D 7 -7.08 -33.25 -28.42
CA LEU D 7 -6.62 -33.07 -29.79
C LEU D 7 -5.11 -33.12 -29.86
N GLY D 8 -4.58 -33.63 -30.97
CA GLY D 8 -3.15 -33.83 -31.09
C GLY D 8 -2.42 -32.68 -31.76
N TYR D 9 -1.31 -32.27 -31.15
CA TYR D 9 -0.47 -31.18 -31.65
C TYR D 9 0.79 -31.69 -32.34
N ALA D 10 1.08 -31.13 -33.51
CA ALA D 10 2.41 -31.24 -34.10
C ALA D 10 3.17 -29.96 -33.83
N ILE D 11 4.32 -30.06 -33.16
CA ILE D 11 5.16 -28.90 -32.91
C ILE D 11 6.20 -28.76 -34.02
N LEU D 12 6.19 -27.61 -34.68
CA LEU D 12 7.04 -27.38 -35.83
C LEU D 12 8.07 -26.29 -35.55
N GLY D 13 9.34 -26.67 -35.56
CA GLY D 13 10.42 -25.76 -35.20
C GLY D 13 10.83 -25.98 -33.76
N LEU D 14 11.76 -26.89 -33.52
CA LEU D 14 12.08 -27.29 -32.16
C LEU D 14 13.20 -26.40 -31.59
N GLY D 15 12.90 -25.13 -31.40
CA GLY D 15 13.86 -24.19 -30.85
C GLY D 15 13.61 -23.93 -29.37
N TYR D 16 14.04 -22.77 -28.89
CA TYR D 16 13.94 -22.44 -27.48
C TYR D 16 12.52 -22.43 -26.95
N TYR D 17 11.64 -21.66 -27.60
CA TYR D 17 10.28 -21.52 -27.10
C TYR D 17 9.54 -22.86 -27.16
N ALA D 18 9.67 -23.56 -28.28
CA ALA D 18 9.02 -24.86 -28.43
C ALA D 18 9.45 -25.86 -27.35
N THR D 19 10.76 -26.04 -27.19
CA THR D 19 11.27 -27.11 -26.31
C THR D 19 11.40 -26.74 -24.84
N ARG D 20 11.74 -25.48 -24.54
CA ARG D 20 11.93 -25.09 -23.13
C ARG D 20 10.64 -24.64 -22.47
N ILE D 21 9.75 -24.00 -23.24
CA ILE D 21 8.56 -23.38 -22.66
C ILE D 21 7.25 -24.11 -22.98
N ILE D 22 6.98 -24.42 -24.25
CA ILE D 22 5.68 -24.98 -24.64
C ILE D 22 5.54 -26.48 -24.37
N MET D 23 6.48 -27.27 -24.83
CA MET D 23 6.35 -28.72 -24.75
C MET D 23 6.18 -29.26 -23.31
N PRO D 24 6.89 -28.68 -22.32
CA PRO D 24 6.62 -29.15 -20.95
C PRO D 24 5.23 -28.82 -20.40
N ARG D 25 4.47 -27.97 -21.09
CA ARG D 25 3.20 -27.51 -20.54
C ARG D 25 2.00 -28.30 -21.07
N PHE D 26 2.23 -29.29 -21.93
CA PHE D 26 1.14 -30.20 -22.28
C PHE D 26 0.71 -30.99 -21.05
N ALA D 27 1.61 -31.06 -20.06
CA ALA D 27 1.36 -31.76 -18.81
C ALA D 27 0.09 -31.29 -18.12
N GLU D 28 -0.22 -30.00 -18.19
CA GLU D 28 -1.40 -29.48 -17.50
C GLU D 28 -2.61 -29.29 -18.41
N CYS D 29 -2.50 -29.72 -19.67
CA CYS D 29 -3.64 -29.58 -20.58
C CYS D 29 -4.71 -30.63 -20.33
N GLU D 30 -5.96 -30.25 -20.58
CA GLU D 30 -7.07 -31.17 -20.41
C GLU D 30 -7.64 -31.61 -21.76
N HIS D 31 -7.26 -30.93 -22.84
CA HIS D 31 -7.86 -31.21 -24.14
C HIS D 31 -6.86 -31.22 -25.27
N SER D 32 -5.58 -31.26 -24.92
CA SER D 32 -4.50 -31.23 -25.89
C SER D 32 -3.45 -32.24 -25.52
N ARG D 33 -2.86 -32.88 -26.52
CA ARG D 33 -1.70 -33.75 -26.29
C ARG D 33 -0.66 -33.53 -27.38
N LEU D 34 0.59 -33.82 -27.04
CA LEU D 34 1.67 -33.76 -28.00
C LEU D 34 1.63 -35.03 -28.85
N ALA D 35 1.51 -34.86 -30.18
CA ALA D 35 1.34 -36.02 -31.05
C ALA D 35 2.47 -36.19 -32.07
N ALA D 36 3.13 -35.10 -32.45
CA ALA D 36 4.14 -35.17 -33.51
C ALA D 36 5.17 -34.05 -33.44
N LEU D 37 6.33 -34.30 -34.05
CA LEU D 37 7.41 -33.33 -34.12
C LEU D 37 7.82 -33.08 -35.56
N VAL D 38 8.04 -31.82 -35.91
CA VAL D 38 8.52 -31.44 -37.23
C VAL D 38 9.75 -30.55 -37.09
N SER D 39 10.88 -31.01 -37.63
CA SER D 39 12.16 -30.36 -37.40
C SER D 39 13.11 -30.47 -38.58
N GLY D 40 13.96 -29.47 -38.75
CA GLY D 40 14.97 -29.48 -39.79
C GLY D 40 16.28 -30.06 -39.27
N THR D 41 16.23 -30.53 -38.03
CA THR D 41 17.41 -31.09 -37.37
C THR D 41 17.13 -32.53 -36.95
N PRO D 42 17.75 -33.50 -37.65
CA PRO D 42 17.52 -34.92 -37.35
C PRO D 42 17.76 -35.26 -35.87
N GLU D 43 18.82 -34.71 -35.27
CA GLU D 43 19.12 -35.02 -33.87
C GLU D 43 17.99 -34.62 -32.93
N LYS D 44 17.38 -33.47 -33.17
CA LYS D 44 16.28 -33.01 -32.32
C LYS D 44 15.09 -33.96 -32.40
N LEU D 45 14.81 -34.46 -33.61
CA LEU D 45 13.72 -35.42 -33.76
C LEU D 45 14.00 -36.69 -32.96
N LYS D 46 15.27 -37.07 -32.85
CA LYS D 46 15.64 -38.23 -32.05
C LYS D 46 15.52 -37.91 -30.56
N THR D 47 16.21 -36.86 -30.13
CA THR D 47 16.23 -36.46 -28.72
C THR D 47 14.83 -36.26 -28.13
N TYR D 48 14.04 -35.40 -28.76
CA TYR D 48 12.73 -35.05 -28.20
C TYR D 48 11.69 -36.13 -28.50
N GLY D 49 11.92 -36.89 -29.57
CA GLY D 49 11.02 -37.99 -29.87
C GLY D 49 11.12 -39.07 -28.81
N GLU D 50 12.35 -39.35 -28.42
CA GLU D 50 12.61 -40.32 -27.36
C GLU D 50 12.12 -39.79 -26.01
N GLN D 51 12.42 -38.53 -25.72
CA GLN D 51 12.01 -37.93 -24.45
C GLN D 51 10.49 -37.92 -24.26
N TYR D 52 9.74 -37.58 -25.31
CA TYR D 52 8.29 -37.46 -25.17
C TYR D 52 7.54 -38.68 -25.71
N GLY D 53 8.29 -39.70 -26.12
CA GLY D 53 7.68 -40.93 -26.60
C GLY D 53 6.94 -40.72 -27.90
N ILE D 54 7.56 -39.98 -28.81
CA ILE D 54 6.99 -39.76 -30.13
C ILE D 54 7.56 -40.79 -31.09
N PRO D 55 6.70 -41.66 -31.62
CA PRO D 55 7.12 -42.72 -32.54
C PRO D 55 7.73 -42.14 -33.81
N GLU D 56 8.64 -42.88 -34.43
CA GLU D 56 9.33 -42.42 -35.64
C GLU D 56 8.36 -42.10 -36.77
N THR D 57 7.21 -42.77 -36.78
CA THR D 57 6.18 -42.50 -37.78
C THR D 57 5.58 -41.09 -37.60
N HIS D 58 5.77 -40.51 -36.42
CA HIS D 58 5.19 -39.20 -36.09
C HIS D 58 6.25 -38.11 -36.01
N ARG D 59 7.42 -38.39 -36.58
CA ARG D 59 8.50 -37.41 -36.69
C ARG D 59 8.69 -37.01 -38.14
N TYR D 60 8.71 -35.71 -38.40
CA TYR D 60 8.81 -35.19 -39.76
C TYR D 60 9.95 -34.22 -39.91
N SER D 61 10.57 -34.22 -41.08
CA SER D 61 11.47 -33.14 -41.46
C SER D 61 10.64 -32.10 -42.22
N TYR D 62 11.26 -30.97 -42.55
CA TYR D 62 10.58 -29.98 -43.39
C TYR D 62 10.34 -30.53 -44.80
N GLU D 63 11.19 -31.45 -45.23
CA GLU D 63 11.03 -32.06 -46.55
C GLU D 63 9.84 -33.01 -46.63
N THR D 64 9.54 -33.68 -45.53
CA THR D 64 8.45 -34.66 -45.53
C THR D 64 7.17 -34.15 -44.86
N PHE D 65 7.18 -32.88 -44.43
CA PHE D 65 6.10 -32.33 -43.63
C PHE D 65 4.72 -32.48 -44.27
N ASP D 66 4.63 -32.29 -45.58
CA ASP D 66 3.33 -32.35 -46.25
C ASP D 66 2.67 -33.73 -46.12
N ARG D 67 3.47 -34.76 -45.85
CA ARG D 67 2.92 -36.10 -45.62
C ARG D 67 2.02 -36.18 -44.38
N ILE D 68 2.10 -35.19 -43.49
CA ILE D 68 1.32 -35.19 -42.27
C ILE D 68 -0.20 -35.20 -42.54
N ILE D 69 -0.59 -34.90 -43.78
CA ILE D 69 -1.99 -34.97 -44.19
C ILE D 69 -2.58 -36.38 -44.00
N ASP D 70 -1.73 -37.40 -43.99
CA ASP D 70 -2.17 -38.78 -43.84
C ASP D 70 -2.14 -39.26 -42.39
N ASN D 71 -1.77 -38.37 -41.46
CA ASN D 71 -1.67 -38.70 -40.03
C ASN D 71 -2.89 -38.19 -39.25
N PRO D 72 -3.84 -39.09 -38.95
CA PRO D 72 -5.06 -38.65 -38.26
C PRO D 72 -4.84 -38.38 -36.76
N ASP D 73 -3.65 -38.67 -36.25
CA ASP D 73 -3.31 -38.34 -34.86
C ASP D 73 -3.01 -36.85 -34.68
N VAL D 74 -2.71 -36.16 -35.79
CA VAL D 74 -2.40 -34.74 -35.74
C VAL D 74 -3.63 -33.92 -36.13
N ASP D 75 -4.06 -33.03 -35.24
CA ASP D 75 -5.18 -32.14 -35.54
C ASP D 75 -4.69 -30.71 -35.79
N ILE D 76 -3.62 -30.35 -35.10
CA ILE D 76 -3.12 -28.97 -35.06
C ILE D 76 -1.62 -28.93 -35.28
N VAL D 77 -1.17 -28.05 -36.18
CA VAL D 77 0.25 -27.75 -36.29
C VAL D 77 0.53 -26.42 -35.59
N TYR D 78 1.56 -26.42 -34.74
CA TYR D 78 1.95 -25.21 -34.00
C TYR D 78 3.27 -24.73 -34.58
N VAL D 79 3.23 -23.63 -35.33
CA VAL D 79 4.43 -23.12 -36.01
C VAL D 79 5.26 -22.20 -35.12
N ILE D 80 6.47 -22.65 -34.77
CA ILE D 80 7.34 -21.89 -33.85
C ILE D 80 8.75 -21.70 -34.44
N THR D 81 8.77 -21.12 -35.65
CA THR D 81 9.98 -20.85 -36.42
C THR D 81 10.31 -19.36 -36.42
N PRO D 82 11.44 -18.97 -37.06
CA PRO D 82 11.62 -17.53 -37.29
C PRO D 82 10.43 -16.93 -38.04
N ASN D 83 10.23 -15.62 -37.86
CA ASN D 83 9.04 -14.94 -38.34
C ASN D 83 8.78 -15.08 -39.85
N SER D 84 9.84 -15.03 -40.65
CA SER D 84 9.69 -15.06 -42.11
C SER D 84 9.22 -16.41 -42.63
N LEU D 85 9.22 -17.40 -41.76
CA LEU D 85 8.77 -18.74 -42.13
C LEU D 85 7.37 -19.08 -41.64
N HIS D 86 6.73 -18.14 -40.91
CA HIS D 86 5.39 -18.39 -40.40
C HIS D 86 4.38 -18.62 -41.55
N ARG D 87 4.43 -17.76 -42.57
CA ARG D 87 3.45 -17.88 -43.65
C ARG D 87 3.58 -19.22 -44.42
N PRO D 88 4.79 -19.58 -44.92
CA PRO D 88 4.81 -20.82 -45.72
C PRO D 88 4.48 -22.09 -44.92
N PHE D 89 4.90 -22.18 -43.66
CA PHE D 89 4.56 -23.37 -42.90
C PHE D 89 3.07 -23.42 -42.52
N THR D 90 2.48 -22.26 -42.27
CA THR D 90 1.05 -22.18 -41.98
C THR D 90 0.23 -22.60 -43.20
N GLU D 91 0.62 -22.12 -44.38
CA GLU D 91 -0.09 -22.46 -45.61
C GLU D 91 0.01 -23.96 -45.91
N ARG D 92 1.19 -24.52 -45.72
CA ARG D 92 1.37 -25.96 -45.92
C ARG D 92 0.58 -26.79 -44.91
N ALA D 93 0.50 -26.32 -43.67
CA ALA D 93 -0.29 -27.02 -42.66
C ALA D 93 -1.79 -27.00 -42.99
N ALA D 94 -2.28 -25.87 -43.46
CA ALA D 94 -3.67 -25.74 -43.87
C ALA D 94 -3.98 -26.67 -45.05
N ARG D 95 -3.10 -26.70 -46.03
CA ARG D 95 -3.30 -27.57 -47.19
C ARG D 95 -3.20 -29.05 -46.81
N ALA D 96 -2.55 -29.34 -45.69
CA ALA D 96 -2.52 -30.71 -45.18
C ALA D 96 -3.73 -31.01 -44.28
N GLY D 97 -4.71 -30.12 -44.28
CA GLY D 97 -5.94 -30.35 -43.53
C GLY D 97 -5.85 -30.12 -42.03
N LYS D 98 -4.83 -29.39 -41.59
CA LYS D 98 -4.62 -29.17 -40.17
C LYS D 98 -5.04 -27.78 -39.71
N HIS D 99 -5.57 -27.71 -38.49
CA HIS D 99 -5.76 -26.43 -37.80
C HIS D 99 -4.39 -25.87 -37.44
N VAL D 100 -4.28 -24.56 -37.22
CA VAL D 100 -2.95 -23.97 -37.02
C VAL D 100 -2.89 -23.03 -35.82
N MET D 101 -1.92 -23.26 -34.96
CA MET D 101 -1.48 -22.28 -33.96
C MET D 101 -0.19 -21.66 -34.51
N CYS D 102 -0.18 -20.35 -34.72
CA CYS D 102 1.03 -19.67 -35.21
C CYS D 102 1.58 -18.68 -34.19
N GLU D 103 2.90 -18.71 -33.96
CA GLU D 103 3.47 -17.77 -32.99
C GLU D 103 3.41 -16.33 -33.50
N LYS D 104 3.58 -15.38 -32.58
CA LYS D 104 3.67 -13.97 -32.96
C LYS D 104 5.13 -13.65 -33.32
N PRO D 105 5.35 -12.56 -34.08
CA PRO D 105 4.36 -11.80 -34.85
C PRO D 105 3.81 -12.72 -35.95
N MET D 106 2.55 -12.55 -36.34
CA MET D 106 1.90 -13.47 -37.27
C MET D 106 2.75 -13.71 -38.53
N ALA D 107 3.18 -12.62 -39.15
CA ALA D 107 4.03 -12.69 -40.34
C ALA D 107 4.71 -11.34 -40.54
N ASN D 108 5.50 -11.21 -41.61
CA ASN D 108 6.27 -9.99 -41.86
C ASN D 108 5.44 -8.80 -42.31
N THR D 109 4.33 -9.07 -43.00
CA THR D 109 3.53 -7.99 -43.59
C THR D 109 2.04 -8.27 -43.48
N VAL D 110 1.25 -7.22 -43.69
CA VAL D 110 -0.20 -7.31 -43.78
C VAL D 110 -0.60 -8.32 -44.86
N ALA D 111 -0.01 -8.19 -46.05
CA ALA D 111 -0.29 -9.11 -47.17
C ALA D 111 -0.01 -10.56 -46.81
N ASP D 112 1.08 -10.83 -46.10
CA ASP D 112 1.35 -12.19 -45.65
C ASP D 112 0.27 -12.72 -44.68
N CYS D 113 -0.19 -11.88 -43.75
CA CYS D 113 -1.27 -12.29 -42.83
C CYS D 113 -2.55 -12.61 -43.58
N GLU D 114 -2.85 -11.78 -44.57
CA GLU D 114 -4.07 -11.96 -45.36
C GLU D 114 -4.03 -13.28 -46.12
N ALA D 115 -2.86 -13.61 -46.64
CA ALA D 115 -2.67 -14.88 -47.35
C ALA D 115 -2.84 -16.08 -46.40
N MET D 116 -2.30 -15.97 -45.19
CA MET D 116 -2.45 -17.05 -44.20
C MET D 116 -3.91 -17.27 -43.81
N ILE D 117 -4.64 -16.18 -43.58
CA ILE D 117 -6.06 -16.24 -43.24
C ILE D 117 -6.86 -16.89 -44.37
N ALA D 118 -6.57 -16.48 -45.60
CA ALA D 118 -7.22 -17.01 -46.79
C ALA D 118 -7.00 -18.52 -46.95
N ALA D 119 -5.77 -18.97 -46.69
CA ALA D 119 -5.45 -20.39 -46.83
C ALA D 119 -6.21 -21.24 -45.80
N CYS D 120 -6.26 -20.80 -44.56
CA CYS D 120 -6.97 -21.57 -43.54
C CYS D 120 -8.47 -21.56 -43.79
N LYS D 121 -8.99 -20.44 -44.29
CA LYS D 121 -10.40 -20.35 -44.59
C LYS D 121 -10.75 -21.30 -45.75
N LYS D 122 -9.88 -21.34 -46.75
CA LYS D 122 -10.05 -22.25 -47.88
C LYS D 122 -10.07 -23.71 -47.44
N ALA D 123 -9.22 -24.03 -46.48
CA ALA D 123 -9.12 -25.38 -45.94
C ALA D 123 -10.22 -25.72 -44.94
N GLY D 124 -11.02 -24.72 -44.55
CA GLY D 124 -12.03 -24.91 -43.52
C GLY D 124 -11.41 -25.30 -42.19
N ARG D 125 -10.30 -24.66 -41.84
CA ARG D 125 -9.61 -24.98 -40.60
C ARG D 125 -9.38 -23.71 -39.78
N LYS D 126 -9.29 -23.87 -38.47
CA LYS D 126 -9.17 -22.72 -37.59
C LYS D 126 -7.72 -22.26 -37.47
N LEU D 127 -7.55 -20.97 -37.22
CA LEU D 127 -6.24 -20.36 -37.08
C LEU D 127 -6.21 -19.51 -35.82
N MET D 128 -5.16 -19.68 -35.02
CA MET D 128 -5.02 -18.91 -33.78
C MET D 128 -3.58 -18.40 -33.66
N ILE D 129 -3.42 -17.19 -33.14
CA ILE D 129 -2.10 -16.62 -32.92
C ILE D 129 -1.72 -16.74 -31.44
N GLY D 130 -0.46 -17.05 -31.17
CA GLY D 130 0.00 -17.30 -29.81
C GLY D 130 0.14 -16.09 -28.89
N TYR D 131 -0.96 -15.39 -28.67
CA TYR D 131 -0.98 -14.27 -27.71
C TYR D 131 -1.35 -14.81 -26.31
N ARG D 132 -0.40 -15.52 -25.70
CA ARG D 132 -0.63 -16.21 -24.43
C ARG D 132 -1.09 -15.29 -23.29
N SER D 133 -0.78 -14.00 -23.37
CA SER D 133 -1.13 -13.08 -22.30
C SER D 133 -2.64 -12.99 -22.08
N ARG D 134 -3.42 -13.27 -23.12
CA ARG D 134 -4.88 -13.23 -23.00
C ARG D 134 -5.41 -14.36 -22.11
N PHE D 135 -4.52 -15.28 -21.72
CA PHE D 135 -4.90 -16.40 -20.86
C PHE D 135 -4.18 -16.34 -19.52
N GLN D 136 -3.50 -15.22 -19.27
CA GLN D 136 -2.69 -15.04 -18.07
C GLN D 136 -3.52 -14.29 -17.01
N ALA D 137 -3.47 -14.75 -15.76
CA ALA D 137 -4.38 -14.30 -14.70
C ALA D 137 -4.42 -12.79 -14.45
N HIS D 138 -3.24 -12.17 -14.34
CA HIS D 138 -3.17 -10.74 -14.11
C HIS D 138 -3.70 -9.92 -15.30
N ASN D 139 -3.38 -10.33 -16.52
CA ASN D 139 -3.91 -9.66 -17.71
C ASN D 139 -5.43 -9.78 -17.81
N ILE D 140 -5.96 -10.96 -17.49
CA ILE D 140 -7.39 -11.16 -17.55
C ILE D 140 -8.10 -10.25 -16.53
N GLU D 141 -7.49 -10.08 -15.36
CA GLU D 141 -8.01 -9.20 -14.32
C GLU D 141 -7.98 -7.72 -14.74
N ALA D 142 -6.92 -7.30 -15.42
CA ALA D 142 -6.84 -5.92 -15.92
C ALA D 142 -7.93 -5.63 -16.96
N ILE D 143 -8.12 -6.54 -17.89
CA ILE D 143 -9.18 -6.44 -18.87
C ILE D 143 -10.55 -6.38 -18.19
N LYS D 144 -10.74 -7.21 -17.16
CA LYS D 144 -12.00 -7.24 -16.44
C LYS D 144 -12.29 -5.90 -15.75
N LEU D 145 -11.29 -5.34 -15.08
CA LEU D 145 -11.45 -4.05 -14.41
C LEU D 145 -11.85 -2.96 -15.41
N VAL D 146 -11.21 -2.94 -16.57
CA VAL D 146 -11.59 -2.00 -17.63
C VAL D 146 -13.05 -2.23 -18.07
N ARG D 147 -13.38 -3.47 -18.42
CA ARG D 147 -14.70 -3.76 -18.98
C ARG D 147 -15.83 -3.57 -17.96
N ASP D 148 -15.52 -3.77 -16.68
CA ASP D 148 -16.51 -3.55 -15.62
C ASP D 148 -16.69 -2.08 -15.25
N GLY D 149 -15.90 -1.20 -15.87
CA GLY D 149 -16.02 0.23 -15.62
C GLY D 149 -15.29 0.73 -14.37
N ALA D 150 -14.40 -0.08 -13.81
CA ALA D 150 -13.70 0.27 -12.57
C ALA D 150 -12.83 1.52 -12.73
N LEU D 151 -12.40 1.79 -13.95
CA LEU D 151 -11.51 2.93 -14.19
C LEU D 151 -12.23 4.11 -14.81
N GLY D 152 -13.48 3.89 -15.23
CA GLY D 152 -14.15 4.86 -16.08
C GLY D 152 -13.67 4.64 -17.50
N PRO D 153 -13.98 5.57 -18.41
CA PRO D 153 -13.45 5.43 -19.77
C PRO D 153 -11.93 5.42 -19.78
N VAL D 154 -11.32 4.51 -20.53
CA VAL D 154 -9.86 4.48 -20.63
C VAL D 154 -9.37 5.78 -21.24
N ARG D 155 -8.42 6.43 -20.57
CA ARG D 155 -7.83 7.64 -21.11
C ARG D 155 -6.40 7.42 -21.58
N THR D 156 -5.60 6.69 -20.80
CA THR D 156 -4.22 6.43 -21.20
C THR D 156 -3.81 4.97 -20.98
N VAL D 157 -3.01 4.46 -21.90
CA VAL D 157 -2.28 3.21 -21.69
C VAL D 157 -0.81 3.52 -21.86
N VAL D 158 0.00 3.26 -20.83
CA VAL D 158 1.43 3.52 -20.94
C VAL D 158 2.12 2.17 -20.77
N THR D 159 2.79 1.71 -21.82
CA THR D 159 3.30 0.35 -21.85
C THR D 159 4.67 0.27 -22.52
N ASP D 160 5.59 -0.44 -21.85
CA ASP D 160 6.97 -0.54 -22.30
C ASP D 160 7.39 -2.00 -22.34
N HIS D 161 7.93 -2.42 -23.48
CA HIS D 161 8.46 -3.77 -23.65
C HIS D 161 9.81 -3.73 -24.35
N GLY D 162 10.81 -4.33 -23.71
CA GLY D 162 12.15 -4.37 -24.26
C GLY D 162 13.02 -5.36 -23.53
N PHE D 163 14.06 -5.84 -24.20
CA PHE D 163 15.15 -6.55 -23.51
C PHE D 163 16.49 -6.24 -24.18
N THR D 164 17.57 -6.39 -23.43
CA THR D 164 18.90 -6.15 -23.96
C THR D 164 19.35 -7.35 -24.79
N ILE D 165 19.14 -7.31 -26.10
CA ILE D 165 19.42 -8.49 -26.91
C ILE D 165 20.93 -8.71 -27.04
N GLY D 166 21.36 -9.97 -27.17
CA GLY D 166 22.78 -10.27 -27.15
C GLY D 166 23.44 -10.56 -28.49
N ASP D 167 23.54 -11.84 -28.81
CA ASP D 167 24.31 -12.32 -29.96
C ASP D 167 23.87 -11.71 -31.31
N PRO D 168 24.76 -10.93 -31.93
CA PRO D 168 24.49 -10.24 -33.20
C PRO D 168 24.18 -11.16 -34.37
N LYS D 169 24.47 -12.45 -34.23
CA LYS D 169 24.32 -13.38 -35.35
C LYS D 169 22.98 -14.10 -35.38
N GLN D 170 22.17 -13.94 -34.33
CA GLN D 170 20.91 -14.67 -34.23
C GLN D 170 19.89 -14.16 -35.25
N TRP D 171 18.88 -14.98 -35.54
CA TRP D 171 17.95 -14.65 -36.63
C TRP D 171 17.16 -13.38 -36.36
N ARG D 172 16.94 -13.04 -35.09
CA ARG D 172 16.15 -11.87 -34.74
C ARG D 172 16.79 -10.58 -35.25
N LEU D 173 18.09 -10.61 -35.49
CA LEU D 173 18.81 -9.42 -35.94
C LEU D 173 19.15 -9.49 -37.43
N ASN D 174 18.53 -10.45 -38.12
CA ASN D 174 18.67 -10.68 -39.56
C ASN D 174 17.34 -10.36 -40.24
N ARG D 175 17.29 -9.30 -41.04
CA ARG D 175 16.02 -8.82 -41.58
C ARG D 175 15.31 -9.88 -42.43
N ALA D 176 16.07 -10.65 -43.21
CA ALA D 176 15.49 -11.69 -44.06
C ALA D 176 14.69 -12.72 -43.25
N LEU D 177 15.11 -12.98 -42.01
CA LEU D 177 14.43 -13.97 -41.17
C LEU D 177 13.46 -13.39 -40.13
N ALA D 178 13.72 -12.15 -39.69
CA ALA D 178 12.93 -11.53 -38.61
C ALA D 178 11.83 -10.61 -39.10
N GLY D 179 12.05 -10.01 -40.28
CA GLY D 179 11.08 -9.08 -40.86
C GLY D 179 11.11 -7.68 -40.28
N GLY D 180 11.97 -7.47 -39.28
CA GLY D 180 12.07 -6.19 -38.59
C GLY D 180 12.72 -6.41 -37.24
N GLY D 181 12.94 -5.33 -36.49
CA GLY D 181 13.64 -5.44 -35.22
C GLY D 181 12.73 -5.54 -34.00
N SER D 182 12.97 -4.68 -33.01
CA SER D 182 12.32 -4.88 -31.71
C SER D 182 10.80 -4.84 -31.79
N LEU D 183 10.26 -4.02 -32.67
CA LEU D 183 8.82 -3.91 -32.77
C LEU D 183 8.19 -5.25 -33.14
N MET D 184 8.85 -5.98 -34.03
CA MET D 184 8.34 -7.28 -34.49
C MET D 184 8.35 -8.32 -33.36
N ASP D 185 9.39 -8.27 -32.54
CA ASP D 185 9.60 -9.32 -31.53
C ASP D 185 9.00 -9.03 -30.16
N ILE D 186 9.20 -7.82 -29.65
CA ILE D 186 8.87 -7.54 -28.26
C ILE D 186 7.97 -6.30 -28.15
N GLY D 187 8.16 -5.34 -29.07
CA GLY D 187 7.30 -4.18 -29.11
C GLY D 187 5.86 -4.54 -29.39
N ILE D 188 5.67 -5.65 -30.09
CA ILE D 188 4.33 -6.09 -30.41
C ILE D 188 3.50 -6.35 -29.15
N TYR D 189 4.13 -6.66 -28.01
CA TYR D 189 3.36 -6.85 -26.77
C TYR D 189 2.76 -5.53 -26.28
N SER D 190 3.51 -4.44 -26.44
CA SER D 190 3.01 -3.11 -26.10
C SER D 190 1.77 -2.77 -26.94
N LEU D 191 1.88 -3.03 -28.24
CA LEU D 191 0.78 -2.77 -29.16
C LEU D 191 -0.44 -3.65 -28.88
N ASN D 192 -0.21 -4.96 -28.77
CA ASN D 192 -1.31 -5.91 -28.53
C ASN D 192 -2.05 -5.58 -27.22
N ALA D 193 -1.31 -5.17 -26.18
CA ALA D 193 -1.93 -4.80 -24.90
C ALA D 193 -2.72 -3.50 -25.02
N ALA D 194 -2.19 -2.50 -25.73
CA ALA D 194 -2.97 -1.28 -25.95
C ALA D 194 -4.31 -1.62 -26.58
N ARG D 195 -4.30 -2.56 -27.52
CA ARG D 195 -5.53 -2.97 -28.21
C ARG D 195 -6.46 -3.76 -27.28
N TYR D 196 -5.96 -4.73 -26.51
CA TYR D 196 -6.92 -5.47 -25.69
C TYR D 196 -7.32 -4.75 -24.40
N LEU D 197 -6.53 -3.78 -23.93
CA LEU D 197 -6.96 -3.00 -22.79
C LEU D 197 -8.02 -1.97 -23.17
N THR D 198 -7.83 -1.26 -24.29
CA THR D 198 -8.87 -0.37 -24.76
C THR D 198 -10.07 -1.12 -25.34
N GLY D 199 -9.81 -2.30 -25.92
CA GLY D 199 -10.82 -2.99 -26.72
C GLY D 199 -11.10 -2.27 -28.03
N GLU D 200 -10.16 -1.43 -28.47
CA GLU D 200 -10.34 -0.66 -29.69
C GLU D 200 -9.19 -0.84 -30.68
N GLU D 201 -9.37 -0.27 -31.88
CA GLU D 201 -8.35 -0.25 -32.91
C GLU D 201 -7.91 1.18 -33.17
N PRO D 202 -6.60 1.42 -33.29
CA PRO D 202 -6.08 2.79 -33.45
C PRO D 202 -6.55 3.45 -34.74
N VAL D 203 -6.78 4.77 -34.69
CA VAL D 203 -7.05 5.53 -35.91
C VAL D 203 -5.92 6.51 -36.28
N ALA D 204 -4.92 6.64 -35.41
CA ALA D 204 -3.80 7.52 -35.70
C ALA D 204 -2.56 7.03 -34.97
N VAL D 205 -1.39 7.20 -35.61
CA VAL D 205 -0.11 6.67 -35.14
C VAL D 205 1.04 7.69 -35.30
N ASN D 206 1.76 7.95 -34.20
CA ASN D 206 3.05 8.63 -34.23
C ASN D 206 4.16 7.65 -33.90
N ALA D 207 5.38 7.94 -34.35
CA ALA D 207 6.52 7.08 -33.95
C ALA D 207 7.87 7.79 -34.10
N VAL D 208 8.82 7.39 -33.27
CA VAL D 208 10.20 7.87 -33.40
C VAL D 208 11.11 6.65 -33.24
N GLU D 209 12.11 6.55 -34.11
CA GLU D 209 13.06 5.43 -34.10
C GLU D 209 14.43 5.90 -33.65
N SER D 210 15.17 5.05 -32.95
CA SER D 210 16.51 5.41 -32.51
C SER D 210 17.41 4.18 -32.46
N THR D 211 18.36 4.12 -33.38
CA THR D 211 19.22 2.97 -33.54
C THR D 211 20.65 3.43 -33.85
N ASP D 212 21.61 2.93 -33.07
CA ASP D 212 23.02 3.15 -33.34
C ASP D 212 23.50 2.12 -34.36
N ARG D 213 23.65 2.54 -35.60
CA ARG D 213 24.04 1.60 -36.68
C ARG D 213 25.51 1.14 -36.60
N SER D 214 26.30 1.75 -35.71
CA SER D 214 27.67 1.29 -35.51
C SER D 214 27.72 0.13 -34.52
N ASP D 215 26.61 -0.12 -33.84
CA ASP D 215 26.48 -1.27 -32.94
C ASP D 215 26.40 -2.54 -33.78
N PRO D 216 27.27 -3.53 -33.50
CA PRO D 216 27.29 -4.77 -34.28
C PRO D 216 25.94 -5.49 -34.35
N ARG D 217 25.06 -5.22 -33.37
CA ARG D 217 23.76 -5.87 -33.30
C ARG D 217 22.78 -5.32 -34.34
N PHE D 218 23.00 -4.07 -34.75
CA PHE D 218 21.94 -3.33 -35.42
C PHE D 218 22.28 -2.85 -36.84
N GLY D 219 22.93 -3.70 -37.62
CA GLY D 219 23.24 -3.35 -38.99
C GLY D 219 22.03 -3.46 -39.91
N GLU D 220 21.07 -4.30 -39.54
CA GLU D 220 19.94 -4.59 -40.42
C GLU D 220 18.55 -4.20 -39.88
N VAL D 221 18.33 -4.30 -38.57
CA VAL D 221 17.02 -3.97 -37.98
C VAL D 221 17.09 -2.92 -36.86
N GLU D 222 15.94 -2.41 -36.43
CA GLU D 222 15.89 -1.30 -35.49
C GLU D 222 16.01 -1.72 -34.02
N ASP D 223 16.57 -0.81 -33.22
CA ASP D 223 16.70 -1.02 -31.79
C ASP D 223 15.48 -0.43 -31.07
N ILE D 224 15.43 0.88 -30.93
CA ILE D 224 14.28 1.51 -30.29
C ILE D 224 13.31 2.09 -31.31
N ILE D 225 12.03 1.73 -31.20
CA ILE D 225 11.02 2.48 -31.92
C ILE D 225 9.82 2.69 -30.98
N ASN D 226 9.63 3.94 -30.59
CA ASN D 226 8.55 4.29 -29.66
C ASN D 226 7.37 4.85 -30.43
N PHE D 227 6.16 4.53 -30.00
CA PHE D 227 5.00 4.99 -30.75
C PHE D 227 3.84 5.47 -29.89
N GLN D 228 3.03 6.33 -30.50
CA GLN D 228 1.79 6.82 -29.89
C GLN D 228 0.61 6.34 -30.69
N LEU D 229 -0.46 5.96 -29.99
CA LEU D 229 -1.71 5.55 -30.64
C LEU D 229 -2.87 6.41 -30.16
N LEU D 230 -3.75 6.78 -31.08
CA LEU D 230 -5.02 7.42 -30.75
C LEU D 230 -6.16 6.48 -31.15
N PHE D 231 -7.14 6.31 -30.27
CA PHE D 231 -8.29 5.43 -30.55
C PHE D 231 -9.58 6.27 -30.76
N PRO D 232 -10.61 5.66 -31.38
CA PRO D 232 -11.86 6.41 -31.63
C PRO D 232 -12.54 7.00 -30.38
N SER D 233 -12.51 6.30 -29.24
CA SER D 233 -13.12 6.80 -28.01
C SER D 233 -12.40 8.03 -27.43
N GLY D 234 -11.20 8.29 -27.93
CA GLY D 234 -10.36 9.31 -27.35
C GLY D 234 -9.26 8.74 -26.47
N ALA D 235 -9.34 7.44 -26.16
CA ALA D 235 -8.24 6.79 -25.45
C ALA D 235 -6.91 6.97 -26.20
N THR D 236 -5.82 7.10 -25.44
CA THR D 236 -4.47 7.24 -26.02
C THR D 236 -3.52 6.19 -25.47
N ALA D 237 -2.46 5.90 -26.20
CA ALA D 237 -1.41 5.01 -25.72
C ALA D 237 -0.03 5.55 -26.07
N ASN D 238 0.88 5.42 -25.11
CA ASN D 238 2.29 5.74 -25.28
C ASN D 238 3.04 4.42 -25.13
N CYS D 239 3.75 3.98 -26.16
CA CYS D 239 4.39 2.67 -26.14
C CYS D 239 5.89 2.70 -26.40
N VAL D 240 6.64 1.88 -25.66
CA VAL D 240 8.06 1.71 -25.91
C VAL D 240 8.34 0.31 -26.47
N SER D 241 9.19 0.25 -27.49
CA SER D 241 9.73 -1.01 -28.03
C SER D 241 11.26 -0.91 -28.11
N ALA D 242 11.98 -1.86 -27.52
CA ALA D 242 13.43 -1.69 -27.41
C ALA D 242 14.24 -2.99 -27.42
N TYR D 243 15.42 -2.94 -28.02
CA TYR D 243 16.37 -4.04 -27.96
C TYR D 243 17.61 -3.67 -27.14
N SER D 244 17.59 -2.51 -26.49
CA SER D 244 18.76 -2.11 -25.70
C SER D 244 18.48 -1.75 -24.24
N VAL D 245 17.23 -1.90 -23.79
CA VAL D 245 16.87 -1.74 -22.38
C VAL D 245 15.93 -2.83 -21.96
N ASN D 246 15.83 -3.10 -20.66
CA ASN D 246 14.89 -4.10 -20.16
C ASN D 246 13.65 -3.43 -19.56
N CYS D 247 12.48 -3.80 -20.08
CA CYS D 247 11.22 -3.32 -19.52
C CYS D 247 10.12 -4.28 -19.92
N ASN D 248 9.14 -4.43 -19.04
CA ASN D 248 7.99 -5.27 -19.34
C ASN D 248 6.83 -4.86 -18.44
N ARG D 249 6.00 -3.94 -18.93
CA ARG D 249 4.96 -3.39 -18.06
C ARG D 249 3.87 -2.66 -18.82
N TYR D 250 2.71 -2.51 -18.18
CA TYR D 250 1.75 -1.51 -18.62
C TYR D 250 0.93 -0.97 -17.45
N ARG D 251 0.51 0.28 -17.58
CA ARG D 251 -0.51 0.84 -16.70
C ARG D 251 -1.65 1.36 -17.58
N VAL D 252 -2.89 1.01 -17.25
CA VAL D 252 -4.03 1.61 -17.90
C VAL D 252 -4.82 2.48 -16.90
N SER D 253 -5.19 3.69 -17.33
CA SER D 253 -5.74 4.70 -16.44
C SER D 253 -7.00 5.36 -17.02
N GLY D 254 -7.95 5.66 -16.14
CA GLY D 254 -9.12 6.45 -16.48
C GLY D 254 -9.39 7.41 -15.33
N PRO D 255 -10.47 8.20 -15.42
CA PRO D 255 -10.72 9.20 -14.37
C PRO D 255 -11.04 8.59 -13.00
N LYS D 256 -11.47 7.33 -12.94
CA LYS D 256 -11.80 6.72 -11.63
C LYS D 256 -10.62 6.00 -10.95
N GLY D 257 -9.53 5.80 -11.68
CA GLY D 257 -8.39 5.12 -11.09
C GLY D 257 -7.54 4.41 -12.14
N TRP D 258 -6.61 3.58 -11.69
CA TRP D 258 -5.73 2.89 -12.63
C TRP D 258 -5.24 1.55 -12.09
N VAL D 259 -4.78 0.71 -13.00
CA VAL D 259 -4.22 -0.58 -12.64
C VAL D 259 -2.98 -0.83 -13.51
N GLU D 260 -1.95 -1.44 -12.94
CA GLU D 260 -0.73 -1.71 -13.67
C GLU D 260 -0.22 -3.10 -13.33
N ILE D 261 0.53 -3.67 -14.26
CA ILE D 261 1.22 -4.94 -14.09
C ILE D 261 2.67 -4.80 -14.48
N ASP D 262 3.57 -5.29 -13.62
CA ASP D 262 5.01 -5.17 -13.85
C ASP D 262 5.73 -6.25 -13.05
N PRO D 263 6.29 -7.27 -13.73
CA PRO D 263 6.29 -7.51 -15.19
C PRO D 263 4.89 -7.89 -15.68
N ALA D 264 4.57 -7.54 -16.92
CA ALA D 264 3.21 -7.67 -17.43
C ALA D 264 2.98 -8.95 -18.25
N THR D 265 3.90 -9.26 -19.15
CA THR D 265 3.70 -10.32 -20.14
C THR D 265 4.85 -11.31 -20.17
N SER D 266 5.53 -11.43 -19.03
CA SER D 266 6.61 -12.39 -18.88
C SER D 266 6.06 -13.81 -18.77
N TYR D 267 6.96 -14.80 -18.81
CA TYR D 267 6.54 -16.19 -18.66
C TYR D 267 5.96 -16.44 -17.25
N GLN D 268 6.50 -15.74 -16.26
CA GLN D 268 5.99 -15.83 -14.90
C GLN D 268 6.41 -14.58 -14.14
N GLY D 269 5.93 -14.44 -12.91
CA GLY D 269 6.38 -13.35 -12.03
C GLY D 269 5.54 -12.08 -12.04
N GLN D 270 4.42 -12.09 -12.76
CA GLN D 270 3.50 -10.94 -12.81
C GLN D 270 3.15 -10.42 -11.41
N ALA D 271 3.17 -9.10 -11.26
CA ALA D 271 2.73 -8.45 -10.03
C ALA D 271 1.84 -7.26 -10.40
N MET D 272 0.66 -7.17 -9.79
CA MET D 272 -0.30 -6.11 -10.11
C MET D 272 -0.48 -5.13 -8.95
N ARG D 273 -0.68 -3.86 -9.30
CA ARG D 273 -0.93 -2.79 -8.34
C ARG D 273 -2.05 -1.92 -8.89
N ALA D 274 -2.97 -1.48 -8.04
CA ALA D 274 -4.07 -0.66 -8.52
C ALA D 274 -4.36 0.51 -7.59
N GLN D 275 -4.79 1.61 -8.20
CA GLN D 275 -5.23 2.78 -7.46
C GLN D 275 -6.70 2.94 -7.80
N LEU D 276 -7.56 2.42 -6.94
CA LEU D 276 -8.98 2.40 -7.24
C LEU D 276 -9.72 3.17 -6.15
N GLY D 277 -10.08 2.50 -5.07
CA GLY D 277 -10.79 3.15 -3.98
C GLY D 277 -9.97 4.17 -3.20
N GLY D 278 -8.67 3.91 -3.09
CA GLY D 278 -7.78 4.80 -2.36
C GLY D 278 -6.39 4.78 -2.96
N PRO D 279 -5.36 4.97 -2.13
CA PRO D 279 -3.95 4.95 -2.54
C PRO D 279 -3.55 3.65 -3.24
N PRO D 280 -2.48 3.68 -4.04
CA PRO D 280 -2.05 2.48 -4.77
C PRO D 280 -1.76 1.33 -3.82
N ALA D 281 -2.20 0.13 -4.18
CA ALA D 281 -2.00 -1.04 -3.33
C ALA D 281 -1.87 -2.29 -4.20
N PRO D 282 -1.12 -3.29 -3.72
CA PRO D 282 -1.04 -4.58 -4.39
C PRO D 282 -2.43 -5.18 -4.56
N ARG D 283 -2.65 -5.86 -5.67
CA ARG D 283 -3.94 -6.52 -5.90
C ARG D 283 -3.68 -7.92 -6.46
N GLU D 284 -4.32 -8.93 -5.88
CA GLU D 284 -4.20 -10.30 -6.37
C GLU D 284 -5.35 -10.57 -7.32
N PRO D 285 -5.03 -11.08 -8.53
CA PRO D 285 -6.09 -11.32 -9.51
C PRO D 285 -6.92 -12.55 -9.15
N ALA D 286 -8.13 -12.65 -9.67
CA ALA D 286 -8.89 -13.90 -9.56
C ALA D 286 -8.05 -15.02 -10.16
N PRO D 287 -8.00 -16.18 -9.47
CA PRO D 287 -7.17 -17.30 -9.91
C PRO D 287 -7.69 -17.98 -11.18
N GLN D 288 -6.78 -18.57 -11.95
CA GLN D 288 -7.13 -19.30 -13.16
C GLN D 288 -6.84 -20.78 -12.95
N PRO D 289 -7.64 -21.65 -13.59
CA PRO D 289 -7.49 -23.11 -13.48
C PRO D 289 -6.12 -23.61 -13.91
N LYS D 290 -5.52 -22.98 -14.92
CA LYS D 290 -4.21 -23.42 -15.38
C LYS D 290 -3.39 -22.27 -15.93
N ASN D 291 -2.09 -22.52 -16.06
CA ASN D 291 -1.12 -21.53 -16.51
C ASN D 291 -1.44 -21.04 -17.93
N GLN D 292 -0.87 -19.89 -18.29
CA GLN D 292 -1.20 -19.25 -19.57
C GLN D 292 -0.85 -20.13 -20.78
N PHE D 293 0.18 -20.97 -20.66
CA PHE D 293 0.63 -21.76 -21.82
C PHE D 293 -0.32 -22.91 -22.07
N SER D 294 -0.61 -23.69 -21.03
CA SER D 294 -1.57 -24.78 -21.13
C SER D 294 -2.95 -24.27 -21.52
N ALA D 295 -3.33 -23.13 -20.96
CA ALA D 295 -4.61 -22.51 -21.30
C ALA D 295 -4.67 -22.09 -22.77
N GLN D 296 -3.57 -21.57 -23.29
CA GLN D 296 -3.54 -21.18 -24.70
C GLN D 296 -3.71 -22.41 -25.61
N LEU D 297 -2.92 -23.45 -25.32
CA LEU D 297 -2.99 -24.72 -26.05
C LEU D 297 -4.39 -25.32 -26.02
N ASP D 298 -5.00 -25.37 -24.83
CA ASP D 298 -6.36 -25.89 -24.69
C ASP D 298 -7.43 -25.02 -25.35
N HIS D 299 -7.22 -23.71 -25.40
CA HIS D 299 -8.24 -22.84 -26.00
C HIS D 299 -8.50 -23.20 -27.49
N LEU D 300 -7.44 -23.41 -28.27
CA LEU D 300 -7.62 -23.80 -29.66
C LEU D 300 -8.35 -25.15 -29.74
N SER D 301 -7.89 -26.13 -28.97
CA SER D 301 -8.51 -27.46 -28.92
C SER D 301 -10.00 -27.38 -28.57
N GLU D 302 -10.34 -26.65 -27.52
CA GLU D 302 -11.74 -26.49 -27.11
C GLU D 302 -12.58 -25.78 -28.18
N CYS D 303 -11.98 -24.82 -28.88
CA CYS D 303 -12.68 -24.13 -29.95
C CYS D 303 -13.01 -25.10 -31.08
N ILE D 304 -12.04 -25.94 -31.43
CA ILE D 304 -12.25 -26.93 -32.49
C ILE D 304 -13.33 -27.93 -32.08
N LEU D 305 -13.23 -28.44 -30.85
CA LEU D 305 -14.20 -29.41 -30.33
C LEU D 305 -15.62 -28.85 -30.27
N THR D 306 -15.75 -27.57 -29.93
CA THR D 306 -17.08 -26.99 -29.76
C THR D 306 -17.53 -26.17 -30.96
N GLY D 307 -16.71 -26.10 -32.00
CA GLY D 307 -17.01 -25.31 -33.17
C GLY D 307 -17.14 -23.82 -32.90
N ARG D 308 -16.22 -23.27 -32.12
CA ARG D 308 -16.20 -21.83 -31.87
C ARG D 308 -14.94 -21.19 -32.43
N GLU D 309 -14.90 -19.87 -32.45
CA GLU D 309 -13.75 -19.14 -32.98
C GLU D 309 -12.80 -18.71 -31.85
N PRO D 310 -11.49 -18.90 -32.03
CA PRO D 310 -10.52 -18.47 -31.01
C PRO D 310 -10.64 -16.98 -30.68
N ILE D 311 -10.37 -16.59 -29.43
CA ILE D 311 -10.50 -15.19 -29.08
C ILE D 311 -9.33 -14.38 -29.67
N VAL D 312 -8.25 -15.06 -30.04
CA VAL D 312 -7.13 -14.42 -30.72
C VAL D 312 -6.86 -15.12 -32.07
N GLY D 313 -7.78 -14.94 -32.99
CA GLY D 313 -7.67 -15.53 -34.31
C GLY D 313 -6.68 -14.79 -35.21
N GLY D 314 -6.60 -15.23 -36.47
CA GLY D 314 -5.71 -14.62 -37.44
C GLY D 314 -6.00 -13.14 -37.63
N ASP D 315 -7.25 -12.74 -37.46
CA ASP D 315 -7.60 -11.32 -37.59
C ASP D 315 -6.92 -10.47 -36.51
N ASP D 316 -6.74 -11.04 -35.31
CA ASP D 316 -6.01 -10.31 -34.26
C ASP D 316 -4.55 -10.08 -34.67
N GLY D 317 -3.89 -11.09 -35.22
CA GLY D 317 -2.52 -10.93 -35.70
C GLY D 317 -2.43 -9.94 -36.86
N LEU D 318 -3.41 -10.00 -37.75
CA LEU D 318 -3.48 -9.09 -38.89
C LEU D 318 -3.62 -7.65 -38.43
N LYS D 319 -4.49 -7.43 -37.44
CA LYS D 319 -4.70 -6.08 -36.91
C LYS D 319 -3.43 -5.50 -36.29
N ASP D 320 -2.60 -6.35 -35.67
CA ASP D 320 -1.32 -5.87 -35.16
C ASP D 320 -0.41 -5.47 -36.33
N LEU D 321 -0.30 -6.32 -37.35
CA LEU D 321 0.55 -5.99 -38.50
C LEU D 321 0.11 -4.73 -39.24
N ARG D 322 -1.19 -4.45 -39.28
CA ARG D 322 -1.67 -3.19 -39.88
C ARG D 322 -1.10 -1.97 -39.14
N VAL D 323 -1.10 -2.04 -37.82
CA VAL D 323 -0.55 -0.93 -37.02
C VAL D 323 0.98 -0.91 -37.09
N ILE D 324 1.62 -2.07 -37.05
CA ILE D 324 3.08 -2.14 -37.20
C ILE D 324 3.55 -1.46 -38.52
N GLU D 325 2.85 -1.72 -39.64
CA GLU D 325 3.23 -1.03 -40.88
C GLU D 325 3.07 0.49 -40.74
N ALA D 326 2.02 0.92 -40.04
CA ALA D 326 1.81 2.37 -39.83
C ALA D 326 2.88 2.96 -38.92
N ILE D 327 3.34 2.19 -37.94
CA ILE D 327 4.35 2.67 -37.00
C ILE D 327 5.69 2.87 -37.71
N TYR D 328 6.08 1.91 -38.52
CA TYR D 328 7.30 2.02 -39.31
C TYR D 328 7.21 3.19 -40.28
N ARG D 329 6.05 3.37 -40.90
CA ARG D 329 5.87 4.51 -41.81
C ARG D 329 5.92 5.85 -41.09
N ALA D 330 5.26 5.95 -39.93
CA ALA D 330 5.25 7.20 -39.17
C ALA D 330 6.67 7.63 -38.75
N ALA D 331 7.50 6.67 -38.37
CA ALA D 331 8.88 7.00 -37.97
C ALA D 331 9.75 7.38 -39.18
N ARG D 332 9.50 6.74 -40.32
CA ARG D 332 10.24 7.05 -41.55
C ARG D 332 9.86 8.44 -42.07
N GLU D 333 8.56 8.72 -42.10
CA GLU D 333 8.08 9.96 -42.71
C GLU D 333 7.95 11.15 -41.74
N GLY D 334 8.14 10.91 -40.44
CA GLY D 334 7.99 12.00 -39.48
C GLY D 334 6.63 12.68 -39.53
N ARG D 335 5.58 11.90 -39.59
CA ARG D 335 4.24 12.45 -39.56
C ARG D 335 3.28 11.45 -38.93
N THR D 336 2.10 11.92 -38.56
CA THR D 336 1.02 11.11 -38.02
C THR D 336 0.32 10.32 -39.14
N VAL D 337 0.31 8.99 -39.02
CA VAL D 337 -0.29 8.15 -40.05
C VAL D 337 -1.71 7.79 -39.62
N LYS D 338 -2.66 8.00 -40.51
CA LYS D 338 -4.05 7.69 -40.23
C LYS D 338 -4.41 6.26 -40.63
N LEU D 339 -5.29 5.65 -39.86
CA LEU D 339 -5.73 4.28 -40.08
C LEU D 339 -7.25 4.21 -40.12
N ARG E 5 -39.73 -20.20 -22.53
CA ARG E 5 -40.97 -19.45 -22.68
C ARG E 5 -40.86 -18.04 -22.08
N LYS E 6 -41.41 -17.06 -22.79
CA LYS E 6 -41.28 -15.67 -22.37
C LYS E 6 -42.65 -14.99 -22.23
N LEU E 7 -42.85 -14.32 -21.11
CA LEU E 7 -44.08 -13.55 -20.89
C LEU E 7 -43.94 -12.16 -21.50
N GLY E 8 -45.04 -11.62 -22.01
CA GLY E 8 -45.01 -10.35 -22.71
C GLY E 8 -45.21 -9.14 -21.82
N TYR E 9 -44.32 -8.17 -21.94
CA TYR E 9 -44.41 -6.91 -21.20
C TYR E 9 -45.02 -5.81 -22.04
N ALA E 10 -45.93 -5.05 -21.43
CA ALA E 10 -46.34 -3.78 -21.98
C ALA E 10 -45.71 -2.67 -21.15
N ILE E 11 -44.92 -1.82 -21.80
CA ILE E 11 -44.26 -0.73 -21.09
C ILE E 11 -45.14 0.52 -21.18
N LEU E 12 -45.49 1.06 -20.00
CA LEU E 12 -46.42 2.19 -19.92
C LEU E 12 -45.72 3.43 -19.37
N GLY E 13 -45.65 4.48 -20.19
CA GLY E 13 -44.96 5.71 -19.83
C GLY E 13 -43.55 5.70 -20.42
N LEU E 14 -43.41 6.22 -21.63
CA LEU E 14 -42.14 6.07 -22.37
C LEU E 14 -41.24 7.27 -22.12
N GLY E 15 -40.79 7.39 -20.87
CA GLY E 15 -39.88 8.46 -20.49
C GLY E 15 -38.45 7.95 -20.44
N TYR E 16 -37.62 8.61 -19.65
CA TYR E 16 -36.19 8.30 -19.61
C TYR E 16 -35.91 6.90 -19.10
N TYR E 17 -36.51 6.53 -17.96
CA TYR E 17 -36.19 5.23 -17.39
C TYR E 17 -36.69 4.12 -18.33
N ALA E 18 -37.88 4.29 -18.87
CA ALA E 18 -38.46 3.28 -19.75
C ALA E 18 -37.63 3.10 -21.04
N THR E 19 -37.31 4.20 -21.72
CA THR E 19 -36.67 4.09 -23.03
C THR E 19 -35.15 3.96 -23.00
N ARG E 20 -34.48 4.64 -22.07
CA ARG E 20 -33.02 4.62 -22.03
C ARG E 20 -32.46 3.44 -21.24
N ILE E 21 -33.17 3.03 -20.19
CA ILE E 21 -32.64 2.03 -19.28
C ILE E 21 -33.30 0.66 -19.36
N ILE E 22 -34.63 0.62 -19.30
CA ILE E 22 -35.33 -0.66 -19.21
C ILE E 22 -35.46 -1.38 -20.56
N MET E 23 -35.97 -0.69 -21.57
CA MET E 23 -36.29 -1.36 -22.82
C MET E 23 -35.08 -2.01 -23.53
N PRO E 24 -33.88 -1.38 -23.51
CA PRO E 24 -32.73 -2.10 -24.07
C PRO E 24 -32.37 -3.39 -23.34
N ARG E 25 -32.85 -3.58 -22.11
CA ARG E 25 -32.39 -4.73 -21.34
C ARG E 25 -33.24 -5.97 -21.52
N PHE E 26 -34.29 -5.89 -22.32
CA PHE E 26 -35.00 -7.12 -22.67
C PHE E 26 -34.07 -8.06 -23.45
N ALA E 27 -33.02 -7.49 -24.04
CA ALA E 27 -32.02 -8.26 -24.77
C ALA E 27 -31.41 -9.40 -23.96
N GLU E 28 -31.19 -9.19 -22.66
CA GLU E 28 -30.55 -10.23 -21.85
C GLU E 28 -31.54 -11.12 -21.08
N CYS E 29 -32.84 -10.89 -21.29
CA CYS E 29 -33.86 -11.68 -20.59
C CYS E 29 -34.03 -13.09 -21.15
N GLU E 30 -34.35 -14.03 -20.26
CA GLU E 30 -34.61 -15.41 -20.67
C GLU E 30 -36.10 -15.76 -20.63
N HIS E 31 -36.89 -14.97 -19.92
CA HIS E 31 -38.30 -15.31 -19.71
C HIS E 31 -39.24 -14.12 -19.92
N SER E 32 -38.73 -13.06 -20.53
CA SER E 32 -39.50 -11.85 -20.74
C SER E 32 -39.27 -11.33 -22.14
N ARG E 33 -40.30 -10.72 -22.73
CA ARG E 33 -40.13 -10.05 -24.01
C ARG E 33 -40.99 -8.79 -24.09
N LEU E 34 -40.53 -7.82 -24.86
CA LEU E 34 -41.28 -6.60 -25.10
C LEU E 34 -42.44 -6.85 -26.06
N ALA E 35 -43.67 -6.66 -25.60
CA ALA E 35 -44.84 -7.03 -26.40
C ALA E 35 -45.70 -5.86 -26.80
N ALA E 36 -45.73 -4.80 -25.99
CA ALA E 36 -46.62 -3.67 -26.27
C ALA E 36 -46.10 -2.37 -25.70
N LEU E 37 -46.65 -1.26 -26.20
CA LEU E 37 -46.28 0.08 -25.76
C LEU E 37 -47.53 0.89 -25.42
N VAL E 38 -47.50 1.58 -24.28
CA VAL E 38 -48.59 2.45 -23.86
C VAL E 38 -48.02 3.84 -23.57
N SER E 39 -48.58 4.87 -24.21
CA SER E 39 -48.00 6.20 -24.15
C SER E 39 -49.00 7.30 -24.46
N GLY E 40 -48.85 8.46 -23.82
CA GLY E 40 -49.67 9.62 -24.12
C GLY E 40 -49.10 10.53 -25.21
N THR E 41 -47.99 10.10 -25.80
CA THR E 41 -47.37 10.86 -26.87
C THR E 41 -47.35 9.99 -28.12
N PRO E 42 -48.26 10.26 -29.07
CA PRO E 42 -48.39 9.47 -30.31
C PRO E 42 -47.05 9.28 -31.04
N GLU E 43 -46.24 10.34 -31.11
CA GLU E 43 -44.94 10.28 -31.77
C GLU E 43 -44.04 9.19 -31.19
N LYS E 44 -44.05 9.03 -29.86
CA LYS E 44 -43.23 8.02 -29.21
C LYS E 44 -43.66 6.62 -29.60
N LEU E 45 -44.97 6.44 -29.72
CA LEU E 45 -45.51 5.13 -30.13
C LEU E 45 -44.99 4.74 -31.50
N LYS E 46 -44.85 5.73 -32.38
CA LYS E 46 -44.33 5.50 -33.72
C LYS E 46 -42.83 5.15 -33.66
N THR E 47 -42.05 6.07 -33.10
CA THR E 47 -40.61 5.90 -32.94
C THR E 47 -40.20 4.57 -32.30
N TYR E 48 -40.70 4.29 -31.10
CA TYR E 48 -40.28 3.08 -30.39
C TYR E 48 -40.99 1.84 -30.91
N GLY E 49 -42.17 2.02 -31.51
CA GLY E 49 -42.88 0.90 -32.08
C GLY E 49 -42.15 0.34 -33.28
N GLU E 50 -41.58 1.24 -34.07
CA GLU E 50 -40.81 0.87 -35.25
C GLU E 50 -39.42 0.37 -34.86
N GLN E 51 -38.81 1.01 -33.87
CA GLN E 51 -37.49 0.58 -33.40
C GLN E 51 -37.51 -0.83 -32.83
N TYR E 52 -38.58 -1.18 -32.11
CA TYR E 52 -38.64 -2.48 -31.44
C TYR E 52 -39.57 -3.48 -32.14
N GLY E 53 -40.04 -3.13 -33.34
CA GLY E 53 -40.90 -4.02 -34.09
C GLY E 53 -42.20 -4.35 -33.38
N ILE E 54 -42.83 -3.33 -32.79
CA ILE E 54 -44.12 -3.51 -32.14
C ILE E 54 -45.22 -3.03 -33.08
N PRO E 55 -46.12 -3.93 -33.48
CA PRO E 55 -47.18 -3.60 -34.44
C PRO E 55 -48.22 -2.65 -33.86
N GLU E 56 -48.84 -1.84 -34.73
CA GLU E 56 -49.80 -0.83 -34.30
C GLU E 56 -50.93 -1.41 -33.47
N THR E 57 -51.24 -2.69 -33.65
CA THR E 57 -52.26 -3.35 -32.84
C THR E 57 -51.80 -3.48 -31.38
N HIS E 58 -50.50 -3.36 -31.15
CA HIS E 58 -49.96 -3.50 -29.81
C HIS E 58 -49.44 -2.17 -29.27
N ARG E 59 -49.92 -1.08 -29.85
CA ARG E 59 -49.62 0.26 -29.36
C ARG E 59 -50.89 0.89 -28.80
N TYR E 60 -50.81 1.43 -27.60
CA TYR E 60 -51.98 2.01 -26.94
C TYR E 60 -51.72 3.43 -26.43
N SER E 61 -52.75 4.27 -26.50
CA SER E 61 -52.72 5.54 -25.79
C SER E 61 -53.23 5.30 -24.37
N TYR E 62 -53.18 6.33 -23.51
CA TYR E 62 -53.78 6.17 -22.19
C TYR E 62 -55.29 6.04 -22.32
N GLU E 63 -55.85 6.62 -23.38
CA GLU E 63 -57.29 6.57 -23.62
C GLU E 63 -57.78 5.20 -24.07
N THR E 64 -56.97 4.48 -24.84
CA THR E 64 -57.35 3.14 -25.31
C THR E 64 -56.73 2.02 -24.48
N PHE E 65 -55.98 2.38 -23.46
CA PHE E 65 -55.25 1.41 -22.64
C PHE E 65 -56.11 0.26 -22.09
N ASP E 66 -57.34 0.56 -21.67
CA ASP E 66 -58.19 -0.49 -21.11
C ASP E 66 -58.50 -1.63 -22.11
N ARG E 67 -58.40 -1.34 -23.40
CA ARG E 67 -58.58 -2.38 -24.44
C ARG E 67 -57.54 -3.50 -24.38
N ILE E 68 -56.47 -3.29 -23.61
CA ILE E 68 -55.38 -4.26 -23.55
C ILE E 68 -55.85 -5.57 -22.92
N ILE E 69 -57.03 -5.55 -22.28
CA ILE E 69 -57.62 -6.77 -21.74
C ILE E 69 -57.84 -7.83 -22.84
N ASP E 70 -58.01 -7.39 -24.07
CA ASP E 70 -58.25 -8.33 -25.18
C ASP E 70 -56.98 -8.71 -25.94
N ASN E 71 -55.81 -8.32 -25.41
CA ASN E 71 -54.54 -8.66 -26.04
C ASN E 71 -53.81 -9.76 -25.27
N PRO E 72 -53.87 -10.99 -25.79
CA PRO E 72 -53.32 -12.15 -25.06
C PRO E 72 -51.79 -12.23 -25.10
N ASP E 73 -51.14 -11.35 -25.87
CA ASP E 73 -49.68 -11.31 -25.93
C ASP E 73 -49.10 -10.53 -24.76
N VAL E 74 -49.96 -9.78 -24.07
CA VAL E 74 -49.55 -9.00 -22.92
C VAL E 74 -49.90 -9.70 -21.61
N ASP E 75 -48.88 -10.06 -20.84
CA ASP E 75 -49.05 -10.70 -19.55
C ASP E 75 -48.86 -9.71 -18.40
N ILE E 76 -47.96 -8.76 -18.61
CA ILE E 76 -47.51 -7.84 -17.56
C ILE E 76 -47.56 -6.42 -18.08
N VAL E 77 -48.06 -5.51 -17.25
CA VAL E 77 -47.93 -4.09 -17.52
C VAL E 77 -46.88 -3.50 -16.57
N TYR E 78 -45.91 -2.79 -17.12
CA TYR E 78 -44.85 -2.15 -16.34
C TYR E 78 -45.13 -0.65 -16.32
N VAL E 79 -45.57 -0.14 -15.16
CA VAL E 79 -45.92 1.27 -14.99
C VAL E 79 -44.69 2.12 -14.64
N ILE E 80 -44.31 3.04 -15.53
CA ILE E 80 -43.11 3.85 -15.37
C ILE E 80 -43.41 5.33 -15.59
N THR E 81 -44.43 5.82 -14.87
CA THR E 81 -44.92 7.19 -14.97
C THR E 81 -44.52 8.00 -13.73
N PRO E 82 -44.81 9.31 -13.72
CA PRO E 82 -44.68 10.02 -12.44
C PRO E 82 -45.44 9.34 -11.29
N ASN E 83 -44.93 9.50 -10.08
CA ASN E 83 -45.40 8.78 -8.90
C ASN E 83 -46.93 8.83 -8.65
N SER E 84 -47.54 9.99 -8.83
CA SER E 84 -48.98 10.14 -8.55
C SER E 84 -49.86 9.34 -9.52
N LEU E 85 -49.28 8.86 -10.60
CA LEU E 85 -50.06 8.11 -11.57
C LEU E 85 -49.87 6.61 -11.42
N HIS E 86 -49.01 6.19 -10.48
CA HIS E 86 -48.81 4.77 -10.29
C HIS E 86 -50.12 4.07 -9.89
N ARG E 87 -50.88 4.67 -8.97
CA ARG E 87 -52.07 3.99 -8.48
C ARG E 87 -53.11 3.79 -9.60
N PRO E 88 -53.51 4.86 -10.32
CA PRO E 88 -54.57 4.58 -11.29
C PRO E 88 -54.16 3.63 -12.44
N PHE E 89 -52.92 3.71 -12.92
CA PHE E 89 -52.57 2.80 -14.02
C PHE E 89 -52.42 1.37 -13.53
N THR E 90 -51.96 1.19 -12.30
CA THR E 90 -51.84 -0.15 -11.74
C THR E 90 -53.23 -0.76 -11.61
N GLU E 91 -54.18 0.05 -11.14
CA GLU E 91 -55.56 -0.40 -10.95
C GLU E 91 -56.20 -0.78 -12.29
N ARG E 92 -56.02 0.08 -13.28
CA ARG E 92 -56.55 -0.20 -14.62
C ARG E 92 -55.91 -1.46 -15.22
N ALA E 93 -54.61 -1.67 -14.98
CA ALA E 93 -53.92 -2.85 -15.49
C ALA E 93 -54.47 -4.13 -14.86
N ALA E 94 -54.72 -4.08 -13.55
CA ALA E 94 -55.25 -5.24 -12.85
C ALA E 94 -56.67 -5.58 -13.31
N ARG E 95 -57.47 -4.57 -13.57
CA ARG E 95 -58.83 -4.79 -14.06
C ARG E 95 -58.84 -5.31 -15.50
N ALA E 96 -57.75 -5.07 -16.23
CA ALA E 96 -57.57 -5.62 -17.56
C ALA E 96 -56.95 -7.01 -17.49
N GLY E 97 -56.89 -7.55 -16.28
CA GLY E 97 -56.38 -8.89 -16.03
C GLY E 97 -54.90 -9.07 -16.26
N LYS E 98 -54.12 -7.99 -16.10
CA LYS E 98 -52.68 -8.07 -16.27
C LYS E 98 -51.96 -8.09 -14.93
N HIS E 99 -50.84 -8.81 -14.88
CA HIS E 99 -49.92 -8.73 -13.75
C HIS E 99 -49.23 -7.38 -13.83
N VAL E 100 -48.72 -6.87 -12.71
CA VAL E 100 -48.17 -5.52 -12.72
C VAL E 100 -46.76 -5.42 -12.13
N MET E 101 -45.88 -4.74 -12.86
CA MET E 101 -44.61 -4.26 -12.35
C MET E 101 -44.75 -2.75 -12.17
N CYS E 102 -44.55 -2.23 -10.96
CA CYS E 102 -44.75 -0.80 -10.74
C CYS E 102 -43.46 -0.18 -10.21
N GLU E 103 -43.04 0.94 -10.78
CA GLU E 103 -41.80 1.56 -10.34
C GLU E 103 -41.91 2.11 -8.91
N LYS E 104 -40.76 2.38 -8.28
CA LYS E 104 -40.74 3.03 -6.98
C LYS E 104 -40.83 4.54 -7.19
N PRO E 105 -41.27 5.29 -6.16
CA PRO E 105 -41.95 4.79 -4.96
C PRO E 105 -43.29 4.22 -5.38
N MET E 106 -43.81 3.23 -4.67
CA MET E 106 -45.02 2.57 -5.09
C MET E 106 -46.16 3.55 -5.40
N ALA E 107 -46.43 4.46 -4.48
CA ALA E 107 -47.50 5.46 -4.63
C ALA E 107 -47.27 6.59 -3.63
N ASN E 108 -48.14 7.60 -3.64
CA ASN E 108 -47.96 8.76 -2.75
C ASN E 108 -48.18 8.48 -1.26
N THR E 109 -49.07 7.54 -0.93
CA THR E 109 -49.48 7.32 0.45
C THR E 109 -49.66 5.86 0.77
N VAL E 110 -49.70 5.55 2.06
CA VAL E 110 -50.02 4.20 2.53
C VAL E 110 -51.37 3.74 1.96
N ALA E 111 -52.36 4.62 2.00
CA ALA E 111 -53.70 4.27 1.54
C ALA E 111 -53.70 3.91 0.06
N ASP E 112 -52.91 4.63 -0.73
CA ASP E 112 -52.82 4.36 -2.16
C ASP E 112 -52.18 3.00 -2.41
N CYS E 113 -51.14 2.67 -1.66
CA CYS E 113 -50.51 1.35 -1.79
C CYS E 113 -51.49 0.24 -1.46
N GLU E 114 -52.26 0.43 -0.38
CA GLU E 114 -53.23 -0.55 0.07
C GLU E 114 -54.30 -0.79 -1.01
N ALA E 115 -54.74 0.28 -1.67
CA ALA E 115 -55.70 0.16 -2.77
C ALA E 115 -55.11 -0.61 -3.97
N MET E 116 -53.83 -0.38 -4.28
CA MET E 116 -53.19 -1.09 -5.39
C MET E 116 -53.08 -2.58 -5.09
N ILE E 117 -52.67 -2.89 -3.87
CA ILE E 117 -52.58 -4.27 -3.43
C ILE E 117 -53.96 -4.94 -3.49
N ALA E 118 -55.01 -4.23 -3.07
CA ALA E 118 -56.36 -4.79 -3.07
C ALA E 118 -56.85 -5.09 -4.49
N ALA E 119 -56.54 -4.20 -5.43
CA ALA E 119 -56.96 -4.38 -6.82
C ALA E 119 -56.27 -5.58 -7.49
N CYS E 120 -54.98 -5.76 -7.22
CA CYS E 120 -54.27 -6.89 -7.80
C CYS E 120 -54.74 -8.20 -7.16
N LYS E 121 -55.01 -8.16 -5.86
CA LYS E 121 -55.52 -9.34 -5.15
C LYS E 121 -56.88 -9.75 -5.73
N LYS E 122 -57.72 -8.76 -6.02
CA LYS E 122 -59.05 -9.01 -6.55
C LYS E 122 -58.97 -9.59 -7.97
N ALA E 123 -57.97 -9.16 -8.72
CA ALA E 123 -57.78 -9.64 -10.08
C ALA E 123 -57.12 -11.02 -10.13
N GLY E 124 -56.58 -11.45 -9.00
CA GLY E 124 -55.84 -12.69 -8.95
C GLY E 124 -54.57 -12.58 -9.78
N ARG E 125 -53.93 -11.41 -9.70
CA ARG E 125 -52.74 -11.12 -10.48
C ARG E 125 -51.62 -10.63 -9.58
N LYS E 126 -50.38 -10.93 -9.95
CA LYS E 126 -49.23 -10.59 -9.10
C LYS E 126 -48.81 -9.13 -9.26
N LEU E 127 -48.17 -8.61 -8.21
CA LEU E 127 -47.73 -7.22 -8.15
C LEU E 127 -46.30 -7.19 -7.63
N MET E 128 -45.44 -6.44 -8.30
CA MET E 128 -44.04 -6.35 -7.91
C MET E 128 -43.59 -4.91 -8.03
N ILE E 129 -42.71 -4.48 -7.14
CA ILE E 129 -42.20 -3.12 -7.18
C ILE E 129 -40.76 -3.13 -7.73
N GLY E 130 -40.38 -2.09 -8.47
CA GLY E 130 -39.10 -2.08 -9.15
C GLY E 130 -37.89 -1.79 -8.28
N TYR E 131 -37.66 -2.64 -7.27
CA TYR E 131 -36.50 -2.50 -6.40
C TYR E 131 -35.34 -3.32 -6.98
N ARG E 132 -34.75 -2.80 -8.04
CA ARG E 132 -33.74 -3.53 -8.84
C ARG E 132 -32.47 -3.88 -8.05
N SER E 133 -32.17 -3.13 -7.00
CA SER E 133 -30.96 -3.39 -6.23
C SER E 133 -30.96 -4.79 -5.61
N ARG E 134 -32.15 -5.36 -5.35
CA ARG E 134 -32.22 -6.71 -4.82
C ARG E 134 -31.73 -7.78 -5.83
N PHE E 135 -31.43 -7.36 -7.07
CA PHE E 135 -30.94 -8.28 -8.11
C PHE E 135 -29.53 -7.90 -8.57
N GLN E 136 -28.95 -6.94 -7.88
CA GLN E 136 -27.65 -6.40 -8.21
C GLN E 136 -26.56 -7.12 -7.39
N ALA E 137 -25.48 -7.54 -8.05
CA ALA E 137 -24.47 -8.45 -7.46
C ALA E 137 -23.89 -8.03 -6.10
N HIS E 138 -23.42 -6.79 -6.01
CA HIS E 138 -22.80 -6.30 -4.77
C HIS E 138 -23.81 -6.22 -3.62
N ASN E 139 -25.02 -5.76 -3.93
CA ASN E 139 -26.10 -5.74 -2.93
C ASN E 139 -26.45 -7.14 -2.45
N ILE E 140 -26.55 -8.08 -3.39
CA ILE E 140 -26.79 -9.47 -3.00
C ILE E 140 -25.66 -9.99 -2.09
N GLU E 141 -24.42 -9.61 -2.39
CA GLU E 141 -23.28 -10.03 -1.59
C GLU E 141 -23.31 -9.44 -0.17
N ALA E 142 -23.68 -8.17 -0.05
CA ALA E 142 -23.80 -7.57 1.28
C ALA E 142 -24.87 -8.27 2.13
N ILE E 143 -26.01 -8.60 1.53
CA ILE E 143 -27.06 -9.29 2.28
C ILE E 143 -26.58 -10.67 2.72
N LYS E 144 -25.81 -11.32 1.85
CA LYS E 144 -25.30 -12.64 2.16
C LYS E 144 -24.32 -12.59 3.35
N LEU E 145 -23.42 -11.61 3.34
CA LEU E 145 -22.48 -11.45 4.45
C LEU E 145 -23.22 -11.26 5.78
N VAL E 146 -24.26 -10.43 5.78
CA VAL E 146 -25.08 -10.24 6.99
C VAL E 146 -25.75 -11.55 7.42
N ARG E 147 -26.45 -12.18 6.49
CA ARG E 147 -27.16 -13.43 6.79
C ARG E 147 -26.24 -14.58 7.21
N ASP E 148 -25.04 -14.64 6.64
CA ASP E 148 -24.09 -15.69 6.99
C ASP E 148 -23.39 -15.43 8.33
N GLY E 149 -23.60 -14.23 8.89
CA GLY E 149 -23.04 -13.94 10.19
C GLY E 149 -21.62 -13.38 10.17
N ALA E 150 -21.16 -12.95 9.00
CA ALA E 150 -19.81 -12.43 8.84
C ALA E 150 -19.53 -11.17 9.68
N LEU E 151 -20.58 -10.39 9.92
CA LEU E 151 -20.44 -9.14 10.70
C LEU E 151 -20.86 -9.29 12.15
N GLY E 152 -21.46 -10.43 12.50
CA GLY E 152 -22.16 -10.55 13.76
C GLY E 152 -23.53 -9.87 13.63
N PRO E 153 -24.22 -9.65 14.75
CA PRO E 153 -25.51 -8.94 14.68
C PRO E 153 -25.35 -7.53 14.12
N VAL E 154 -26.24 -7.12 13.23
CA VAL E 154 -26.16 -5.77 12.66
C VAL E 154 -26.37 -4.73 13.76
N ARG E 155 -25.44 -3.79 13.88
CA ARG E 155 -25.56 -2.74 14.88
C ARG E 155 -25.91 -1.40 14.26
N THR E 156 -25.24 -1.07 13.15
CA THR E 156 -25.48 0.20 12.44
C THR E 156 -25.54 0.04 10.93
N VAL E 157 -26.42 0.82 10.31
CA VAL E 157 -26.44 1.00 8.88
C VAL E 157 -26.35 2.50 8.63
N VAL E 158 -25.36 2.94 7.87
CA VAL E 158 -25.22 4.35 7.51
C VAL E 158 -25.33 4.46 6.00
N THR E 159 -26.35 5.15 5.52
CA THR E 159 -26.62 5.16 4.11
C THR E 159 -27.07 6.54 3.64
N ASP E 160 -26.49 6.99 2.53
CA ASP E 160 -26.75 8.33 2.00
C ASP E 160 -27.12 8.22 0.54
N HIS E 161 -28.26 8.80 0.16
CA HIS E 161 -28.66 8.86 -1.24
C HIS E 161 -29.12 10.26 -1.60
N GLY E 162 -28.59 10.78 -2.70
CA GLY E 162 -28.94 12.11 -3.15
C GLY E 162 -28.33 12.45 -4.49
N PHE E 163 -28.95 13.39 -5.20
CA PHE E 163 -28.29 13.96 -6.37
C PHE E 163 -28.67 15.42 -6.49
N THR E 164 -27.86 16.19 -7.20
CA THR E 164 -28.14 17.61 -7.38
C THR E 164 -29.14 17.76 -8.51
N ILE E 165 -30.42 17.89 -8.15
CA ILE E 165 -31.48 17.92 -9.14
C ILE E 165 -31.43 19.26 -9.90
N GLY E 166 -31.84 19.25 -11.17
CA GLY E 166 -31.66 20.43 -12.01
C GLY E 166 -32.90 21.28 -12.33
N ASP E 167 -33.59 20.91 -13.40
CA ASP E 167 -34.70 21.71 -13.94
C ASP E 167 -35.88 21.86 -12.97
N PRO E 168 -36.15 23.09 -12.53
CA PRO E 168 -37.24 23.38 -11.59
C PRO E 168 -38.63 22.98 -12.08
N LYS E 169 -38.83 22.82 -13.39
CA LYS E 169 -40.16 22.56 -13.93
C LYS E 169 -40.50 21.08 -14.08
N GLN E 170 -39.53 20.22 -13.77
CA GLN E 170 -39.73 18.79 -13.99
C GLN E 170 -40.73 18.24 -12.97
N TRP E 171 -41.36 17.12 -13.27
CA TRP E 171 -42.45 16.63 -12.42
C TRP E 171 -41.96 16.29 -11.02
N ARG E 172 -40.69 15.92 -10.88
CA ARG E 172 -40.18 15.53 -9.56
C ARG E 172 -40.26 16.69 -8.55
N LEU E 173 -40.28 17.93 -9.03
CA LEU E 173 -40.32 19.08 -8.14
C LEU E 173 -41.74 19.70 -8.08
N ASN E 174 -42.71 18.92 -8.56
CA ASN E 174 -44.13 19.27 -8.53
C ASN E 174 -44.92 18.35 -7.58
N ARG E 175 -45.47 18.88 -6.50
CA ARG E 175 -46.06 18.00 -5.48
C ARG E 175 -47.23 17.18 -6.04
N ALA E 176 -48.06 17.78 -6.89
CA ALA E 176 -49.21 17.06 -7.42
C ALA E 176 -48.80 15.79 -8.20
N LEU E 177 -47.63 15.82 -8.83
CA LEU E 177 -47.17 14.66 -9.59
C LEU E 177 -46.16 13.77 -8.87
N ALA E 178 -45.41 14.33 -7.93
CA ALA E 178 -44.33 13.58 -7.28
C ALA E 178 -44.72 13.03 -5.92
N GLY E 179 -45.66 13.69 -5.24
CA GLY E 179 -46.10 13.26 -3.92
C GLY E 179 -45.15 13.58 -2.78
N GLY E 180 -44.04 14.23 -3.09
CA GLY E 180 -43.03 14.57 -2.09
C GLY E 180 -41.70 14.85 -2.78
N GLY E 181 -40.68 15.22 -2.01
CA GLY E 181 -39.39 15.60 -2.57
C GLY E 181 -38.37 14.48 -2.61
N SER E 182 -37.15 14.75 -2.13
CA SER E 182 -36.06 13.78 -2.30
C SER E 182 -36.38 12.44 -1.66
N LEU E 183 -37.13 12.45 -0.56
CA LEU E 183 -37.40 11.19 0.14
C LEU E 183 -38.19 10.23 -0.75
N MET E 184 -39.14 10.75 -1.53
CA MET E 184 -39.94 9.88 -2.40
C MET E 184 -39.09 9.30 -3.55
N ASP E 185 -38.15 10.09 -4.04
CA ASP E 185 -37.43 9.73 -5.26
C ASP E 185 -36.10 9.01 -5.06
N ILE E 186 -35.32 9.46 -4.09
CA ILE E 186 -33.96 8.94 -3.97
C ILE E 186 -33.66 8.52 -2.52
N GLY E 187 -34.24 9.22 -1.54
CA GLY E 187 -34.07 8.84 -0.15
C GLY E 187 -34.65 7.47 0.13
N ILE E 188 -35.64 7.09 -0.67
CA ILE E 188 -36.24 5.77 -0.55
C ILE E 188 -35.20 4.63 -0.70
N TYR E 189 -34.11 4.86 -1.44
CA TYR E 189 -33.04 3.84 -1.55
C TYR E 189 -32.35 3.63 -0.20
N SER E 190 -32.15 4.71 0.56
CA SER E 190 -31.58 4.59 1.90
C SER E 190 -32.49 3.77 2.84
N LEU E 191 -33.78 4.08 2.82
CA LEU E 191 -34.77 3.36 3.62
C LEU E 191 -34.85 1.88 3.23
N ASN E 192 -34.99 1.63 1.93
CA ASN E 192 -35.17 0.28 1.43
C ASN E 192 -33.95 -0.56 1.80
N ALA E 193 -32.76 0.02 1.66
CA ALA E 193 -31.52 -0.67 2.04
C ALA E 193 -31.41 -0.93 3.55
N ALA E 194 -31.80 0.05 4.38
CA ALA E 194 -31.82 -0.16 5.84
C ALA E 194 -32.67 -1.38 6.15
N ARG E 195 -33.79 -1.49 5.46
CA ARG E 195 -34.70 -2.60 5.67
C ARG E 195 -34.14 -3.95 5.14
N TYR E 196 -33.58 -4.01 3.93
CA TYR E 196 -33.11 -5.32 3.48
C TYR E 196 -31.74 -5.73 4.03
N LEU E 197 -30.96 -4.78 4.52
CA LEU E 197 -29.70 -5.14 5.18
C LEU E 197 -29.94 -5.68 6.59
N THR E 198 -30.86 -5.06 7.34
CA THR E 198 -31.22 -5.60 8.66
C THR E 198 -32.14 -6.81 8.53
N GLY E 199 -32.94 -6.82 7.47
CA GLY E 199 -34.02 -7.80 7.35
C GLY E 199 -35.13 -7.56 8.36
N GLU E 200 -35.21 -6.34 8.88
CA GLU E 200 -36.19 -5.97 9.90
C GLU E 200 -37.03 -4.76 9.48
N GLU E 201 -38.07 -4.46 10.26
CA GLU E 201 -38.89 -3.27 10.06
C GLU E 201 -38.73 -2.32 11.24
N PRO E 202 -38.63 -1.00 10.98
CA PRO E 202 -38.36 -0.06 12.07
C PRO E 202 -39.51 0.06 13.08
N VAL E 203 -39.16 0.33 14.35
CA VAL E 203 -40.16 0.56 15.40
C VAL E 203 -40.15 2.01 15.89
N ALA E 204 -39.09 2.75 15.56
CA ALA E 204 -39.03 4.17 15.91
C ALA E 204 -38.28 4.95 14.84
N VAL E 205 -38.70 6.20 14.65
CA VAL E 205 -38.20 7.08 13.59
C VAL E 205 -37.98 8.52 14.11
N ASN E 206 -36.77 9.06 13.90
CA ASN E 206 -36.47 10.49 14.01
C ASN E 206 -36.21 11.11 12.64
N ALA E 207 -36.49 12.40 12.46
CA ALA E 207 -36.08 13.07 11.22
C ALA E 207 -35.87 14.55 11.39
N VAL E 208 -35.02 15.09 10.54
CA VAL E 208 -34.79 16.54 10.46
C VAL E 208 -34.89 16.93 8.98
N GLU E 209 -35.61 18.00 8.67
CA GLU E 209 -35.71 18.46 7.29
C GLU E 209 -34.99 19.80 7.14
N SER E 210 -34.40 20.04 5.97
CA SER E 210 -33.74 21.31 5.69
C SER E 210 -33.86 21.68 4.20
N THR E 211 -34.60 22.74 3.95
CA THR E 211 -34.91 23.15 2.59
C THR E 211 -34.88 24.67 2.49
N ASP E 212 -34.15 25.19 1.50
CA ASP E 212 -34.12 26.63 1.23
C ASP E 212 -35.26 26.94 0.27
N ARG E 213 -36.31 27.58 0.77
CA ARG E 213 -37.51 27.79 -0.02
C ARG E 213 -37.32 28.91 -1.05
N SER E 214 -36.22 29.64 -0.97
CA SER E 214 -35.94 30.68 -1.96
C SER E 214 -35.22 30.11 -3.18
N ASP E 215 -34.79 28.85 -3.07
CA ASP E 215 -34.26 28.11 -4.22
C ASP E 215 -35.40 27.82 -5.20
N PRO E 216 -35.21 28.18 -6.49
CA PRO E 216 -36.22 27.96 -7.54
C PRO E 216 -36.74 26.53 -7.61
N ARG E 217 -35.90 25.56 -7.22
CA ARG E 217 -36.25 24.15 -7.28
C ARG E 217 -37.24 23.69 -6.20
N PHE E 218 -37.25 24.37 -5.06
CA PHE E 218 -37.88 23.83 -3.87
C PHE E 218 -39.05 24.67 -3.36
N GLY E 219 -39.88 25.16 -4.28
CA GLY E 219 -41.09 25.85 -3.90
C GLY E 219 -42.17 24.93 -3.33
N GLU E 220 -42.17 23.66 -3.74
CA GLU E 220 -43.26 22.75 -3.39
C GLU E 220 -42.84 21.51 -2.57
N VAL E 221 -41.63 21.01 -2.77
CA VAL E 221 -41.21 19.75 -2.14
C VAL E 221 -39.88 19.90 -1.41
N GLU E 222 -39.54 18.92 -0.57
CA GLU E 222 -38.34 19.06 0.28
C GLU E 222 -37.05 18.71 -0.44
N ASP E 223 -35.97 19.36 0.01
CA ASP E 223 -34.63 19.08 -0.46
C ASP E 223 -33.96 18.01 0.40
N ILE E 224 -33.53 18.38 1.60
CA ILE E 224 -32.92 17.42 2.50
C ILE E 224 -33.88 16.96 3.59
N ILE E 225 -33.99 15.64 3.77
CA ILE E 225 -34.64 15.13 4.97
C ILE E 225 -33.86 13.90 5.42
N ASN E 226 -33.20 14.05 6.56
CA ASN E 226 -32.39 12.98 7.12
C ASN E 226 -33.15 12.26 8.21
N PHE E 227 -32.97 10.96 8.35
CA PHE E 227 -33.75 10.24 9.34
C PHE E 227 -32.95 9.16 10.05
N GLN E 228 -33.42 8.79 11.24
CA GLN E 228 -32.87 7.69 12.02
C GLN E 228 -33.93 6.63 12.19
N LEU E 229 -33.51 5.36 12.14
CA LEU E 229 -34.43 4.24 12.36
C LEU E 229 -33.90 3.40 13.50
N LEU E 230 -34.81 2.92 14.35
CA LEU E 230 -34.47 1.89 15.34
C LEU E 230 -35.22 0.60 15.00
N PHE E 231 -34.54 -0.53 15.11
CA PHE E 231 -35.15 -1.83 14.77
C PHE E 231 -35.31 -2.70 16.03
N PRO E 232 -36.25 -3.67 16.01
CA PRO E 232 -36.48 -4.51 17.21
C PRO E 232 -35.24 -5.21 17.77
N SER E 233 -34.32 -5.64 16.90
CA SER E 233 -33.09 -6.29 17.35
C SER E 233 -32.14 -5.35 18.10
N GLY E 234 -32.37 -4.05 17.97
CA GLY E 234 -31.42 -3.08 18.49
C GLY E 234 -30.61 -2.43 17.38
N ALA E 235 -30.65 -2.99 16.17
CA ALA E 235 -29.99 -2.36 15.01
C ALA E 235 -30.47 -0.91 14.84
N THR E 236 -29.57 -0.05 14.37
CA THR E 236 -29.91 1.34 14.12
C THR E 236 -29.51 1.72 12.70
N ALA E 237 -30.16 2.74 12.16
CA ALA E 237 -29.76 3.29 10.86
C ALA E 237 -29.79 4.81 10.89
N ASN E 238 -28.74 5.42 10.30
CA ASN E 238 -28.67 6.85 10.02
C ASN E 238 -28.72 7.04 8.51
N CYS E 239 -29.68 7.80 8.02
CA CYS E 239 -29.92 7.89 6.58
C CYS E 239 -30.00 9.32 6.09
N VAL E 240 -29.42 9.58 4.92
CA VAL E 240 -29.51 10.88 4.27
C VAL E 240 -30.36 10.76 3.02
N SER E 241 -31.20 11.78 2.80
CA SER E 241 -31.98 11.94 1.58
C SER E 241 -31.81 13.39 1.10
N ALA E 242 -31.39 13.60 -0.14
CA ALA E 242 -31.07 14.96 -0.59
C ALA E 242 -31.30 15.23 -2.08
N TYR E 243 -31.72 16.45 -2.37
CA TYR E 243 -31.81 16.93 -3.74
C TYR E 243 -30.74 17.99 -4.04
N SER E 244 -29.84 18.26 -3.09
CA SER E 244 -28.83 19.29 -3.32
C SER E 244 -27.37 18.84 -3.14
N VAL E 245 -27.14 17.55 -2.90
CA VAL E 245 -25.77 17.00 -2.90
C VAL E 245 -25.78 15.65 -3.60
N ASN E 246 -24.60 15.19 -4.01
CA ASN E 246 -24.48 13.87 -4.63
C ASN E 246 -23.93 12.84 -3.68
N CYS E 247 -24.65 11.74 -3.51
CA CYS E 247 -24.17 10.64 -2.68
C CYS E 247 -24.95 9.38 -3.02
N ASN E 248 -24.30 8.24 -2.85
CA ASN E 248 -24.95 6.97 -3.14
C ASN E 248 -24.12 5.86 -2.53
N ARG E 249 -24.48 5.47 -1.31
CA ARG E 249 -23.64 4.54 -0.59
C ARG E 249 -24.32 3.98 0.64
N TYR E 250 -23.85 2.82 1.08
CA TYR E 250 -24.15 2.40 2.45
C TYR E 250 -23.02 1.59 3.06
N ARG E 251 -22.94 1.65 4.38
CA ARG E 251 -22.09 0.74 5.14
C ARG E 251 -22.93 0.06 6.20
N VAL E 252 -22.79 -1.26 6.33
CA VAL E 252 -23.45 -1.95 7.41
C VAL E 252 -22.38 -2.59 8.29
N SER E 253 -22.50 -2.40 9.60
CA SER E 253 -21.47 -2.76 10.57
C SER E 253 -22.03 -3.57 11.72
N GLY E 254 -21.22 -4.52 12.18
CA GLY E 254 -21.52 -5.33 13.35
C GLY E 254 -20.23 -5.52 14.12
N PRO E 255 -20.29 -6.23 15.25
CA PRO E 255 -19.09 -6.33 16.09
C PRO E 255 -17.92 -7.07 15.43
N LYS E 256 -18.19 -7.90 14.43
CA LYS E 256 -17.12 -8.64 13.74
C LYS E 256 -16.51 -7.92 12.54
N GLY E 257 -17.15 -6.83 12.11
CA GLY E 257 -16.63 -6.10 10.98
C GLY E 257 -17.72 -5.42 10.19
N TRP E 258 -17.37 -4.91 9.00
CA TRP E 258 -18.34 -4.17 8.19
C TRP E 258 -18.10 -4.35 6.70
N VAL E 259 -19.13 -4.00 5.92
CA VAL E 259 -19.01 -4.00 4.47
C VAL E 259 -19.75 -2.78 3.95
N GLU E 260 -19.18 -2.14 2.94
CA GLU E 260 -19.79 -0.96 2.33
C GLU E 260 -19.75 -1.06 0.80
N ILE E 261 -20.65 -0.31 0.15
CA ILE E 261 -20.69 -0.21 -1.30
C ILE E 261 -20.86 1.27 -1.67
N ASP E 262 -20.05 1.75 -2.60
CA ASP E 262 -20.07 3.15 -3.01
C ASP E 262 -19.49 3.26 -4.43
N PRO E 263 -20.34 3.52 -5.46
CA PRO E 263 -21.81 3.71 -5.40
C PRO E 263 -22.53 2.42 -5.07
N ALA E 264 -23.68 2.52 -4.40
CA ALA E 264 -24.36 1.32 -3.92
C ALA E 264 -25.49 0.88 -4.84
N THR E 265 -26.30 1.83 -5.30
CA THR E 265 -27.56 1.47 -5.96
C THR E 265 -27.68 2.13 -7.32
N SER E 266 -26.53 2.49 -7.90
CA SER E 266 -26.50 3.11 -9.21
C SER E 266 -26.78 2.10 -10.32
N TYR E 267 -26.96 2.60 -11.54
CA TYR E 267 -27.21 1.73 -12.70
C TYR E 267 -26.05 0.77 -12.94
N GLN E 268 -24.84 1.26 -12.68
CA GLN E 268 -23.63 0.45 -12.80
C GLN E 268 -22.52 1.12 -11.99
N GLY E 269 -21.37 0.46 -11.88
CA GLY E 269 -20.22 1.11 -11.28
C GLY E 269 -20.02 0.80 -9.80
N GLN E 270 -20.84 -0.10 -9.26
CA GLN E 270 -20.72 -0.50 -7.84
C GLN E 270 -19.30 -0.94 -7.49
N ALA E 271 -18.81 -0.48 -6.34
CA ALA E 271 -17.55 -0.95 -5.80
C ALA E 271 -17.73 -1.25 -4.30
N MET E 272 -17.28 -2.42 -3.86
CA MET E 272 -17.45 -2.88 -2.49
C MET E 272 -16.11 -2.96 -1.76
N ARG E 273 -16.13 -2.55 -0.49
CA ARG E 273 -14.98 -2.60 0.41
C ARG E 273 -15.44 -3.24 1.71
N ALA E 274 -14.63 -4.11 2.30
CA ALA E 274 -15.04 -4.72 3.55
C ALA E 274 -13.90 -4.77 4.56
N GLN E 275 -14.25 -4.68 5.84
CA GLN E 275 -13.29 -4.80 6.91
C GLN E 275 -13.69 -6.00 7.76
N LEU E 276 -13.02 -7.13 7.50
CA LEU E 276 -13.36 -8.40 8.14
C LEU E 276 -12.11 -9.05 8.70
N GLY E 277 -11.75 -8.71 9.93
CA GLY E 277 -10.55 -9.24 10.54
C GLY E 277 -9.38 -8.31 10.30
N GLY E 278 -8.94 -8.21 9.05
CA GLY E 278 -7.85 -7.34 8.70
C GLY E 278 -8.32 -5.95 8.31
N PRO E 279 -7.39 -5.10 7.83
CA PRO E 279 -7.67 -3.74 7.35
C PRO E 279 -8.73 -3.75 6.25
N PRO E 280 -9.42 -2.61 6.03
CA PRO E 280 -10.41 -2.56 4.93
C PRO E 280 -9.74 -2.91 3.60
N ALA E 281 -10.43 -3.68 2.77
CA ALA E 281 -9.89 -4.14 1.50
C ALA E 281 -11.02 -4.33 0.50
N PRO E 282 -10.73 -4.10 -0.79
CA PRO E 282 -11.74 -4.32 -1.84
C PRO E 282 -12.28 -5.74 -1.79
N ARG E 283 -13.52 -5.92 -2.20
CA ARG E 283 -14.11 -7.25 -2.27
C ARG E 283 -14.89 -7.39 -3.56
N GLU E 284 -14.72 -8.52 -4.23
CA GLU E 284 -15.51 -8.84 -5.42
C GLU E 284 -16.69 -9.74 -5.07
N PRO E 285 -17.91 -9.31 -5.43
CA PRO E 285 -19.09 -10.14 -5.11
C PRO E 285 -19.17 -11.38 -5.99
N ALA E 286 -19.91 -12.39 -5.53
CA ALA E 286 -20.22 -13.54 -6.37
C ALA E 286 -20.90 -13.06 -7.65
N PRO E 287 -20.46 -13.60 -8.81
CA PRO E 287 -21.02 -13.14 -10.09
C PRO E 287 -22.48 -13.52 -10.23
N GLN E 288 -23.24 -12.70 -10.95
CA GLN E 288 -24.65 -12.97 -11.22
C GLN E 288 -24.86 -13.28 -12.70
N PRO E 289 -25.84 -14.16 -13.01
CA PRO E 289 -26.14 -14.57 -14.38
C PRO E 289 -26.50 -13.41 -15.32
N LYS E 290 -27.29 -12.46 -14.80
CA LYS E 290 -27.77 -11.34 -15.58
C LYS E 290 -27.63 -10.03 -14.83
N ASN E 291 -27.58 -8.93 -15.58
CA ASN E 291 -27.58 -7.61 -14.98
C ASN E 291 -28.87 -7.35 -14.17
N GLN E 292 -28.85 -6.34 -13.32
CA GLN E 292 -29.96 -6.13 -12.38
C GLN E 292 -31.32 -5.87 -13.07
N PHE E 293 -31.31 -5.16 -14.19
CA PHE E 293 -32.54 -4.81 -14.88
C PHE E 293 -33.22 -6.04 -15.52
N SER E 294 -32.44 -6.85 -16.22
CA SER E 294 -32.97 -8.06 -16.85
C SER E 294 -33.38 -9.08 -15.82
N ALA E 295 -32.63 -9.14 -14.72
CA ALA E 295 -32.95 -10.05 -13.64
C ALA E 295 -34.25 -9.67 -12.93
N GLN E 296 -34.50 -8.37 -12.80
CA GLN E 296 -35.75 -7.87 -12.23
C GLN E 296 -36.94 -8.26 -13.11
N LEU E 297 -36.82 -7.98 -14.41
CA LEU E 297 -37.85 -8.34 -15.38
C LEU E 297 -38.15 -9.84 -15.37
N ASP E 298 -37.10 -10.66 -15.42
CA ASP E 298 -37.27 -12.11 -15.43
C ASP E 298 -37.81 -12.65 -14.11
N HIS E 299 -37.52 -11.96 -13.00
CA HIS E 299 -38.02 -12.42 -11.70
C HIS E 299 -39.56 -12.47 -11.65
N LEU E 300 -40.20 -11.42 -12.15
CA LEU E 300 -41.67 -11.38 -12.12
C LEU E 300 -42.24 -12.45 -13.05
N SER E 301 -41.65 -12.55 -14.25
CA SER E 301 -42.02 -13.58 -15.22
C SER E 301 -41.90 -14.99 -14.64
N GLU E 302 -40.76 -15.29 -14.01
CA GLU E 302 -40.55 -16.59 -13.40
C GLU E 302 -41.52 -16.85 -12.25
N CYS E 303 -41.86 -15.81 -11.51
CA CYS E 303 -42.82 -15.93 -10.41
C CYS E 303 -44.20 -16.34 -10.93
N ILE E 304 -44.62 -15.72 -12.03
CA ILE E 304 -45.89 -16.04 -12.66
C ILE E 304 -45.86 -17.45 -13.24
N LEU E 305 -44.77 -17.80 -13.91
CA LEU E 305 -44.65 -19.11 -14.55
C LEU E 305 -44.61 -20.26 -13.55
N THR E 306 -44.06 -20.00 -12.36
CA THR E 306 -43.92 -21.05 -11.33
C THR E 306 -44.92 -20.93 -10.19
N GLY E 307 -45.76 -19.91 -10.22
CA GLY E 307 -46.75 -19.70 -9.17
C GLY E 307 -46.18 -19.22 -7.84
N ARG E 308 -45.06 -18.51 -7.89
CA ARG E 308 -44.42 -18.01 -6.67
C ARG E 308 -44.64 -16.51 -6.51
N GLU E 309 -44.41 -16.00 -5.30
CA GLU E 309 -44.53 -14.57 -5.03
C GLU E 309 -43.19 -13.85 -5.16
N PRO E 310 -43.19 -12.65 -5.76
CA PRO E 310 -41.98 -11.86 -5.93
C PRO E 310 -41.29 -11.56 -4.61
N ILE E 311 -39.96 -11.47 -4.60
CA ILE E 311 -39.25 -11.16 -3.36
C ILE E 311 -39.50 -9.70 -2.96
N VAL E 312 -39.89 -8.86 -3.92
CA VAL E 312 -40.21 -7.48 -3.62
C VAL E 312 -41.64 -7.16 -4.11
N GLY E 313 -42.63 -7.71 -3.42
CA GLY E 313 -44.01 -7.53 -3.84
C GLY E 313 -44.58 -6.20 -3.39
N GLY E 314 -45.89 -6.02 -3.62
CA GLY E 314 -46.58 -4.81 -3.19
C GLY E 314 -46.41 -4.50 -1.70
N ASP E 315 -46.30 -5.54 -0.88
CA ASP E 315 -46.16 -5.32 0.55
C ASP E 315 -44.82 -4.65 0.91
N ASP E 316 -43.79 -4.87 0.09
CA ASP E 316 -42.50 -4.25 0.35
C ASP E 316 -42.57 -2.75 0.03
N GLY E 317 -43.22 -2.40 -1.08
CA GLY E 317 -43.50 -1.02 -1.38
C GLY E 317 -44.37 -0.34 -0.31
N LEU E 318 -45.37 -1.06 0.19
CA LEU E 318 -46.23 -0.54 1.26
C LEU E 318 -45.44 -0.27 2.54
N LYS E 319 -44.57 -1.20 2.91
CA LYS E 319 -43.76 -1.04 4.11
C LYS E 319 -42.84 0.18 4.03
N ASP E 320 -42.32 0.48 2.84
CA ASP E 320 -41.55 1.71 2.67
C ASP E 320 -42.45 2.94 2.87
N LEU E 321 -43.66 2.93 2.32
CA LEU E 321 -44.52 4.12 2.43
C LEU E 321 -44.96 4.35 3.88
N ARG E 322 -45.11 3.28 4.66
CA ARG E 322 -45.47 3.44 6.06
C ARG E 322 -44.37 4.20 6.80
N VAL E 323 -43.11 3.86 6.52
CA VAL E 323 -42.00 4.52 7.19
C VAL E 323 -41.82 5.94 6.68
N ILE E 324 -42.02 6.13 5.37
CA ILE E 324 -41.95 7.48 4.78
C ILE E 324 -42.96 8.43 5.44
N GLU E 325 -44.19 7.96 5.68
CA GLU E 325 -45.18 8.81 6.34
C GLU E 325 -44.72 9.17 7.74
N ALA E 326 -44.09 8.22 8.44
CA ALA E 326 -43.55 8.46 9.77
C ALA E 326 -42.36 9.43 9.77
N ILE E 327 -41.53 9.37 8.73
CA ILE E 327 -40.38 10.27 8.59
C ILE E 327 -40.84 11.70 8.40
N TYR E 328 -41.79 11.89 7.47
CA TYR E 328 -42.37 13.22 7.29
C TYR E 328 -43.02 13.74 8.58
N ARG E 329 -43.71 12.86 9.32
CA ARG E 329 -44.35 13.31 10.56
C ARG E 329 -43.31 13.66 11.65
N ALA E 330 -42.26 12.86 11.76
CA ALA E 330 -41.21 13.10 12.76
C ALA E 330 -40.52 14.42 12.55
N ALA E 331 -40.26 14.76 11.30
CA ALA E 331 -39.61 16.02 10.96
C ALA E 331 -40.54 17.21 11.22
N ARG E 332 -41.83 17.00 10.96
CA ARG E 332 -42.83 18.04 11.16
C ARG E 332 -43.04 18.33 12.67
N GLU E 333 -43.16 17.27 13.46
CA GLU E 333 -43.56 17.39 14.85
C GLU E 333 -42.37 17.45 15.81
N GLY E 334 -41.18 17.15 15.30
CA GLY E 334 -39.99 17.23 16.14
C GLY E 334 -40.03 16.23 17.26
N ARG E 335 -40.40 15.00 16.94
CA ARG E 335 -40.47 13.97 17.96
C ARG E 335 -40.22 12.60 17.33
N THR E 336 -39.88 11.63 18.17
CA THR E 336 -39.72 10.26 17.72
C THR E 336 -41.09 9.61 17.46
N VAL E 337 -41.32 9.17 16.22
CA VAL E 337 -42.56 8.52 15.86
C VAL E 337 -42.42 7.01 16.02
N LYS E 338 -43.37 6.39 16.74
CA LYS E 338 -43.31 4.96 16.98
C LYS E 338 -44.15 4.20 15.95
N LEU E 339 -43.66 3.05 15.50
CA LEU E 339 -44.34 2.22 14.52
C LEU E 339 -44.61 0.82 15.06
N ARG F 5 37.19 26.84 16.74
CA ARG F 5 38.41 26.20 16.27
C ARG F 5 38.10 24.93 15.45
N LYS F 6 38.42 24.97 14.16
CA LYS F 6 38.08 23.89 13.24
C LYS F 6 39.30 23.30 12.55
N LEU F 7 39.45 21.98 12.60
CA LEU F 7 40.56 21.33 11.90
C LEU F 7 40.21 21.06 10.44
N GLY F 8 41.21 21.14 9.57
CA GLY F 8 40.97 21.00 8.14
C GLY F 8 41.07 19.56 7.67
N TYR F 9 40.05 19.13 6.92
CA TYR F 9 40.03 17.82 6.27
C TYR F 9 40.44 17.86 4.81
N ALA F 10 41.28 16.91 4.41
CA ALA F 10 41.45 16.61 3.00
C ALA F 10 40.65 15.34 2.68
N ILE F 11 39.73 15.42 1.73
CA ILE F 11 38.97 14.25 1.30
C ILE F 11 39.65 13.56 0.12
N LEU F 12 39.94 12.26 0.27
CA LEU F 12 40.68 11.51 -0.73
C LEU F 12 39.87 10.38 -1.33
N GLY F 13 39.64 10.45 -2.64
CA GLY F 13 38.80 9.49 -3.35
C GLY F 13 37.40 10.05 -3.46
N LEU F 14 37.12 10.75 -4.55
CA LEU F 14 35.86 11.51 -4.60
C LEU F 14 34.79 10.67 -5.30
N GLY F 15 34.33 9.62 -4.62
CA GLY F 15 33.30 8.73 -5.16
C GLY F 15 31.94 9.00 -4.53
N TYR F 16 31.07 7.99 -4.52
CA TYR F 16 29.72 8.16 -3.99
C TYR F 16 29.71 8.58 -2.51
N TYR F 17 30.38 7.84 -1.64
CA TYR F 17 30.33 8.17 -0.23
C TYR F 17 30.94 9.55 0.05
N ALA F 18 32.06 9.85 -0.59
CA ALA F 18 32.75 11.11 -0.35
C ALA F 18 31.89 12.29 -0.76
N THR F 19 31.33 12.22 -1.97
CA THR F 19 30.69 13.39 -2.56
C THR F 19 29.19 13.52 -2.24
N ARG F 20 28.50 12.41 -2.04
CA ARG F 20 27.05 12.45 -1.83
C ARG F 20 26.71 12.47 -0.35
N ILE F 21 27.58 11.86 0.46
CA ILE F 21 27.27 11.68 1.87
C ILE F 21 28.14 12.54 2.79
N ILE F 22 29.46 12.44 2.64
CA ILE F 22 30.37 13.06 3.61
C ILE F 22 30.57 14.57 3.40
N MET F 23 30.98 14.99 2.21
CA MET F 23 31.31 16.40 1.98
C MET F 23 30.15 17.40 2.28
N PRO F 24 28.90 17.06 1.94
CA PRO F 24 27.82 17.99 2.34
C PRO F 24 27.62 18.14 3.85
N ARG F 25 28.16 17.20 4.64
CA ARG F 25 27.88 17.21 6.07
C ARG F 25 28.89 18.02 6.90
N PHE F 26 29.88 18.61 6.24
CA PHE F 26 30.74 19.56 6.94
C PHE F 26 29.93 20.78 7.41
N ALA F 27 28.80 21.01 6.77
CA ALA F 27 27.93 22.15 7.08
C ALA F 27 27.46 22.16 8.53
N GLU F 28 27.26 20.98 9.12
CA GLU F 28 26.78 20.91 10.51
C GLU F 28 27.89 20.65 11.54
N CYS F 29 29.13 20.62 11.09
CA CYS F 29 30.26 20.40 11.99
C CYS F 29 30.58 21.65 12.78
N GLU F 30 31.08 21.48 13.98
CA GLU F 30 31.48 22.60 14.82
C GLU F 30 33.00 22.72 14.94
N HIS F 31 33.71 21.65 14.63
CA HIS F 31 35.17 21.63 14.81
C HIS F 31 35.91 21.08 13.60
N SER F 32 35.23 21.00 12.47
CA SER F 32 35.80 20.45 11.26
C SER F 32 35.43 21.30 10.07
N ARG F 33 36.37 21.43 9.13
CA ARG F 33 36.09 22.11 7.86
C ARG F 33 36.76 21.38 6.70
N LEU F 34 36.14 21.49 5.52
CA LEU F 34 36.71 20.94 4.31
C LEU F 34 37.82 21.85 3.77
N ALA F 35 39.04 21.33 3.66
CA ALA F 35 40.20 22.16 3.36
C ALA F 35 40.91 21.81 2.06
N ALA F 36 40.77 20.57 1.59
CA ALA F 36 41.50 20.11 0.41
C ALA F 36 40.87 18.88 -0.21
N LEU F 37 41.16 18.67 -1.49
CA LEU F 37 40.65 17.54 -2.24
C LEU F 37 41.79 16.74 -2.88
N VAL F 38 41.70 15.42 -2.84
CA VAL F 38 42.66 14.55 -3.51
C VAL F 38 41.91 13.54 -4.37
N SER F 39 42.22 13.52 -5.67
CA SER F 39 41.48 12.72 -6.65
C SER F 39 42.34 12.25 -7.83
N GLY F 40 42.02 11.10 -8.39
CA GLY F 40 42.67 10.61 -9.59
C GLY F 40 41.96 11.02 -10.87
N THR F 41 40.95 11.88 -10.73
CA THR F 41 40.18 12.38 -11.86
C THR F 41 40.21 13.91 -11.88
N PRO F 42 41.01 14.50 -12.80
CA PRO F 42 41.17 15.96 -12.87
C PRO F 42 39.83 16.70 -12.91
N GLU F 43 38.86 16.13 -13.60
CA GLU F 43 37.55 16.76 -13.75
C GLU F 43 36.82 16.92 -12.41
N LYS F 44 37.00 15.96 -11.50
CA LYS F 44 36.37 16.05 -10.18
C LYS F 44 37.00 17.15 -9.34
N LEU F 45 38.31 17.32 -9.45
CA LEU F 45 39.00 18.37 -8.68
C LEU F 45 38.46 19.75 -9.05
N LYS F 46 38.15 19.92 -10.33
CA LYS F 46 37.62 21.17 -10.84
C LYS F 46 36.19 21.40 -10.35
N THR F 47 35.31 20.45 -10.65
CA THR F 47 33.91 20.52 -10.25
C THR F 47 33.71 20.74 -8.75
N TYR F 48 34.27 19.85 -7.93
CA TYR F 48 34.05 19.97 -6.49
C TYR F 48 34.89 21.08 -5.89
N GLY F 49 36.05 21.33 -6.48
CA GLY F 49 36.88 22.44 -6.01
C GLY F 49 36.15 23.76 -6.21
N GLU F 50 35.50 23.91 -7.35
CA GLU F 50 34.74 25.11 -7.63
C GLU F 50 33.49 25.18 -6.75
N GLN F 51 32.83 24.04 -6.57
CA GLN F 51 31.60 24.00 -5.77
C GLN F 51 31.84 24.34 -4.30
N TYR F 52 32.93 23.84 -3.72
CA TYR F 52 33.17 24.02 -2.29
C TYR F 52 34.18 25.13 -1.98
N GLY F 53 34.61 25.83 -3.02
CA GLY F 53 35.53 26.95 -2.84
C GLY F 53 36.90 26.53 -2.37
N ILE F 54 37.38 25.41 -2.90
CA ILE F 54 38.74 24.94 -2.59
C ILE F 54 39.71 25.43 -3.67
N PRO F 55 40.67 26.28 -3.29
CA PRO F 55 41.61 26.84 -4.25
C PRO F 55 42.47 25.75 -4.90
N GLU F 56 43.03 26.06 -6.08
CA GLU F 56 43.83 25.09 -6.81
C GLU F 56 45.06 24.64 -6.02
N THR F 57 45.57 25.50 -5.14
CA THR F 57 46.70 25.15 -4.28
C THR F 57 46.37 24.01 -3.31
N HIS F 58 45.08 23.70 -3.18
CA HIS F 58 44.61 22.73 -2.21
C HIS F 58 43.94 21.55 -2.91
N ARG F 59 44.18 21.41 -4.20
CA ARG F 59 43.71 20.28 -4.98
C ARG F 59 44.89 19.40 -5.39
N TYR F 60 44.83 18.12 -5.03
CA TYR F 60 45.93 17.19 -5.28
C TYR F 60 45.46 16.00 -6.12
N SER F 61 46.34 15.49 -6.97
CA SER F 61 46.12 14.19 -7.60
C SER F 61 46.82 13.14 -6.75
N TYR F 62 46.69 11.87 -7.11
CA TYR F 62 47.38 10.83 -6.36
C TYR F 62 48.89 10.93 -6.58
N GLU F 63 49.28 11.51 -7.70
CA GLU F 63 50.71 11.74 -7.97
C GLU F 63 51.32 12.85 -7.11
N THR F 64 50.56 13.91 -6.84
CA THR F 64 51.12 15.01 -6.07
C THR F 64 50.75 14.96 -4.59
N PHE F 65 50.02 13.91 -4.18
CA PHE F 65 49.46 13.83 -2.84
C PHE F 65 50.50 14.05 -1.75
N ASP F 66 51.72 13.54 -1.92
CA ASP F 66 52.71 13.59 -0.85
C ASP F 66 53.14 15.05 -0.54
N ARG F 67 52.94 15.96 -1.48
CA ARG F 67 53.22 17.38 -1.25
C ARG F 67 52.33 18.01 -0.18
N ILE F 68 51.27 17.31 0.23
CA ILE F 68 50.32 17.84 1.20
C ILE F 68 51.00 18.07 2.54
N ILE F 69 52.17 17.45 2.72
CA ILE F 69 52.97 17.65 3.93
C ILE F 69 53.31 19.14 4.14
N ASP F 70 53.34 19.90 3.06
CA ASP F 70 53.66 21.32 3.11
C ASP F 70 52.43 22.22 3.26
N ASN F 71 51.25 21.62 3.41
CA ASN F 71 50.01 22.37 3.56
C ASN F 71 49.50 22.38 5.01
N PRO F 72 49.74 23.48 5.74
CA PRO F 72 49.36 23.56 7.15
C PRO F 72 47.85 23.72 7.36
N ASP F 73 47.07 23.96 6.30
CA ASP F 73 45.62 24.00 6.42
C ASP F 73 44.99 22.61 6.54
N VAL F 74 45.78 21.58 6.24
CA VAL F 74 45.29 20.20 6.29
C VAL F 74 45.81 19.52 7.55
N ASP F 75 44.89 19.06 8.39
CA ASP F 75 45.23 18.34 9.62
C ASP F 75 44.94 16.86 9.49
N ILE F 76 43.91 16.54 8.71
CA ILE F 76 43.36 15.20 8.62
C ILE F 76 43.14 14.81 7.17
N VAL F 77 43.55 13.59 6.81
CA VAL F 77 43.21 13.04 5.50
C VAL F 77 42.17 11.93 5.70
N TYR F 78 41.07 12.03 4.97
CA TYR F 78 39.98 11.05 5.06
C TYR F 78 40.03 10.18 3.80
N VAL F 79 40.40 8.91 3.98
CA VAL F 79 40.59 8.00 2.85
C VAL F 79 39.29 7.28 2.52
N ILE F 80 38.75 7.51 1.32
CA ILE F 80 37.44 6.96 0.94
C ILE F 80 37.55 6.27 -0.43
N THR F 81 38.56 5.41 -0.55
CA THR F 81 38.86 4.67 -1.77
C THR F 81 38.37 3.22 -1.69
N PRO F 82 38.49 2.44 -2.80
CA PRO F 82 38.33 0.99 -2.64
C PRO F 82 39.24 0.42 -1.54
N ASN F 83 38.82 -0.71 -0.98
CA ASN F 83 39.41 -1.24 0.24
C ASN F 83 40.92 -1.51 0.15
N SER F 84 41.37 -2.06 -0.97
CA SER F 84 42.77 -2.42 -1.13
C SER F 84 43.69 -1.20 -1.18
N LEU F 85 43.11 -0.01 -1.32
CA LEU F 85 43.91 1.21 -1.35
C LEU F 85 43.97 1.93 -0.01
N HIS F 86 43.23 1.42 0.99
CA HIS F 86 43.22 2.06 2.31
C HIS F 86 44.60 2.10 2.94
N ARG F 87 45.31 0.97 2.93
CA ARG F 87 46.64 0.93 3.54
C ARG F 87 47.65 1.89 2.87
N PRO F 88 47.84 1.80 1.54
CA PRO F 88 48.89 2.71 1.01
C PRO F 88 48.54 4.20 1.16
N PHE F 89 47.28 4.60 1.01
CA PHE F 89 46.99 6.02 1.21
C PHE F 89 47.09 6.45 2.69
N THR F 90 46.73 5.56 3.61
CA THR F 90 46.87 5.86 5.03
C THR F 90 48.34 6.05 5.40
N GLU F 91 49.20 5.15 4.92
CA GLU F 91 50.64 5.25 5.17
C GLU F 91 51.24 6.54 4.58
N ARG F 92 50.84 6.89 3.37
CA ARG F 92 51.34 8.12 2.76
C ARG F 92 50.84 9.35 3.53
N ALA F 93 49.59 9.32 4.00
CA ALA F 93 49.04 10.42 4.80
C ALA F 93 49.80 10.59 6.13
N ALA F 94 50.10 9.48 6.79
CA ALA F 94 50.89 9.52 8.02
C ALA F 94 52.30 10.06 7.78
N ARG F 95 52.91 9.68 6.66
CA ARG F 95 54.26 10.13 6.36
C ARG F 95 54.26 11.61 6.01
N ALA F 96 53.09 12.11 5.59
CA ALA F 96 52.92 13.54 5.34
C ALA F 96 52.54 14.29 6.62
N GLY F 97 52.67 13.62 7.76
CA GLY F 97 52.37 14.21 9.05
C GLY F 97 50.91 14.56 9.28
N LYS F 98 50.00 13.83 8.64
CA LYS F 98 48.58 14.12 8.81
C LYS F 98 47.91 13.05 9.69
N HIS F 99 46.89 13.46 10.45
CA HIS F 99 46.03 12.49 11.14
C HIS F 99 45.17 11.82 10.08
N VAL F 100 44.64 10.63 10.37
CA VAL F 100 43.89 9.90 9.35
C VAL F 100 42.52 9.40 9.80
N MET F 101 41.51 9.67 8.99
CA MET F 101 40.22 9.00 9.07
C MET F 101 40.18 8.00 7.91
N CYS F 102 40.01 6.72 8.21
CA CYS F 102 39.96 5.70 7.14
C CYS F 102 38.61 4.99 7.13
N GLU F 103 38.04 4.81 5.94
CA GLU F 103 36.73 4.17 5.86
C GLU F 103 36.85 2.68 6.19
N LYS F 104 35.71 2.07 6.54
CA LYS F 104 35.68 0.62 6.75
C LYS F 104 35.52 -0.06 5.39
N PRO F 105 35.90 -1.35 5.28
CA PRO F 105 36.69 -2.09 6.28
C PRO F 105 38.09 -1.48 6.30
N MET F 106 38.79 -1.54 7.43
CA MET F 106 40.07 -0.86 7.55
C MET F 106 41.07 -1.21 6.44
N ALA F 107 41.21 -2.50 6.17
CA ALA F 107 42.17 -2.99 5.19
C ALA F 107 41.81 -4.43 4.85
N ASN F 108 42.55 -5.04 3.92
CA ASN F 108 42.22 -6.40 3.45
C ASN F 108 42.53 -7.49 4.47
N THR F 109 43.54 -7.25 5.30
CA THR F 109 44.03 -8.29 6.21
C THR F 109 44.44 -7.71 7.55
N VAL F 110 44.62 -8.60 8.54
CA VAL F 110 45.15 -8.22 9.83
C VAL F 110 46.53 -7.56 9.67
N ALA F 111 47.41 -8.17 8.88
CA ALA F 111 48.76 -7.62 8.68
C ALA F 111 48.73 -6.20 8.12
N ASP F 112 47.84 -5.95 7.16
CA ASP F 112 47.69 -4.60 6.61
C ASP F 112 47.22 -3.57 7.66
N CYS F 113 46.25 -3.96 8.51
CA CYS F 113 45.81 -3.09 9.60
C CYS F 113 46.96 -2.76 10.55
N GLU F 114 47.74 -3.79 10.87
CA GLU F 114 48.89 -3.61 11.74
C GLU F 114 49.92 -2.63 11.14
N ALA F 115 50.12 -2.70 9.82
CA ALA F 115 51.04 -1.79 9.16
C ALA F 115 50.54 -0.34 9.25
N MET F 116 49.25 -0.16 9.06
CA MET F 116 48.62 1.16 9.16
C MET F 116 48.74 1.74 10.57
N ILE F 117 48.46 0.93 11.57
CA ILE F 117 48.58 1.35 12.97
C ILE F 117 50.03 1.76 13.29
N ALA F 118 50.99 0.98 12.81
CA ALA F 118 52.40 1.29 13.05
C ALA F 118 52.84 2.59 12.38
N ALA F 119 52.38 2.82 11.15
CA ALA F 119 52.71 4.07 10.45
C ALA F 119 52.19 5.30 11.19
N CYS F 120 50.94 5.28 11.63
CA CYS F 120 50.36 6.43 12.33
C CYS F 120 51.04 6.63 13.69
N LYS F 121 51.38 5.53 14.36
CA LYS F 121 52.09 5.61 15.64
C LYS F 121 53.47 6.26 15.46
N LYS F 122 54.18 5.82 14.41
CA LYS F 122 55.51 6.33 14.12
C LYS F 122 55.46 7.82 13.87
N ALA F 123 54.40 8.26 13.20
CA ALA F 123 54.22 9.68 12.87
C ALA F 123 53.69 10.50 14.06
N GLY F 124 53.25 9.82 15.12
CA GLY F 124 52.64 10.49 16.25
C GLY F 124 51.35 11.19 15.85
N ARG F 125 50.56 10.53 15.01
CA ARG F 125 49.29 11.05 14.53
C ARG F 125 48.17 10.08 14.86
N LYS F 126 46.96 10.60 15.00
CA LYS F 126 45.82 9.79 15.40
C LYS F 126 45.21 9.09 14.19
N LEU F 127 44.53 7.98 14.46
CA LEU F 127 43.90 7.15 13.43
C LEU F 127 42.50 6.77 13.88
N MET F 128 41.52 6.96 13.00
CA MET F 128 40.14 6.61 13.34
C MET F 128 39.49 5.90 12.18
N ILE F 129 38.64 4.92 12.47
CA ILE F 129 37.93 4.20 11.42
C ILE F 129 36.48 4.69 11.34
N GLY F 130 35.93 4.75 10.12
CA GLY F 130 34.64 5.37 9.90
C GLY F 130 33.43 4.54 10.29
N TYR F 131 33.38 4.09 11.54
CA TYR F 131 32.20 3.40 12.07
C TYR F 131 31.17 4.44 12.59
N ARG F 132 30.49 5.07 11.65
CA ARG F 132 29.56 6.16 11.97
C ARG F 132 28.38 5.77 12.89
N SER F 133 27.99 4.49 12.85
CA SER F 133 26.85 4.05 13.66
C SER F 133 27.08 4.31 15.15
N ARG F 134 28.33 4.44 15.56
CA ARG F 134 28.64 4.67 16.97
C ARG F 134 28.24 6.10 17.39
N PHE F 135 27.92 6.93 16.40
CA PHE F 135 27.51 8.31 16.64
C PHE F 135 26.03 8.54 16.28
N GLN F 136 25.31 7.44 15.99
CA GLN F 136 23.94 7.50 15.50
C GLN F 136 22.98 7.29 16.69
N ALA F 137 21.94 8.12 16.78
CA ALA F 137 21.12 8.20 18.00
C ALA F 137 20.50 6.88 18.47
N HIS F 138 19.89 6.15 17.55
CA HIS F 138 19.24 4.90 17.92
C HIS F 138 20.25 3.83 18.36
N ASN F 139 21.39 3.78 17.68
CA ASN F 139 22.46 2.86 18.08
C ASN F 139 23.00 3.20 19.48
N ILE F 140 23.23 4.49 19.72
CA ILE F 140 23.67 4.91 21.03
C ILE F 140 22.65 4.49 22.11
N GLU F 141 21.37 4.62 21.80
CA GLU F 141 20.30 4.24 22.74
C GLU F 141 20.30 2.72 23.00
N ALA F 142 20.52 1.92 21.97
CA ALA F 142 20.59 0.47 22.17
C ALA F 142 21.76 0.09 23.08
N ILE F 143 22.93 0.67 22.82
CA ILE F 143 24.09 0.43 23.68
C ILE F 143 23.79 0.83 25.14
N LYS F 144 23.13 1.97 25.30
CA LYS F 144 22.80 2.45 26.65
C LYS F 144 21.87 1.52 27.40
N LEU F 145 20.84 1.02 26.70
CA LEU F 145 19.90 0.10 27.33
C LEU F 145 20.62 -1.16 27.81
N VAL F 146 21.55 -1.66 27.01
CA VAL F 146 22.35 -2.82 27.42
C VAL F 146 23.23 -2.50 28.63
N ARG F 147 23.97 -1.40 28.56
CA ARG F 147 24.88 -1.03 29.65
C ARG F 147 24.12 -0.75 30.96
N ASP F 148 22.94 -0.15 30.86
CA ASP F 148 22.13 0.16 32.04
C ASP F 148 21.41 -1.06 32.61
N GLY F 149 21.53 -2.21 31.97
CA GLY F 149 20.98 -3.44 32.50
C GLY F 149 19.51 -3.69 32.20
N ALA F 150 18.95 -2.92 31.28
CA ALA F 150 17.53 -3.03 30.99
C ALA F 150 17.14 -4.39 30.37
N LEU F 151 18.11 -5.08 29.79
CA LEU F 151 17.82 -6.38 29.17
C LEU F 151 18.23 -7.53 30.08
N GLY F 152 18.95 -7.21 31.15
CA GLY F 152 19.71 -8.22 31.88
C GLY F 152 20.97 -8.54 31.08
N PRO F 153 21.66 -9.64 31.40
CA PRO F 153 22.84 -10.02 30.60
C PRO F 153 22.46 -10.33 29.15
N VAL F 154 23.21 -9.81 28.20
CA VAL F 154 22.95 -10.12 26.79
C VAL F 154 23.06 -11.61 26.53
N ARG F 155 22.01 -12.20 25.96
CA ARG F 155 22.04 -13.61 25.59
C ARG F 155 22.20 -13.80 24.07
N THR F 156 21.43 -13.05 23.28
CA THR F 156 21.53 -13.15 21.82
C THR F 156 21.57 -11.80 21.13
N VAL F 157 22.36 -11.74 20.06
CA VAL F 157 22.32 -10.67 19.08
C VAL F 157 22.02 -11.30 17.72
N VAL F 158 20.92 -10.90 17.11
CA VAL F 158 20.58 -11.42 15.79
C VAL F 158 20.61 -10.22 14.83
N THR F 159 21.52 -10.26 13.86
CA THR F 159 21.74 -9.10 13.01
C THR F 159 22.01 -9.52 11.56
N ASP F 160 21.35 -8.83 10.63
CA ASP F 160 21.39 -9.15 9.22
C ASP F 160 21.74 -7.90 8.41
N HIS F 161 22.80 -7.95 7.61
CA HIS F 161 23.12 -6.84 6.71
C HIS F 161 23.38 -7.34 5.30
N GLY F 162 22.73 -6.73 4.33
CA GLY F 162 22.93 -7.14 2.95
C GLY F 162 22.26 -6.14 2.03
N PHE F 163 22.70 -6.13 0.78
CA PHE F 163 21.98 -5.44 -0.27
C PHE F 163 22.15 -6.17 -1.60
N THR F 164 21.24 -5.95 -2.53
CA THR F 164 21.27 -6.64 -3.82
C THR F 164 22.22 -5.88 -4.75
N ILE F 165 23.48 -6.31 -4.80
CA ILE F 165 24.51 -5.59 -5.55
C ILE F 165 24.26 -5.74 -7.05
N GLY F 166 24.71 -4.77 -7.83
CA GLY F 166 24.42 -4.73 -9.25
C GLY F 166 25.61 -4.99 -10.18
N ASP F 167 26.10 -3.93 -10.81
CA ASP F 167 27.13 -4.02 -11.85
C ASP F 167 28.31 -4.92 -11.51
N PRO F 168 28.46 -6.03 -12.25
CA PRO F 168 29.54 -6.98 -12.03
C PRO F 168 30.94 -6.37 -12.19
N LYS F 169 31.05 -5.22 -12.86
CA LYS F 169 32.36 -4.64 -13.14
C LYS F 169 32.86 -3.71 -12.05
N GLN F 170 32.03 -3.43 -11.06
CA GLN F 170 32.39 -2.49 -10.01
C GLN F 170 33.47 -3.06 -9.11
N TRP F 171 34.21 -2.19 -8.42
CA TRP F 171 35.35 -2.66 -7.65
C TRP F 171 34.97 -3.58 -6.50
N ARG F 172 33.77 -3.42 -5.92
CA ARG F 172 33.38 -4.32 -4.82
C ARG F 172 33.33 -5.80 -5.23
N LEU F 173 33.19 -6.07 -6.54
CA LEU F 173 33.10 -7.46 -7.01
C LEU F 173 34.42 -7.92 -7.67
N ASN F 174 35.47 -7.16 -7.42
CA ASN F 174 36.81 -7.38 -7.95
C ASN F 174 37.74 -7.70 -6.78
N ARG F 175 38.21 -8.94 -6.67
CA ARG F 175 38.97 -9.31 -5.47
C ARG F 175 40.21 -8.43 -5.24
N ALA F 176 40.90 -8.04 -6.31
CA ALA F 176 42.12 -7.26 -6.16
C ALA F 176 41.88 -5.89 -5.50
N LEU F 177 40.69 -5.31 -5.70
CA LEU F 177 40.37 -4.00 -5.12
C LEU F 177 39.50 -4.03 -3.83
N ALA F 178 38.73 -5.10 -3.63
CA ALA F 178 37.77 -5.17 -2.53
C ALA F 178 38.28 -6.01 -1.35
N GLY F 179 39.12 -7.00 -1.64
CA GLY F 179 39.69 -7.84 -0.60
C GLY F 179 38.80 -9.00 -0.16
N GLY F 180 37.61 -9.09 -0.75
CA GLY F 180 36.60 -10.08 -0.38
C GLY F 180 35.23 -9.56 -0.77
N GLY F 181 34.18 -10.36 -0.55
CA GLY F 181 32.84 -9.99 -0.97
C GLY F 181 32.01 -9.33 0.12
N SER F 182 30.80 -9.84 0.30
CA SER F 182 29.81 -9.18 1.17
C SER F 182 30.32 -8.93 2.60
N LEU F 183 31.13 -9.83 3.15
CA LEU F 183 31.60 -9.66 4.53
C LEU F 183 32.46 -8.40 4.69
N MET F 184 33.31 -8.13 3.70
CA MET F 184 34.16 -6.94 3.75
C MET F 184 33.34 -5.65 3.71
N ASP F 185 32.28 -5.64 2.92
CA ASP F 185 31.55 -4.40 2.61
C ASP F 185 30.38 -4.09 3.53
N ILE F 186 29.55 -5.10 3.81
CA ILE F 186 28.26 -4.87 4.45
C ILE F 186 28.07 -5.84 5.65
N GLY F 187 28.60 -7.05 5.53
CA GLY F 187 28.60 -7.98 6.64
C GLY F 187 29.37 -7.45 7.84
N ILE F 188 30.36 -6.60 7.59
CA ILE F 188 31.12 -6.00 8.68
C ILE F 188 30.21 -5.20 9.65
N TYR F 189 29.09 -4.65 9.16
CA TYR F 189 28.17 -3.95 10.06
C TYR F 189 27.54 -4.88 11.09
N SER F 190 27.23 -6.12 10.67
CA SER F 190 26.71 -7.12 11.59
C SER F 190 27.75 -7.48 12.67
N LEU F 191 28.98 -7.69 12.22
CA LEU F 191 30.08 -8.03 13.13
C LEU F 191 30.37 -6.89 14.09
N ASN F 192 30.48 -5.66 13.56
CA ASN F 192 30.81 -4.51 14.40
C ASN F 192 29.72 -4.27 15.47
N ALA F 193 28.47 -4.46 15.09
CA ALA F 193 27.36 -4.30 16.03
C ALA F 193 27.33 -5.39 17.10
N ALA F 194 27.55 -6.64 16.70
CA ALA F 194 27.68 -7.73 17.68
C ALA F 194 28.70 -7.34 18.76
N ARG F 195 29.81 -6.76 18.33
CA ARG F 195 30.85 -6.35 19.27
C ARG F 195 30.45 -5.13 20.11
N TYR F 196 29.86 -4.08 19.52
CA TYR F 196 29.57 -2.93 20.37
C TYR F 196 28.29 -3.10 21.21
N LEU F 197 27.40 -4.03 20.81
CA LEU F 197 26.22 -4.31 21.65
C LEU F 197 26.59 -5.20 22.85
N THR F 198 27.41 -6.23 22.65
CA THR F 198 27.88 -7.04 23.78
C THR F 198 28.94 -6.30 24.60
N GLY F 199 29.71 -5.47 23.92
CA GLY F 199 30.88 -4.84 24.51
C GLY F 199 32.00 -5.85 24.73
N GLU F 200 31.93 -6.97 24.01
CA GLU F 200 32.93 -8.05 24.13
C GLU F 200 33.60 -8.41 22.80
N GLU F 201 34.64 -9.25 22.87
CA GLU F 201 35.29 -9.80 21.68
C GLU F 201 35.03 -11.30 21.63
N PRO F 202 34.74 -11.83 20.42
CA PRO F 202 34.34 -13.24 20.34
C PRO F 202 35.49 -14.21 20.60
N VAL F 203 35.17 -15.40 21.10
CA VAL F 203 36.17 -16.41 21.38
C VAL F 203 36.03 -17.62 20.46
N ALA F 204 34.93 -17.69 19.73
CA ALA F 204 34.67 -18.80 18.81
C ALA F 204 33.75 -18.35 17.67
N VAL F 205 34.01 -18.89 16.49
CA VAL F 205 33.33 -18.48 15.26
C VAL F 205 32.98 -19.69 14.39
N ASN F 206 31.70 -19.78 14.00
CA ASN F 206 31.23 -20.67 12.94
C ASN F 206 30.86 -19.87 11.70
N ALA F 207 30.94 -20.47 10.52
CA ALA F 207 30.45 -19.78 9.31
C ALA F 207 30.01 -20.73 8.22
N VAL F 208 29.08 -20.26 7.38
CA VAL F 208 28.64 -21.00 6.20
C VAL F 208 28.62 -20.03 5.04
N GLU F 209 29.23 -20.41 3.92
CA GLU F 209 29.24 -19.57 2.72
C GLU F 209 28.37 -20.17 1.62
N SER F 210 27.72 -19.32 0.85
CA SER F 210 26.87 -19.80 -0.24
C SER F 210 26.87 -18.80 -1.37
N THR F 211 27.48 -19.20 -2.49
CA THR F 211 27.63 -18.32 -3.64
C THR F 211 27.37 -19.09 -4.94
N ASP F 212 26.53 -18.53 -5.80
CA ASP F 212 26.28 -19.10 -7.12
C ASP F 212 27.32 -18.60 -8.12
N ARG F 213 28.31 -19.42 -8.42
CA ARG F 213 29.43 -18.99 -9.25
C ARG F 213 29.06 -18.87 -10.74
N SER F 214 27.86 -19.30 -11.10
CA SER F 214 27.35 -19.04 -12.44
C SER F 214 26.76 -17.63 -12.57
N ASP F 215 26.56 -16.95 -11.43
CA ASP F 215 26.05 -15.58 -11.43
C ASP F 215 27.18 -14.66 -11.91
N PRO F 216 26.88 -13.78 -12.88
CA PRO F 216 27.92 -12.90 -13.43
C PRO F 216 28.54 -11.96 -12.38
N ARG F 217 27.86 -11.73 -11.26
CA ARG F 217 28.41 -10.87 -10.23
C ARG F 217 29.49 -11.54 -9.40
N PHE F 218 29.44 -12.85 -9.30
CA PHE F 218 30.18 -13.56 -8.25
C PHE F 218 31.26 -14.52 -8.76
N GLY F 219 32.04 -14.09 -9.75
CA GLY F 219 33.15 -14.90 -10.22
C GLY F 219 34.34 -14.87 -9.27
N GLU F 220 34.46 -13.80 -8.48
CA GLU F 220 35.66 -13.59 -7.67
C GLU F 220 35.44 -13.51 -6.15
N VAL F 221 34.31 -12.96 -5.70
CA VAL F 221 34.09 -12.76 -4.27
C VAL F 221 32.78 -13.41 -3.83
N GLU F 222 32.58 -13.54 -2.52
CA GLU F 222 31.45 -14.29 -2.01
C GLU F 222 30.17 -13.47 -1.97
N ASP F 223 29.05 -14.16 -2.13
CA ASP F 223 27.72 -13.57 -1.99
C ASP F 223 27.26 -13.61 -0.52
N ILE F 224 26.83 -14.78 -0.07
CA ILE F 224 26.36 -14.96 1.31
C ILE F 224 27.44 -15.64 2.15
N ILE F 225 27.77 -15.03 3.27
CA ILE F 225 28.52 -15.75 4.28
C ILE F 225 27.92 -15.39 5.64
N ASN F 226 27.24 -16.36 6.23
CA ASN F 226 26.59 -16.16 7.52
C ASN F 226 27.49 -16.70 8.62
N PHE F 227 27.49 -16.08 9.79
CA PHE F 227 28.41 -16.52 10.84
C PHE F 227 27.81 -16.47 12.26
N GLN F 228 28.37 -17.29 13.15
CA GLN F 228 27.97 -17.33 14.56
C GLN F 228 29.16 -16.92 15.41
N LEU F 229 28.90 -16.13 16.45
CA LEU F 229 29.92 -15.71 17.39
C LEU F 229 29.54 -16.18 18.78
N LEU F 230 30.54 -16.63 19.54
CA LEU F 230 30.35 -16.89 20.95
C LEU F 230 31.28 -15.94 21.73
N PHE F 231 30.76 -15.33 22.81
CA PHE F 231 31.52 -14.36 23.61
C PHE F 231 31.81 -14.95 25.00
N PRO F 232 32.83 -14.42 25.70
CA PRO F 232 33.22 -14.93 27.03
C PRO F 232 32.08 -14.98 28.07
N SER F 233 31.22 -13.98 28.06
CA SER F 233 30.11 -13.94 29.00
C SER F 233 29.06 -15.02 28.75
N GLY F 234 29.16 -15.70 27.60
CA GLY F 234 28.13 -16.63 27.17
C GLY F 234 27.16 -16.03 26.15
N ALA F 235 27.27 -14.73 25.90
CA ALA F 235 26.47 -14.08 24.85
C ALA F 235 26.76 -14.70 23.48
N THR F 236 25.74 -14.75 22.62
CA THR F 236 25.85 -15.34 21.28
C THR F 236 25.37 -14.36 20.22
N ALA F 237 25.90 -14.48 19.01
CA ALA F 237 25.42 -13.72 17.85
C ALA F 237 25.21 -14.62 16.64
N ASN F 238 24.09 -14.41 15.94
CA ASN F 238 23.79 -15.04 14.67
C ASN F 238 23.78 -13.90 13.66
N CYS F 239 24.65 -13.95 12.66
CA CYS F 239 24.79 -12.83 11.72
C CYS F 239 24.64 -13.26 10.26
N VAL F 240 23.98 -12.40 9.48
CA VAL F 240 23.86 -12.58 8.03
C VAL F 240 24.67 -11.50 7.32
N SER F 241 25.41 -11.91 6.28
CA SER F 241 26.11 -11.00 5.35
C SER F 241 25.76 -11.42 3.93
N ALA F 242 25.24 -10.50 3.12
CA ALA F 242 24.73 -10.92 1.81
C ALA F 242 24.87 -9.87 0.71
N TYR F 243 25.09 -10.35 -0.51
CA TYR F 243 25.07 -9.48 -1.68
C TYR F 243 23.84 -9.80 -2.58
N SER F 244 22.97 -10.69 -2.13
CA SER F 244 21.83 -11.08 -2.97
C SER F 244 20.44 -10.90 -2.34
N VAL F 245 20.38 -10.32 -1.14
CA VAL F 245 19.10 -9.91 -0.52
C VAL F 245 19.27 -8.57 0.18
N ASN F 246 18.18 -7.88 0.45
CA ASN F 246 18.25 -6.62 1.18
C ASN F 246 17.85 -6.80 2.64
N CYS F 247 18.73 -6.41 3.55
CA CYS F 247 18.44 -6.43 4.98
C CYS F 247 19.36 -5.49 5.76
N ASN F 248 18.83 -4.90 6.82
CA ASN F 248 19.63 -4.00 7.64
C ASN F 248 19.00 -3.87 9.02
N ARG F 249 19.40 -4.73 9.96
CA ARG F 249 18.71 -4.74 11.24
C ARG F 249 19.51 -5.47 12.30
N TYR F 250 19.24 -5.15 13.55
CA TYR F 250 19.61 -6.06 14.63
C TYR F 250 18.63 -6.06 15.79
N ARG F 251 18.57 -7.18 16.51
CA ARG F 251 17.88 -7.27 17.78
C ARG F 251 18.82 -7.83 18.83
N VAL F 252 18.91 -7.16 19.97
CA VAL F 252 19.68 -7.69 21.10
C VAL F 252 18.70 -8.05 22.22
N SER F 253 18.86 -9.24 22.79
CA SER F 253 17.89 -9.80 23.73
C SER F 253 18.55 -10.36 24.98
N GLY F 254 17.88 -10.19 26.11
CA GLY F 254 18.32 -10.77 27.38
C GLY F 254 17.08 -11.26 28.11
N PRO F 255 17.25 -11.84 29.31
CA PRO F 255 16.11 -12.40 30.06
C PRO F 255 15.03 -11.36 30.44
N LYS F 256 15.37 -10.07 30.52
CA LYS F 256 14.40 -9.05 30.92
C LYS F 256 13.70 -8.38 29.73
N GLY F 257 14.15 -8.64 28.52
CA GLY F 257 13.51 -8.06 27.35
C GLY F 257 14.46 -7.85 26.19
N TRP F 258 14.03 -7.10 25.18
CA TRP F 258 14.87 -6.92 24.00
C TRP F 258 14.65 -5.57 23.35
N VAL F 259 15.61 -5.18 22.51
CA VAL F 259 15.48 -3.98 21.69
C VAL F 259 16.01 -4.24 20.26
N GLU F 260 15.31 -3.71 19.26
CA GLU F 260 15.73 -3.89 17.87
C GLU F 260 15.69 -2.56 17.12
N ILE F 261 16.47 -2.50 16.06
CA ILE F 261 16.44 -1.37 15.14
C ILE F 261 16.36 -1.90 13.71
N ASP F 262 15.43 -1.37 12.92
CA ASP F 262 15.25 -1.83 11.55
C ASP F 262 14.58 -0.69 10.77
N PRO F 263 15.34 -0.01 9.88
CA PRO F 263 16.75 -0.26 9.55
C PRO F 263 17.69 0.20 10.67
N ALA F 264 18.82 -0.47 10.83
CA ALA F 264 19.72 -0.20 11.95
C ALA F 264 20.89 0.74 11.63
N THR F 265 21.53 0.55 10.48
CA THR F 265 22.80 1.25 10.23
C THR F 265 22.78 1.98 8.89
N SER F 266 21.57 2.33 8.45
CA SER F 266 21.36 3.10 7.22
C SER F 266 21.77 4.56 7.39
N TYR F 267 21.80 5.31 6.30
CA TYR F 267 22.15 6.73 6.37
C TYR F 267 21.09 7.51 7.16
N GLN F 268 19.84 7.09 7.05
CA GLN F 268 18.75 7.70 7.82
C GLN F 268 17.62 6.68 7.90
N GLY F 269 16.55 7.03 8.61
CA GLY F 269 15.36 6.21 8.65
C GLY F 269 15.31 5.15 9.75
N GLN F 270 16.28 5.18 10.66
CA GLN F 270 16.28 4.26 11.80
C GLN F 270 14.96 4.26 12.58
N ALA F 271 14.50 3.06 12.94
CA ALA F 271 13.29 2.89 13.75
C ALA F 271 13.55 1.84 14.81
N MET F 272 13.35 2.22 16.06
CA MET F 272 13.59 1.31 17.17
C MET F 272 12.29 0.80 17.78
N ARG F 273 12.31 -0.49 18.14
CA ARG F 273 11.20 -1.13 18.82
CA ARG F 273 11.20 -1.13 18.82
C ARG F 273 11.76 -1.91 20.02
N ALA F 274 11.03 -1.91 21.13
CA ALA F 274 11.54 -2.64 22.29
C ALA F 274 10.44 -3.35 23.03
N GLN F 275 10.82 -4.44 23.71
CA GLN F 275 9.94 -5.19 24.58
C GLN F 275 10.59 -5.16 25.95
N LEU F 276 10.11 -4.25 26.79
CA LEU F 276 10.72 -4.01 28.09
C LEU F 276 9.63 -3.94 29.15
N GLY F 277 9.29 -5.08 29.72
CA GLY F 277 8.23 -5.15 30.71
C GLY F 277 6.89 -5.47 30.09
N GLY F 278 6.48 -4.69 29.10
CA GLY F 278 5.22 -4.91 28.42
C GLY F 278 5.37 -5.34 26.98
N PRO F 279 4.29 -5.24 26.21
CA PRO F 279 4.25 -5.64 24.80
C PRO F 279 5.25 -4.84 23.97
N PRO F 280 5.69 -5.39 22.83
CA PRO F 280 6.58 -4.66 21.92
C PRO F 280 5.96 -3.31 21.53
N ALA F 281 6.77 -2.26 21.58
CA ALA F 281 6.28 -0.93 21.22
C ALA F 281 7.45 -0.13 20.65
N PRO F 282 7.16 0.92 19.86
CA PRO F 282 8.24 1.81 19.43
C PRO F 282 8.93 2.47 20.62
N ARG F 283 10.19 2.83 20.44
CA ARG F 283 10.93 3.56 21.47
C ARG F 283 11.75 4.65 20.79
N GLU F 284 11.70 5.85 21.35
CA GLU F 284 12.49 6.95 20.83
C GLU F 284 13.82 7.01 21.55
N PRO F 285 14.91 7.29 20.80
CA PRO F 285 16.21 7.42 21.46
C PRO F 285 16.38 8.80 22.08
N ALA F 286 17.34 8.97 22.98
CA ALA F 286 17.72 10.32 23.39
C ALA F 286 18.24 11.10 22.18
N PRO F 287 17.89 12.39 22.09
CA PRO F 287 18.33 13.19 20.94
C PRO F 287 19.85 13.39 20.92
N GLN F 288 20.42 13.50 19.73
CA GLN F 288 21.83 13.83 19.59
C GLN F 288 21.93 15.22 18.96
N PRO F 289 22.97 15.99 19.33
CA PRO F 289 23.04 17.36 18.79
C PRO F 289 23.37 17.43 17.30
N LYS F 290 24.01 16.40 16.74
CA LYS F 290 24.43 16.40 15.34
C LYS F 290 24.13 15.07 14.69
N ASN F 291 23.86 15.07 13.39
CA ASN F 291 23.73 13.83 12.62
C ASN F 291 24.99 12.94 12.74
N GLN F 292 24.85 11.65 12.45
CA GLN F 292 25.96 10.70 12.65
C GLN F 292 27.23 11.05 11.83
N PHE F 293 27.09 11.63 10.65
CA PHE F 293 28.25 11.93 9.81
C PHE F 293 29.03 13.11 10.36
N SER F 294 28.34 14.20 10.67
CA SER F 294 29.00 15.36 11.26
C SER F 294 29.58 15.02 12.63
N ALA F 295 28.88 14.17 13.38
CA ALA F 295 29.37 13.76 14.68
C ALA F 295 30.67 12.97 14.56
N GLN F 296 30.75 12.06 13.57
CA GLN F 296 31.96 11.27 13.34
C GLN F 296 33.15 12.16 12.99
N LEU F 297 32.94 13.09 12.06
CA LEU F 297 33.97 14.05 11.66
C LEU F 297 34.46 14.89 12.85
N ASP F 298 33.53 15.44 13.63
CA ASP F 298 33.92 16.25 14.79
C ASP F 298 34.59 15.42 15.91
N HIS F 299 34.25 14.14 16.01
CA HIS F 299 34.85 13.32 17.05
C HIS F 299 36.37 13.28 16.87
N LEU F 300 36.83 13.11 15.63
CA LEU F 300 38.27 13.02 15.37
C LEU F 300 38.92 14.37 15.63
N SER F 301 38.31 15.43 15.12
CA SER F 301 38.81 16.78 15.40
C SER F 301 38.91 17.07 16.89
N GLU F 302 37.86 16.74 17.64
CA GLU F 302 37.86 16.98 19.09
C GLU F 302 38.90 16.14 19.83
N CYS F 303 39.12 14.91 19.38
CA CYS F 303 40.18 14.08 19.98
C CYS F 303 41.57 14.69 19.79
N ILE F 304 41.83 15.20 18.59
CA ILE F 304 43.12 15.81 18.31
C ILE F 304 43.29 17.08 19.17
N LEU F 305 42.26 17.91 19.19
CA LEU F 305 42.30 19.17 19.94
C LEU F 305 42.44 18.98 21.45
N THR F 306 41.89 17.89 21.99
CA THR F 306 41.92 17.69 23.44
C THR F 306 42.93 16.63 23.87
N GLY F 307 43.62 16.02 22.91
CA GLY F 307 44.61 15.01 23.22
C GLY F 307 44.02 13.70 23.74
N ARG F 308 42.90 13.29 23.15
CA ARG F 308 42.25 12.04 23.54
C ARG F 308 42.30 11.05 22.38
N GLU F 309 41.95 9.80 22.65
CA GLU F 309 41.92 8.78 21.61
C GLU F 309 40.48 8.56 21.11
N PRO F 310 40.31 8.41 19.80
CA PRO F 310 38.99 8.11 19.20
C PRO F 310 38.37 6.85 19.79
N ILE F 311 37.05 6.84 19.97
CA ILE F 311 36.39 5.66 20.52
C ILE F 311 36.39 4.53 19.49
N VAL F 312 36.55 4.86 18.21
CA VAL F 312 36.70 3.82 17.19
C VAL F 312 38.05 3.99 16.47
N GLY F 313 39.13 3.67 17.18
CA GLY F 313 40.47 3.82 16.66
C GLY F 313 40.90 2.67 15.76
N GLY F 314 42.18 2.68 15.37
CA GLY F 314 42.73 1.63 14.53
C GLY F 314 42.56 0.26 15.14
N ASP F 315 42.61 0.18 16.46
CA ASP F 315 42.43 -1.12 17.12
C ASP F 315 41.02 -1.69 16.91
N ASP F 316 39.99 -0.85 16.78
CA ASP F 316 38.64 -1.34 16.54
C ASP F 316 38.55 -1.97 15.14
N GLY F 317 39.17 -1.30 14.17
CA GLY F 317 39.24 -1.82 12.82
C GLY F 317 40.02 -3.12 12.74
N LEU F 318 41.11 -3.19 13.50
CA LEU F 318 41.97 -4.38 13.51
C LEU F 318 41.21 -5.56 14.12
N LYS F 319 40.48 -5.30 15.19
CA LYS F 319 39.72 -6.36 15.85
C LYS F 319 38.65 -6.93 14.91
N ASP F 320 38.03 -6.09 14.09
CA ASP F 320 37.08 -6.60 13.09
C ASP F 320 37.80 -7.49 12.05
N LEU F 321 38.96 -7.06 11.56
CA LEU F 321 39.69 -7.86 10.57
C LEU F 321 40.14 -9.23 11.13
N ARG F 322 40.51 -9.27 12.41
CA ARG F 322 40.84 -10.55 13.05
C ARG F 322 39.67 -11.53 13.00
N VAL F 323 38.46 -11.03 13.26
CA VAL F 323 37.30 -11.91 13.24
C VAL F 323 36.91 -12.27 11.81
N ILE F 324 37.05 -11.31 10.90
CA ILE F 324 36.79 -11.56 9.49
C ILE F 324 37.68 -12.68 8.96
N GLU F 325 38.96 -12.66 9.31
CA GLU F 325 39.85 -13.75 8.88
C GLU F 325 39.37 -15.08 9.44
N ALA F 326 38.91 -15.06 10.70
CA ALA F 326 38.41 -16.28 11.34
C ALA F 326 37.13 -16.78 10.65
N ILE F 327 36.27 -15.85 10.25
CA ILE F 327 35.00 -16.20 9.59
C ILE F 327 35.26 -16.88 8.24
N TYR F 328 36.13 -16.30 7.43
CA TYR F 328 36.48 -16.93 6.15
C TYR F 328 37.09 -18.31 6.36
N ARG F 329 37.92 -18.43 7.39
CA ARG F 329 38.57 -19.70 7.69
C ARG F 329 37.56 -20.77 8.15
N ALA F 330 36.61 -20.37 8.99
CA ALA F 330 35.59 -21.30 9.50
C ALA F 330 34.74 -21.83 8.36
N ALA F 331 34.41 -20.95 7.42
CA ALA F 331 33.62 -21.40 6.26
C ALA F 331 34.42 -22.30 5.33
N ARG F 332 35.72 -22.03 5.18
CA ARG F 332 36.61 -22.83 4.32
C ARG F 332 36.85 -24.22 4.91
N GLU F 333 37.11 -24.28 6.21
CA GLU F 333 37.48 -25.54 6.85
C GLU F 333 36.30 -26.30 7.43
N GLY F 334 35.14 -25.66 7.52
CA GLY F 334 33.96 -26.32 8.08
C GLY F 334 34.14 -26.70 9.54
N ARG F 335 34.67 -25.78 10.33
CA ARG F 335 34.83 -26.05 11.75
C ARG F 335 34.77 -24.75 12.54
N THR F 336 34.62 -24.90 13.84
CA THR F 336 34.59 -23.77 14.73
C THR F 336 36.02 -23.28 14.93
N VAL F 337 36.25 -22.01 14.66
CA VAL F 337 37.58 -21.44 14.80
C VAL F 337 37.66 -20.69 16.13
N LYS F 338 38.71 -20.96 16.91
CA LYS F 338 38.85 -20.34 18.21
C LYS F 338 39.72 -19.09 18.13
N LEU F 339 39.33 -18.07 18.90
CA LEU F 339 40.03 -16.79 18.96
C LEU F 339 40.46 -16.50 20.39
PA NDP G . -5.85 4.91 31.14
O1A NDP G . -6.85 4.13 31.94
O2A NDP G . -4.96 4.17 30.19
O5B NDP G . -4.87 5.83 32.11
C5B NDP G . -5.66 6.56 33.01
C4B NDP G . -4.68 7.02 34.13
O4B NDP G . -5.28 7.98 34.97
C3B NDP G . -4.32 5.81 35.03
O3B NDP G . -3.25 5.10 34.49
C2B NDP G . -3.81 6.53 36.30
O2B NDP G . -2.57 6.98 36.16
C1B NDP G . -4.78 7.79 36.29
N9A NDP G . -5.87 7.67 37.28
C8A NDP G . -6.11 8.51 38.38
N7A NDP G . -7.16 8.13 39.10
C5A NDP G . -7.63 6.98 38.46
C6A NDP G . -8.70 6.10 38.74
N6A NDP G . -9.54 6.32 39.80
N1A NDP G . -8.95 5.03 37.94
C2A NDP G . -8.10 4.86 36.88
N3A NDP G . -7.05 5.60 36.49
C4A NDP G . -6.82 6.68 37.32
O3 NDP G . -6.90 5.92 30.33
PN NDP G . -6.36 6.64 28.97
O1N NDP G . -5.01 7.24 29.09
O2N NDP G . -6.82 5.93 27.72
O5D NDP G . -7.42 8.01 28.93
C5D NDP G . -7.19 8.92 29.92
C4D NDP G . -7.79 10.27 29.40
O4D NDP G . -7.27 10.55 28.09
C3D NDP G . -9.34 10.16 29.24
O3D NDP G . -9.92 11.42 29.58
C2D NDP G . -9.49 9.91 27.72
O2D NDP G . -10.70 10.42 27.23
C1D NDP G . -8.31 10.75 27.16
N1N NDP G . -7.80 10.21 25.88
C2N NDP G . -7.68 11.03 24.76
C3N NDP G . -7.21 10.50 23.59
C7N NDP G . -7.08 11.37 22.45
O7N NDP G . -6.83 10.95 21.33
N7N NDP G . -7.19 12.74 22.64
C4N NDP G . -6.82 9.06 23.45
C5N NDP G . -6.95 8.30 24.70
C6N NDP G . -7.40 8.85 25.82
P2B NDP G . -1.49 6.86 37.56
O1X NDP G . -2.37 7.50 38.62
O2X NDP G . -1.34 5.36 37.63
O3X NDP G . -0.29 7.65 37.09
C1 SOR H . -10.23 4.73 20.36
C2 SOR H . -9.52 5.27 21.62
C3 SOR H . -10.49 6.15 22.46
C4 SOR H . -9.86 7.43 23.03
C5 SOR H . -9.61 8.61 22.05
C6 SOR H . -9.80 8.34 20.56
O1 SOR H . -9.61 3.58 19.86
O2 SOR H . -8.99 4.20 22.36
O3 SOR H . -10.93 5.39 23.56
O4 SOR H . -10.55 7.92 24.18
O5 SOR H . -10.26 9.80 22.41
O6 SOR H . -8.49 8.26 20.06
C1 SOR I . -11.29 29.86 28.21
C2 SOR I . -9.87 29.82 27.65
C3 SOR I . -8.84 30.27 28.70
C4 SOR I . -9.19 31.65 29.27
C5 SOR I . -8.14 32.04 30.32
C6 SOR I . -8.24 33.53 30.66
O1 SOR I . -11.49 28.80 29.12
O2 SOR I . -9.56 28.51 27.25
O3 SOR I . -7.56 30.26 28.10
O4 SOR I . -9.25 32.66 28.30
O5 SOR I . -8.40 31.29 31.47
O6 SOR I . -7.35 33.83 31.71
C1 SOR J . 3.44 29.58 35.72
C2 SOR J . 4.13 30.89 35.31
C3 SOR J . 4.49 30.85 33.82
C4 SOR J . 4.28 32.19 33.12
C5 SOR J . 5.14 32.16 31.85
C6 SOR J . 4.64 33.16 30.81
O1 SOR J . 4.22 28.97 36.74
O2 SOR J . 3.31 31.98 35.59
O3 SOR J . 3.77 29.84 33.16
O4 SOR J . 2.93 32.37 32.79
O5 SOR J . 6.47 32.46 32.18
O6 SOR J . 5.43 33.02 29.65
C1 SOR K . 4.26 26.97 12.63
C2 SOR K . 4.42 26.09 13.86
C3 SOR K . 3.25 25.12 13.99
C4 SOR K . 2.67 25.23 15.40
C5 SOR K . 1.39 24.40 15.52
C6 SOR K . 0.65 24.79 16.80
O1 SOR K . 3.39 28.04 12.90
O2 SOR K . 5.63 25.40 13.74
O3 SOR K . 3.67 23.79 13.77
O4 SOR K . 3.63 24.77 16.31
O5 SOR K . 0.55 24.65 14.42
O6 SOR K . 0.26 26.14 16.75
S SO4 L . -9.84 -2.70 25.48
O1 SO4 L . -9.71 -3.47 24.24
O2 SO4 L . -11.05 -1.88 25.41
O3 SO4 L . -9.89 -3.63 26.62
O4 SO4 L . -8.67 -1.83 25.62
PA NDP M . -4.46 29.93 -6.81
O1A NDP M . -5.59 30.23 -7.71
O2A NDP M . -4.68 29.07 -5.59
O5B NDP M . -3.76 31.31 -6.26
C5B NDP M . -3.68 32.21 -7.34
C4B NDP M . -3.49 33.63 -6.70
O4B NDP M . -2.97 34.59 -7.64
C3B NDP M . -4.86 34.14 -6.21
O3B NDP M . -5.15 33.65 -4.92
C2B NDP M . -4.57 35.66 -6.10
O2B NDP M . -3.95 35.99 -4.96
C1B NDP M . -3.57 35.86 -7.32
N9A NDP M . -4.23 36.44 -8.53
C8A NDP M . -3.92 37.65 -9.16
N7A NDP M . -4.71 37.90 -10.22
C5A NDP M . -5.58 36.80 -10.29
C6A NDP M . -6.63 36.47 -11.18
N6A NDP M . -6.96 37.32 -12.22
N1A NDP M . -7.35 35.32 -11.06
C2A NDP M . -6.97 34.52 -9.99
N3A NDP M . -6.01 34.70 -9.06
C4A NDP M . -5.30 35.88 -9.24
O3 NDP M . -3.44 29.23 -7.91
PN NDP M . -2.19 28.38 -7.33
O1N NDP M . -1.53 28.98 -6.15
O2N NDP M . -2.45 26.89 -7.42
O5D NDP M . -1.07 28.54 -8.64
C5D NDP M . -0.50 29.80 -8.73
C4D NDP M . 0.83 29.66 -9.50
O4D NDP M . 1.65 28.69 -8.81
C3D NDP M . 0.61 29.09 -10.95
O3D NDP M . 1.54 29.67 -11.83
C2D NDP M . 0.95 27.59 -10.78
O2D NDP M . 1.47 26.98 -11.92
C1D NDP M . 2.08 27.68 -9.72
N1N NDP M . 2.13 26.41 -8.93
C2N NDP M . 3.31 25.70 -8.80
C3N NDP M . 3.32 24.56 -8.03
C7N NDP M . 4.59 23.84 -7.87
O7N NDP M . 4.66 22.71 -7.36
N7N NDP M . 5.76 24.46 -8.28
C4N NDP M . 2.11 24.04 -7.33
C5N NDP M . 0.92 24.89 -7.52
C6N NDP M . 0.95 25.99 -8.28
P2B NDP M . -4.55 37.51 -4.23
O1X NDP M . -3.51 37.63 -3.15
O2X NDP M . -4.40 38.42 -5.41
O3X NDP M . -5.98 37.18 -3.78
C1 SOR N . -1.31 19.11 -8.83
C2 SOR N . -1.18 20.63 -8.63
C3 SOR N . -0.79 21.31 -9.95
C4 SOR N . 0.25 22.43 -9.79
C5 SOR N . 1.71 21.95 -9.63
C6 SOR N . 1.99 20.45 -9.67
O1 SOR N . -1.76 18.47 -7.65
O2 SOR N . -2.40 21.13 -8.15
O3 SOR N . -1.95 21.93 -10.44
O4 SOR N . 0.20 23.39 -10.84
O5 SOR N . 2.60 22.63 -10.49
O6 SOR N . 2.74 20.19 -8.52
C1 SOR O . 18.75 34.44 -16.96
C2 SOR O . 19.20 34.30 -15.51
C3 SOR O . 19.25 35.67 -14.83
C4 SOR O . 20.27 36.58 -15.53
C5 SOR O . 20.29 37.95 -14.83
C6 SOR O . 21.47 38.76 -15.38
O1 SOR O . 17.43 34.89 -17.00
O2 SOR O . 18.27 33.49 -14.85
O3 SOR O . 19.61 35.50 -13.47
O4 SOR O . 21.57 36.03 -15.48
O5 SOR O . 19.08 38.61 -15.12
O6 SOR O . 21.49 40.02 -14.74
C1 SOR P . 17.39 45.17 -2.34
C2 SOR P . 17.62 44.80 -3.82
C3 SOR P . 19.10 44.66 -4.15
C4 SOR P . 19.61 43.22 -3.86
C5 SOR P . 21.13 43.19 -3.72
C6 SOR P . 21.53 42.55 -2.39
O1 SOR P . 16.48 46.22 -2.21
O2 SOR P . 16.96 43.60 -4.14
O3 SOR P . 19.88 45.64 -3.52
O4 SOR P . 19.03 42.61 -2.73
O5 SOR P . 21.61 42.41 -4.78
O6 SOR P . 22.81 41.96 -2.49
S SO4 Q . -9.84 20.98 -8.10
O1 SO4 Q . -9.40 21.04 -9.50
O2 SO4 Q . -9.97 19.58 -7.68
O3 SO4 Q . -8.86 21.64 -7.24
O4 SO4 Q . -11.14 21.65 -7.98
PA NDP R . 2.15 -30.81 30.77
O1A NDP R . 3.24 -31.16 31.73
O2A NDP R . 1.35 -29.56 31.00
O5B NDP R . 1.08 -32.06 30.63
C5B NDP R . 1.82 -33.27 30.57
C4B NDP R . 0.83 -34.42 30.84
O4B NDP R . 1.33 -35.69 30.38
C3B NDP R . 0.61 -34.52 32.35
O3B NDP R . -0.38 -33.61 32.74
C2B NDP R . 0.04 -35.96 32.46
O2B NDP R . -1.24 -36.02 32.12
C1B NDP R . 0.86 -36.69 31.31
N9A NDP R . 2.02 -37.49 31.81
C8A NDP R . 2.23 -38.88 31.65
N7A NDP R . 3.37 -39.31 32.22
C5A NDP R . 3.92 -38.15 32.79
C6A NDP R . 5.10 -37.94 33.52
N6A NDP R . 5.96 -38.99 33.81
N1A NDP R . 5.44 -36.71 33.97
C2A NDP R . 4.55 -35.70 33.66
N3A NDP R . 3.40 -35.74 32.99
C4A NDP R . 3.10 -37.02 32.54
O3 NDP R . 3.04 -30.73 29.37
PN NDP R . 2.37 -29.97 28.12
O1N NDP R . 0.97 -30.35 27.82
O2N NDP R . 2.84 -28.54 28.02
O5D NDP R . 3.26 -30.65 26.80
C5D NDP R . 2.93 -31.97 26.58
C4D NDP R . 3.32 -32.30 25.14
O4D NDP R . 2.70 -31.36 24.24
C3D NDP R . 4.86 -32.16 24.93
O3D NDP R . 5.27 -33.15 24.02
C2D NDP R . 5.00 -30.75 24.29
O2D NDP R . 6.09 -30.62 23.44
C1D NDP R . 3.69 -30.69 23.46
N1N NDP R . 3.23 -29.29 23.31
C2N NDP R . 2.93 -28.78 22.06
C3N NDP R . 2.52 -27.47 21.93
C7N NDP R . 2.23 -26.97 20.60
O7N NDP R . 2.01 -25.78 20.39
N7N NDP R . 2.15 -27.84 19.52
C4N NDP R . 2.37 -26.57 23.11
C5N NDP R . 2.64 -27.24 24.41
C6N NDP R . 3.05 -28.51 24.47
P2B NDP R . -2.29 -37.08 33.15
O1X NDP R . -1.48 -38.35 33.12
O2X NDP R . -2.25 -36.29 34.42
O3X NDP R . -3.57 -37.06 32.33
C1 SOR S . 5.27 -23.67 22.00
C2 SOR S . 5.83 -25.05 22.36
C3 SOR S . 5.54 -25.38 23.83
C4 SOR S . 6.16 -24.34 24.78
C5 SOR S . 5.08 -23.64 25.61
C6 SOR S . 5.67 -23.14 26.94
O1 SOR S . 3.89 -23.77 21.74
O2 SOR S . 5.24 -26.01 21.52
O3 SOR S . 6.01 -26.69 24.08
O4 SOR S . 7.03 -24.97 25.68
O5 SOR S . 4.59 -22.54 24.89
O6 SOR S . 5.74 -24.18 27.90
C1 SOR T . 4.42 -42.04 7.79
C2 SOR T . 2.96 -41.56 7.64
C3 SOR T . 1.99 -42.69 7.99
C4 SOR T . 2.17 -43.91 7.06
C5 SOR T . 1.10 -44.93 7.44
C6 SOR T . 1.11 -46.11 6.46
O1 SOR T . 4.65 -42.35 9.13
O2 SOR T . 2.77 -40.49 8.53
O3 SOR T . 0.67 -42.23 7.91
O4 SOR T . 2.07 -43.59 5.70
O5 SOR T . 1.38 -45.38 8.75
O6 SOR T . 0.07 -46.99 6.81
S SO4 U . 7.11 -21.90 33.50
O1 SO4 U . 6.99 -20.45 33.31
O2 SO4 U . 5.89 -22.55 33.02
O3 SO4 U . 8.28 -22.40 32.76
O4 SO4 U . 7.27 -22.17 34.94
S SO4 V . 15.29 -3.52 3.96
O1 SO4 V . 14.13 -2.64 4.12
O2 SO4 V . 15.03 -4.45 2.86
O3 SO4 V . 16.50 -2.71 3.66
O4 SO4 V . 15.53 -4.27 5.18
PA NDP W . 14.78 -20.20 -31.79
O1A NDP W . 15.82 -19.65 -32.71
O2A NDP W . 15.12 -20.55 -30.37
O5B NDP W . 14.01 -21.46 -32.48
C5B NDP W . 14.02 -21.23 -33.86
C4B NDP W . 13.75 -22.60 -34.51
O4B NDP W . 13.03 -22.49 -35.74
C3B NDP W . 15.11 -23.27 -34.78
O3B NDP W . 15.57 -23.94 -33.63
C2B NDP W . 14.67 -24.33 -35.85
O2B NDP W . 14.14 -25.40 -35.32
C1B NDP W . 13.51 -23.55 -36.60
N9A NDP W . 13.99 -22.98 -37.88
C8A NDP W . 13.52 -23.28 -39.17
N7A NDP W . 14.18 -22.60 -40.13
C5A NDP W . 15.12 -21.84 -39.42
C6A NDP W . 16.09 -20.93 -39.85
N6A NDP W . 16.25 -20.66 -41.19
N1A NDP W . 16.91 -20.29 -38.96
C2A NDP W . 16.70 -20.62 -37.64
N3A NDP W . 15.81 -21.45 -37.09
C4A NDP W . 15.01 -22.06 -38.02
O3 NDP W . 13.77 -18.90 -31.79
PN NDP W . 12.60 -18.94 -30.68
O1N NDP W . 12.01 -20.28 -30.45
O2N NDP W . 12.90 -17.98 -29.55
O5D NDP W . 11.30 -18.07 -31.47
C5D NDP W . 10.65 -18.85 -32.41
C4D NDP W . 9.27 -18.19 -32.68
O4D NDP W . 8.50 -18.15 -31.49
C3D NDP W . 9.44 -16.71 -33.14
O3D NDP W . 8.42 -16.43 -34.06
C2D NDP W . 9.20 -15.90 -31.84
O2D NDP W . 8.63 -14.63 -32.08
C1D NDP W . 8.15 -16.80 -31.15
N1N NDP W . 8.25 -16.68 -29.70
C2N NDP W . 7.11 -16.38 -28.94
C3N NDP W . 7.22 -16.27 -27.58
C7N NDP W . 6.01 -15.95 -26.80
O7N NDP W . 6.07 -15.59 -25.62
N7N NDP W . 4.76 -16.05 -27.39
C4N NDP W . 8.52 -16.45 -26.86
C5N NDP W . 9.65 -16.78 -27.76
C6N NDP W . 9.50 -16.89 -29.08
P2B NDP W . 14.69 -26.99 -36.08
O1X NDP W . 14.30 -26.74 -37.51
O2X NDP W . 16.15 -26.91 -35.74
O3X NDP W . 13.82 -27.96 -35.27
C1 SOR X . -8.86 -16.36 -38.95
C2 SOR X . -9.74 -17.13 -37.96
C3 SOR X . -10.01 -18.55 -38.47
C4 SOR X . -11.19 -18.58 -39.45
C5 SOR X . -11.33 -20.00 -39.98
C6 SOR X . -12.56 -20.12 -40.89
O1 SOR X . -9.25 -15.01 -38.91
O2 SOR X . -9.07 -17.19 -36.73
O3 SOR X . -10.27 -19.42 -37.40
O4 SOR X . -12.37 -18.17 -38.84
O5 SOR X . -10.16 -20.32 -40.68
O6 SOR X . -12.72 -21.46 -41.29
C1 SOR Y . 13.04 -13.05 -25.14
C2 SOR Y . 11.60 -12.59 -25.21
C3 SOR Y . 11.14 -12.37 -26.66
C4 SOR Y . 10.14 -13.41 -27.20
C5 SOR Y . 8.65 -13.21 -26.84
C6 SOR Y . 8.34 -12.42 -25.56
O1 SOR Y . 13.08 -14.33 -24.58
O2 SOR Y . 10.82 -13.56 -24.57
O3 SOR Y . 12.27 -12.47 -27.50
O4 SOR Y . 10.23 -13.45 -28.61
O5 SOR Y . 7.94 -12.67 -27.92
O6 SOR Y . 8.15 -13.38 -24.55
C1 SOR Z . 4.13 -10.08 -4.89
C2 SOR Z . 2.69 -9.97 -5.34
C3 SOR Z . 2.47 -10.87 -6.56
C4 SOR Z . 1.93 -12.26 -6.21
C5 SOR Z . 1.28 -12.74 -7.50
C6 SOR Z . 0.57 -14.08 -7.29
O1 SOR Z . 4.90 -9.35 -5.80
O2 SOR Z . 1.83 -10.27 -4.27
O3 SOR Z . 3.68 -11.05 -7.27
O4 SOR Z . 2.98 -13.12 -5.87
O5 SOR Z . 0.36 -11.77 -7.88
O6 SOR Z . 0.38 -14.73 -8.52
C1 SOR AA . -7.79 -32.85 -38.94
C2 SOR AA . -9.24 -33.30 -38.74
C3 SOR AA . -9.76 -32.81 -37.37
C4 SOR AA . -11.20 -32.26 -37.49
C5 SOR AA . -12.09 -32.70 -36.30
C6 SOR AA . -11.30 -33.28 -35.13
O1 SOR AA . -7.00 -34.00 -39.15
O2 SOR AA . -10.02 -32.81 -39.78
O3 SOR AA . -8.90 -31.85 -36.82
O4 SOR AA . -11.18 -30.87 -37.58
O5 SOR AA . -12.84 -31.60 -35.84
O6 SOR AA . -11.27 -34.68 -35.25
S SO4 BA . 20.58 -13.34 -26.46
O1 SO4 BA . 20.12 -12.21 -27.27
O2 SO4 BA . 19.51 -14.34 -26.37
O3 SO4 BA . 21.78 -13.93 -27.08
O4 SO4 BA . 20.93 -12.87 -25.12
PA NDP CA . -39.66 10.80 -17.08
O1A NDP CA . -40.23 12.13 -16.79
O2A NDP CA . -38.35 10.66 -17.79
O5B NDP CA . -40.75 9.82 -17.84
C5B NDP CA . -42.03 10.17 -17.39
C4B NDP CA . -43.02 9.58 -18.42
O4B NDP CA . -44.27 9.22 -17.83
C3B NDP CA . -43.26 10.65 -19.47
O3B NDP CA . -42.28 10.57 -20.46
C2B NDP CA . -44.58 10.16 -20.07
O2B NDP CA . -44.39 9.22 -20.98
C1B NDP CA . -45.29 9.52 -18.78
N9A NDP CA . -46.30 10.44 -18.19
C8A NDP CA . -47.66 10.19 -18.02
N7A NDP CA . -48.33 11.23 -17.50
C5A NDP CA . -47.36 12.21 -17.32
C6A NDP CA . -47.43 13.51 -16.80
N6A NDP CA . -48.63 14.02 -16.36
N1A NDP CA . -46.33 14.31 -16.71
C2A NDP CA . -45.18 13.73 -17.16
N3A NDP CA . -44.94 12.52 -17.67
C4A NDP CA . -46.08 11.75 -17.74
O3 NDP CA . -39.51 10.27 -15.50
PN NDP CA . -38.58 8.98 -15.30
O1N NDP CA . -38.75 7.94 -16.32
O2N NDP CA . -37.22 9.35 -14.73
O5D NDP CA . -39.28 8.22 -13.90
C5D NDP CA . -40.54 7.75 -14.12
C4D NDP CA . -40.83 6.71 -13.01
O4D NDP CA . -39.72 5.83 -12.92
C3D NDP CA . -40.94 7.40 -11.59
O3D NDP CA . -41.85 6.65 -10.79
C2D NDP CA . -39.53 7.25 -11.03
O2D NDP CA . -39.49 7.16 -9.62
C1D NDP CA . -39.16 5.85 -11.61
N1N NDP CA . -37.69 5.69 -11.74
C2N NDP CA . -37.05 4.59 -11.20
C3N NDP CA . -35.71 4.41 -11.40
C7N NDP CA . -35.06 3.23 -10.85
O7N NDP CA . -33.84 3.08 -10.83
N7N NDP CA . -35.84 2.21 -10.36
C4N NDP CA . -34.88 5.38 -12.18
C5N NDP CA . -35.66 6.50 -12.72
C6N NDP CA . -36.97 6.63 -12.49
P2B NDP CA . -45.51 9.30 -22.41
O1X NDP CA . -46.83 9.37 -21.72
O2X NDP CA . -44.96 10.56 -23.00
O3X NDP CA . -45.16 7.96 -23.09
C1 SOR DA . -48.80 -8.47 -2.70
C2 SOR DA . -48.08 -9.34 -3.73
C3 SOR DA . -49.06 -9.74 -4.85
C4 SOR DA . -50.22 -10.56 -4.29
C5 SOR DA . -51.15 -10.98 -5.44
C6 SOR DA . -52.25 -11.92 -4.91
O1 SOR DA . -49.21 -7.28 -3.30
O2 SOR DA . -47.02 -8.61 -4.29
O3 SOR DA . -48.37 -10.47 -5.83
O4 SOR DA . -49.76 -11.70 -3.62
O5 SOR DA . -51.70 -9.83 -6.01
O6 SOR DA . -53.02 -12.43 -5.97
C1 SOR EA . -32.37 6.68 -9.06
C2 SOR EA . -33.86 7.03 -8.92
C3 SOR EA . -34.32 8.04 -9.97
C4 SOR EA . -33.46 9.31 -9.98
C5 SOR EA . -32.68 9.47 -11.28
C6 SOR EA . -32.41 10.94 -11.65
O1 SOR EA . -32.10 6.24 -10.35
O2 SOR EA . -34.61 5.84 -9.01
O3 SOR EA . -35.68 8.32 -9.76
O4 SOR EA . -34.28 10.44 -9.83
O5 SOR EA . -31.44 8.83 -11.12
O6 SOR EA . -33.51 11.57 -12.26
S SO4 FA . -32.04 17.23 -14.16
O1 SO4 FA . -32.62 18.39 -14.87
O2 SO4 FA . -32.41 15.98 -14.82
O3 SO4 FA . -30.58 17.36 -14.17
O4 SO4 FA . -32.52 17.18 -12.78
PA NDP GA . 33.01 4.61 -5.18
O1A NDP GA . 33.35 3.57 -6.18
O2A NDP GA . 31.70 5.33 -5.27
O5B NDP GA . 34.19 5.74 -5.07
C5B NDP GA . 35.42 5.10 -5.09
C4B NDP GA . 36.45 6.23 -5.40
O4B NDP GA . 37.76 5.86 -4.98
C3B NDP GA . 36.47 6.52 -6.90
O3B NDP GA . 35.44 7.44 -7.26
C2B NDP GA . 37.85 7.21 -7.03
O2B NDP GA . 37.82 8.51 -6.67
C1B NDP GA . 38.68 6.44 -5.91
N9A NDP GA . 39.56 5.39 -6.49
C8A NDP GA . 40.96 5.32 -6.45
N7A NDP GA . 41.46 4.27 -7.10
C5A NDP GA . 40.33 3.61 -7.61
C6A NDP GA . 40.18 2.44 -8.38
N6A NDP GA . 41.27 1.69 -8.78
N1A NDP GA . 38.95 2.01 -8.75
C2A NDP GA . 37.91 2.78 -8.32
N3A NDP GA . 37.90 3.89 -7.59
C4A NDP GA . 39.14 4.31 -7.24
O3 NDP GA . 33.08 3.68 -3.79
PN NDP GA . 32.30 4.23 -2.48
O1N NDP GA . 32.59 5.64 -2.14
O2N NDP GA . 30.94 3.61 -2.30
O5D NDP GA . 33.17 3.36 -1.25
C5D NDP GA . 34.41 3.92 -1.04
C4D NDP GA . 34.89 3.51 0.39
O4D NDP GA . 33.95 3.99 1.36
C3D NDP GA . 34.94 1.96 0.56
O3D NDP GA . 36.02 1.66 1.43
C2D NDP GA . 33.59 1.65 1.25
O2D NDP GA . 33.62 0.55 2.12
C1D NDP GA . 33.41 2.93 2.11
N1N NDP GA . 32.01 3.22 2.29
C2N NDP GA . 31.51 3.46 3.57
C3N NDP GA . 30.21 3.77 3.77
C7N NDP GA . 29.78 4.02 5.16
O7N NDP GA . 28.59 4.08 5.50
N7N NDP GA . 30.75 4.21 6.13
C4N NDP GA . 29.24 3.87 2.65
C5N NDP GA . 29.85 3.67 1.31
C6N NDP GA . 31.15 3.36 1.16
P2B NDP GA . 38.72 9.59 -7.80
O1X NDP GA . 38.50 10.86 -7.03
O2X NDP GA . 40.08 8.97 -7.73
O3X NDP GA . 37.94 9.42 -9.12
C1 SOR HA . 45.54 3.25 17.27
C2 SOR HA . 44.87 4.61 17.53
C3 SOR HA . 45.80 5.77 17.14
C4 SOR HA . 47.10 5.72 17.97
C5 SOR HA . 48.01 6.88 17.56
C6 SOR HA . 49.18 7.00 18.53
O1 SOR HA . 45.81 3.14 15.90
O2 SOR HA . 43.70 4.69 16.77
O3 SOR HA . 45.16 7.01 17.30
O4 SOR HA . 46.82 5.80 19.35
O5 SOR HA . 48.46 6.66 16.24
O6 SOR HA . 50.03 8.05 18.14
C1 SOR IA . 11.98 9.72 13.23
C2 SOR IA . 12.62 9.16 14.50
C3 SOR IA . 12.12 7.73 14.72
C4 SOR IA . 10.58 7.68 14.72
C5 SOR IA . 10.10 6.34 15.30
C6 SOR IA . 8.57 6.32 15.29
O1 SOR IA . 12.67 10.89 12.88
O2 SOR IA . 14.02 9.17 14.37
O3 SOR IA . 12.62 7.26 15.94
O4 SOR IA . 10.00 8.73 15.46
O5 SOR IA . 10.57 5.28 14.50
O6 SOR IA . 8.14 6.38 13.96
C1 SOR JA . 27.14 1.76 3.89
C2 SOR JA . 28.10 0.64 3.48
C3 SOR JA . 28.39 0.62 1.97
C4 SOR JA . 27.44 -0.30 1.21
C5 SOR JA . 26.13 0.42 0.92
C6 SOR JA . 25.40 -0.17 -0.29
O1 SOR JA . 25.93 1.23 4.35
O2 SOR JA . 29.28 0.88 4.20
O3 SOR JA . 29.72 0.21 1.71
O4 SOR JA . 28.05 -0.68 0.00
O5 SOR JA . 25.31 0.26 2.03
O6 SOR JA . 24.02 -0.27 0.01
C1 SOR KA . 49.16 18.31 11.35
C2 SOR KA . 49.53 19.16 12.56
C3 SOR KA . 48.31 19.42 13.45
C4 SOR KA . 48.64 19.13 14.93
C5 SOR KA . 48.02 20.19 15.85
C6 SOR KA . 46.56 20.45 15.49
O1 SOR KA . 49.26 19.09 10.18
O2 SOR KA . 50.53 18.52 13.31
O3 SOR KA . 47.21 18.66 13.01
O4 SOR KA . 48.22 17.86 15.33
O5 SOR KA . 48.07 19.74 17.17
O6 SOR KA . 45.84 20.48 16.70
#